data_2VSQ
#
_entry.id   2VSQ
#
_cell.length_a   83.106
_cell.length_b   106.562
_cell.length_c   92.401
_cell.angle_alpha   90.00
_cell.angle_beta   97.35
_cell.angle_gamma   90.00
#
_symmetry.space_group_name_H-M   'P 1 21 1'
#
loop_
_entity.id
_entity.type
_entity.pdbx_description
1 polymer 'SURFACTIN SYNTHETASE SUBUNIT 3'
2 non-polymer LEUCINE
3 non-polymer 'SULFATE ION'
4 water water
#
_entity_poly.entity_id   1
_entity_poly.type   'polypeptide(L)'
_entity_poly.pdbx_seq_one_letter_code
;MSQFSKDQVQDMYYLSPMQEGMLFHAILNPGQSFYLEQITMKVKGSLNIKCLEESMNVIMDRYDVFRTVFIHEKVKRPVQ
VVLKKRQFHIEEIDLTHLTGSEQTAKINEYKEQDKIRGFDLTRDIPMRAAIFKKAEESFEWVWSYHHIILDGWCFGIVVQ
DLFKVYNALREQKPYSLPPVKPYKDYIKWLEKQDKQASLRYWREYLEGFEGQTTFAEQRKKQKDGYEPKELLFSPSEAET
KAFTELAKSQHTTLSTALQAVWSVLISRYQQSGDLAFGTVVSGRPAEIKGVEHMVGLFINVVPRRVKLSEGITFNGLLKR
LQEQSLQSEPHQYVPLYDIQSQADQPKLIDHIIVFENYPLQDAKNEESSENGFDMVDVHVFEKSNYDLNLMASPGDEMLI
KLAYNENVFDEAFILRLKSQLLTAIQQLIQNPDQPVSTINLVDDREREFLLTGLNPPAQAHETKPLTYWFKEAVNANPDA
PALTYSGQTLSYRELDEEANRIARRLQKHGAGKGSVVALYTKRSLELVIGILGVLKAGAAYLPVDPKLPEDRISYMLADS
AAACLLTHQEMKEQAAELPYTGTTLFIDDQTRFEEQASDPATAIDPNDPAYIMYTSGTTGKPKGNITTHANIQGLVKHVD
YMAFSDQDTFLSVSNYAFDAFTFDFYASMLNAARLIIADEHTLLDTERLTDLILQENVNVMFATTALFNLLTDAGEDWMK
GLRCILFGGERASVPHVRKALRIMGPGKLINCYGPTEGTVFATAHVVHDLPDSISSLPIGKPISNASVYILNEQSQLQPF
GAVGELCISGMGVSKGYVNRADLTKEKFIENPFKPGETLYRTGDLARWLPDGTIEYAGRIDDQVKIRGHRIELEEIEKQL
QEYPGVKDAVVVADRHESGDASINAYLVNRTQLSAEDVKAHLKKQLPAYMVPQTFTFLDELPLTTNGKVNKRLLPKPDQD
QLAEEWIGPRNEMEETIAQIWSEVLGRKQIGIHDDFFALGGHALKAMTAASRIKKELGIDLPVKLLFEAPTIAGISAYLK
NGGSDGLQDVTIMNQDQEQIIFAFPPVLGYGLMYQNLSSRLPSYKLCAFDFIEEEDRLDRYADLIQKLQPEGPLTLFGYS
AGCSLAFEAAKKLEEQGRIVQRIIMVDSYKKQGVSDLDGRTVESDVEALMNVNRDNEALNSEAVKHGLKQKTHAFYSYYV
NLISTGQVKADIDLLTSGADFDIPEWLASWEEATTGVYRMKRGFGTHAEMLQGETLDRNAEILLEFLNTQTVTVSKGEFE
AYVEQKLISEEDLNSAVDHHHHHH
;
_entity_poly.pdbx_strand_id   A
#
loop_
_chem_comp.id
_chem_comp.type
_chem_comp.name
_chem_comp.formula
SO4 non-polymer 'SULFATE ION' 'O4 S -2'
#
# COMPACT_ATOMS: atom_id res chain seq x y z
N MET A 1 19.49 51.58 -7.97
CA MET A 1 18.94 50.39 -8.67
C MET A 1 17.61 49.88 -8.09
N SER A 2 17.13 50.46 -6.99
CA SER A 2 15.76 50.15 -6.51
C SER A 2 14.78 50.61 -7.56
N GLN A 3 13.77 49.80 -7.82
CA GLN A 3 12.81 50.09 -8.87
C GLN A 3 11.76 51.15 -8.47
N PHE A 4 11.79 51.59 -7.19
CA PHE A 4 10.76 52.47 -6.63
C PHE A 4 11.36 53.48 -5.66
N SER A 5 10.69 54.63 -5.51
CA SER A 5 11.13 55.70 -4.62
C SER A 5 10.26 55.82 -3.37
N LYS A 6 10.78 56.46 -2.33
CA LYS A 6 10.06 56.57 -1.04
C LYS A 6 8.65 57.18 -1.20
N ASP A 7 8.54 58.18 -2.07
CA ASP A 7 7.27 58.83 -2.40
C ASP A 7 6.21 57.77 -2.82
N GLN A 8 6.62 56.81 -3.64
CA GLN A 8 5.74 55.76 -4.06
C GLN A 8 5.19 54.92 -2.90
N VAL A 9 5.91 54.83 -1.77
CA VAL A 9 5.45 53.99 -0.67
C VAL A 9 4.23 54.58 0.05
N GLN A 10 3.15 53.82 0.10
CA GLN A 10 1.92 54.26 0.77
C GLN A 10 1.80 53.63 2.15
N ASP A 11 2.27 52.39 2.28
CA ASP A 11 2.12 51.64 3.52
C ASP A 11 3.00 50.40 3.48
N MET A 12 3.26 49.82 4.64
CA MET A 12 4.01 48.57 4.70
C MET A 12 3.70 47.81 5.97
N TYR A 13 3.76 46.48 5.91
CA TYR A 13 3.52 45.63 7.06
C TYR A 13 4.16 44.24 6.93
N TYR A 14 4.10 43.47 7.99
CA TYR A 14 4.72 42.14 8.02
C TYR A 14 3.83 41.15 7.32
N LEU A 15 4.40 39.98 7.04
CA LEU A 15 3.74 38.96 6.25
C LEU A 15 3.04 37.94 7.15
N SER A 16 1.93 37.38 6.69
CA SER A 16 1.34 36.26 7.41
C SER A 16 2.36 35.16 7.40
N PRO A 17 2.32 34.26 8.38
CA PRO A 17 3.17 33.07 8.27
C PRO A 17 3.07 32.33 6.94
N MET A 18 1.86 32.21 6.39
CA MET A 18 1.72 31.51 5.11
C MET A 18 2.45 32.20 4.00
N GLN A 19 2.19 33.50 3.88
CA GLN A 19 2.87 34.33 2.91
C GLN A 19 4.36 34.14 3.04
N GLU A 20 4.85 34.31 4.26
CA GLU A 20 6.26 34.20 4.57
C GLU A 20 6.86 32.94 4.02
N GLY A 21 6.14 31.83 4.15
CA GLY A 21 6.61 30.56 3.64
C GLY A 21 6.60 30.56 2.13
N MET A 22 5.53 31.07 1.55
CA MET A 22 5.43 31.12 0.09
C MET A 22 6.60 31.92 -0.51
N LEU A 23 6.90 33.07 0.11
CA LEU A 23 8.02 33.91 -0.31
C LEU A 23 9.35 33.18 -0.36
N PHE A 24 9.67 32.44 0.69
CA PHE A 24 10.94 31.71 0.76
C PHE A 24 11.02 30.53 -0.20
N HIS A 25 9.96 29.75 -0.27
CA HIS A 25 9.78 28.78 -1.34
C HIS A 25 10.21 29.43 -2.66
N ALA A 26 9.59 30.56 -2.98
CA ALA A 26 9.90 31.32 -4.20
C ALA A 26 11.38 31.65 -4.32
N ILE A 27 11.95 32.27 -3.29
CA ILE A 27 13.35 32.67 -3.38
C ILE A 27 14.22 31.44 -3.64
N LEU A 28 13.97 30.35 -2.94
CA LEU A 28 14.85 29.18 -2.97
C LEU A 28 14.55 28.14 -4.07
N ASN A 29 13.29 28.04 -4.51
CA ASN A 29 12.87 27.04 -5.51
C ASN A 29 12.04 27.64 -6.68
N PRO A 30 12.56 28.67 -7.35
CA PRO A 30 11.83 29.34 -8.41
C PRO A 30 11.80 28.50 -9.68
N GLY A 31 10.76 28.68 -10.48
CA GLY A 31 10.61 27.92 -11.73
C GLY A 31 9.59 26.81 -11.58
N GLN A 32 9.70 26.11 -10.46
CA GLN A 32 8.62 25.24 -10.00
C GLN A 32 7.48 26.19 -9.70
N SER A 33 6.40 26.06 -10.45
CA SER A 33 5.27 26.99 -10.35
C SER A 33 4.30 26.61 -9.23
N PHE A 34 4.81 26.47 -8.02
CA PHE A 34 4.00 26.04 -6.89
C PHE A 34 2.80 26.96 -6.71
N TYR A 35 3.06 28.25 -6.55
CA TYR A 35 2.05 29.19 -6.13
C TYR A 35 1.59 30.12 -7.24
N LEU A 36 1.78 29.68 -8.48
CA LEU A 36 1.31 30.42 -9.65
C LEU A 36 -0.04 29.84 -10.04
N GLU A 37 -1.09 30.63 -9.92
CA GLU A 37 -2.39 30.24 -10.45
C GLU A 37 -2.63 30.87 -11.79
N GLN A 38 -3.41 30.16 -12.60
CA GLN A 38 -3.54 30.47 -14.00
C GLN A 38 -4.94 30.04 -14.38
N ILE A 39 -5.77 31.00 -14.75
CA ILE A 39 -7.15 30.70 -15.09
C ILE A 39 -7.38 31.12 -16.53
N THR A 40 -7.83 30.18 -17.36
CA THR A 40 -8.09 30.48 -18.75
C THR A 40 -9.57 30.55 -18.93
N MET A 41 -10.01 31.64 -19.56
CA MET A 41 -11.41 31.97 -19.75
C MET A 41 -11.69 32.09 -21.22
N LYS A 42 -12.54 31.20 -21.71
CA LYS A 42 -12.94 31.22 -23.10
C LYS A 42 -14.08 32.23 -23.22
N VAL A 43 -13.88 33.30 -23.99
CA VAL A 43 -14.87 34.38 -24.07
C VAL A 43 -15.43 34.54 -25.48
N LYS A 44 -16.72 34.29 -25.62
CA LYS A 44 -17.40 34.42 -26.90
C LYS A 44 -18.30 35.65 -26.88
N GLY A 45 -17.95 36.64 -27.69
CA GLY A 45 -18.77 37.83 -27.86
C GLY A 45 -17.92 39.05 -28.13
N SER A 46 -18.50 40.22 -27.92
CA SER A 46 -17.82 41.48 -28.14
C SER A 46 -17.15 41.85 -26.85
N LEU A 47 -15.89 42.24 -26.95
CA LEU A 47 -15.07 42.56 -25.78
C LEU A 47 -14.32 43.85 -26.06
N ASN A 48 -14.60 44.89 -25.28
CA ASN A 48 -13.85 46.12 -25.34
C ASN A 48 -12.63 45.95 -24.44
N ILE A 49 -11.50 45.55 -25.02
CA ILE A 49 -10.30 45.28 -24.22
C ILE A 49 -9.79 46.55 -23.56
N LYS A 50 -9.74 47.63 -24.33
CA LYS A 50 -9.28 48.92 -23.82
C LYS A 50 -10.00 49.25 -22.51
N CYS A 51 -11.32 49.15 -22.53
CA CYS A 51 -12.16 49.44 -21.37
C CYS A 51 -11.93 48.47 -20.21
N LEU A 52 -11.52 47.25 -20.56
CA LEU A 52 -11.28 46.20 -19.57
C LEU A 52 -9.95 46.45 -18.87
N GLU A 53 -8.97 46.92 -19.63
CA GLU A 53 -7.72 47.40 -19.05
C GLU A 53 -7.98 48.54 -18.07
N GLU A 54 -8.71 49.55 -18.51
CA GLU A 54 -9.03 50.68 -17.65
C GLU A 54 -9.76 50.19 -16.42
N SER A 55 -10.71 49.29 -16.63
CA SER A 55 -11.45 48.70 -15.51
C SER A 55 -10.53 47.93 -14.54
N MET A 56 -9.50 47.31 -15.07
CA MET A 56 -8.53 46.58 -14.25
C MET A 56 -7.69 47.53 -13.40
N ASN A 57 -7.35 48.68 -13.97
CA ASN A 57 -6.66 49.72 -13.20
C ASN A 57 -7.47 50.29 -12.02
N VAL A 58 -8.80 50.38 -12.16
CA VAL A 58 -9.65 50.75 -11.04
C VAL A 58 -9.53 49.71 -9.91
N ILE A 59 -9.54 48.43 -10.29
CA ILE A 59 -9.40 47.34 -9.33
C ILE A 59 -8.02 47.40 -8.67
N MET A 60 -7.03 47.66 -9.50
CA MET A 60 -5.65 47.90 -9.06
C MET A 60 -5.58 48.92 -7.93
N ASP A 61 -6.36 49.98 -8.05
CA ASP A 61 -6.40 51.00 -7.00
C ASP A 61 -7.21 50.51 -5.82
N ARG A 62 -8.25 49.74 -6.11
CA ARG A 62 -9.19 49.33 -5.11
C ARG A 62 -8.53 48.41 -4.08
N TYR A 63 -7.61 47.56 -4.54
CA TYR A 63 -7.05 46.50 -3.69
C TYR A 63 -5.54 46.57 -3.54
N ASP A 64 -5.11 47.00 -2.35
CA ASP A 64 -3.72 47.08 -1.93
C ASP A 64 -2.83 45.94 -2.38
N VAL A 65 -3.35 44.72 -2.28
CA VAL A 65 -2.54 43.55 -2.56
C VAL A 65 -1.96 43.61 -3.98
N PHE A 66 -2.68 44.19 -4.93
CA PHE A 66 -2.12 44.27 -6.27
C PHE A 66 -1.00 45.27 -6.38
N ARG A 67 -0.91 46.22 -5.46
CA ARG A 67 0.15 47.22 -5.51
C ARG A 67 1.24 46.85 -4.50
N THR A 68 1.25 45.61 -4.06
CA THR A 68 2.16 45.19 -3.02
C THR A 68 3.33 44.50 -3.69
N VAL A 69 4.53 44.81 -3.20
CA VAL A 69 5.74 44.09 -3.54
C VAL A 69 6.48 43.80 -2.23
N PHE A 70 7.44 42.91 -2.28
CA PHE A 70 8.02 42.32 -1.07
C PHE A 70 9.52 42.61 -0.96
N ILE A 71 9.96 42.91 0.26
CA ILE A 71 11.36 43.10 0.55
C ILE A 71 11.79 42.04 1.57
N HIS A 72 12.94 41.43 1.31
CA HIS A 72 13.44 40.31 2.12
C HIS A 72 14.96 40.33 2.25
N GLU A 73 15.63 40.85 1.22
CA GLU A 73 17.09 40.82 1.11
C GLU A 73 17.72 41.83 2.05
N LYS A 74 18.27 41.35 3.16
CA LYS A 74 18.78 42.24 4.19
C LYS A 74 17.60 42.92 4.89
N VAL A 75 17.10 42.23 5.93
CA VAL A 75 16.00 42.65 6.80
C VAL A 75 15.67 41.45 7.68
N LYS A 76 15.44 41.68 8.97
CA LYS A 76 15.25 40.58 9.91
C LYS A 76 13.96 39.83 9.61
N ARG A 77 12.87 40.57 9.42
CA ARG A 77 11.59 40.00 9.06
C ARG A 77 11.20 40.57 7.69
N PRO A 78 10.67 39.73 6.79
CA PRO A 78 10.29 40.27 5.50
C PRO A 78 9.15 41.25 5.63
N VAL A 79 8.96 42.06 4.60
CA VAL A 79 8.00 43.15 4.66
C VAL A 79 7.21 43.23 3.35
N GLN A 80 5.92 43.52 3.46
CA GLN A 80 5.06 43.77 2.33
C GLN A 80 5.00 45.24 2.17
N VAL A 81 5.29 45.75 0.97
CA VAL A 81 5.24 47.20 0.77
C VAL A 81 4.18 47.54 -0.28
N VAL A 82 3.19 48.35 0.12
CA VAL A 82 2.11 48.76 -0.76
C VAL A 82 2.53 50.04 -1.48
N LEU A 83 2.45 50.07 -2.81
CA LEU A 83 2.78 51.26 -3.59
C LEU A 83 1.54 52.09 -3.91
N LYS A 84 1.70 53.42 -4.00
CA LYS A 84 0.56 54.31 -4.26
C LYS A 84 -0.11 54.04 -5.58
N LYS A 85 0.67 53.76 -6.61
CA LYS A 85 0.14 53.61 -7.97
C LYS A 85 0.94 52.60 -8.74
N ARG A 86 0.22 51.69 -9.40
CA ARG A 86 0.83 50.75 -10.32
C ARG A 86 -0.11 50.62 -11.49
N GLN A 87 0.43 50.73 -12.69
CA GLN A 87 -0.34 50.76 -13.91
C GLN A 87 -0.34 49.36 -14.51
N PHE A 88 -1.53 48.86 -14.83
CA PHE A 88 -1.71 47.49 -15.29
C PHE A 88 -1.97 47.47 -16.78
N HIS A 89 -1.29 46.58 -17.50
CA HIS A 89 -1.44 46.43 -18.94
C HIS A 89 -1.86 44.99 -19.32
N ILE A 90 -2.81 44.87 -20.24
CA ILE A 90 -3.25 43.57 -20.74
C ILE A 90 -2.54 43.27 -22.03
N GLU A 91 -1.70 42.24 -22.06
CA GLU A 91 -1.01 41.86 -23.27
C GLU A 91 -2.06 41.37 -24.25
N GLU A 92 -2.26 42.09 -25.34
CA GLU A 92 -3.25 41.73 -26.34
C GLU A 92 -2.56 41.08 -27.52
N ILE A 93 -3.05 39.93 -27.96
CA ILE A 93 -2.43 39.20 -29.05
C ILE A 93 -3.46 38.74 -30.07
N ASP A 94 -3.14 38.92 -31.35
CA ASP A 94 -4.02 38.50 -32.43
C ASP A 94 -3.55 37.18 -33.04
N LEU A 95 -4.41 36.17 -33.02
CA LEU A 95 -4.13 34.87 -33.62
C LEU A 95 -5.15 34.52 -34.70
N THR A 96 -5.83 35.54 -35.20
CA THR A 96 -6.87 35.38 -36.19
C THR A 96 -6.39 34.71 -37.48
N HIS A 97 -5.10 34.89 -37.79
CA HIS A 97 -4.51 34.37 -39.03
C HIS A 97 -4.21 32.87 -38.95
N LEU A 98 -4.36 32.28 -37.76
CA LEU A 98 -4.01 30.88 -37.54
C LEU A 98 -5.22 29.94 -37.48
N THR A 99 -4.94 28.66 -37.67
CA THR A 99 -5.90 27.57 -37.52
C THR A 99 -6.30 27.37 -36.08
N GLY A 100 -7.37 26.62 -35.86
CA GLY A 100 -7.79 26.20 -34.53
C GLY A 100 -6.63 25.60 -33.75
N SER A 101 -6.05 24.53 -34.28
CA SER A 101 -4.95 23.86 -33.60
C SER A 101 -3.75 24.81 -33.35
N GLU A 102 -3.42 25.60 -34.37
CA GLU A 102 -2.33 26.56 -34.28
C GLU A 102 -2.59 27.59 -33.20
N GLN A 103 -3.82 28.10 -33.14
CA GLN A 103 -4.21 29.03 -32.07
C GLN A 103 -4.06 28.36 -30.70
N THR A 104 -4.52 27.12 -30.60
CA THR A 104 -4.43 26.36 -29.37
C THR A 104 -2.99 26.10 -28.95
N ALA A 105 -2.14 25.82 -29.93
CA ALA A 105 -0.73 25.53 -29.67
C ALA A 105 -0.01 26.77 -29.21
N LYS A 106 -0.37 27.92 -29.77
CA LYS A 106 0.31 29.15 -29.41
C LYS A 106 -0.06 29.52 -27.98
N ILE A 107 -1.34 29.39 -27.66
CA ILE A 107 -1.82 29.69 -26.32
C ILE A 107 -1.19 28.73 -25.31
N ASN A 108 -1.12 27.45 -25.64
CA ASN A 108 -0.46 26.50 -24.75
C ASN A 108 1.00 26.86 -24.55
N GLU A 109 1.60 27.44 -25.59
CA GLU A 109 2.97 27.95 -25.52
C GLU A 109 3.08 29.12 -24.55
N TYR A 110 2.20 30.12 -24.68
CA TYR A 110 2.21 31.25 -23.75
C TYR A 110 2.08 30.78 -22.30
N LYS A 111 1.17 29.84 -22.08
CA LYS A 111 0.89 29.32 -20.74
C LYS A 111 2.13 28.73 -20.08
N GLU A 112 2.86 27.93 -20.85
CA GLU A 112 4.05 27.26 -20.33
C GLU A 112 5.21 28.19 -20.08
N GLN A 113 5.42 29.19 -20.93
CA GLN A 113 6.37 30.26 -20.60
C GLN A 113 5.91 30.86 -19.29
N ASP A 114 4.62 31.14 -19.20
CA ASP A 114 4.04 31.79 -18.04
C ASP A 114 4.25 31.01 -16.74
N LYS A 115 4.03 29.70 -16.81
CA LYS A 115 4.20 28.83 -15.64
C LYS A 115 5.65 28.76 -15.17
N ILE A 116 6.62 28.82 -16.08
CA ILE A 116 8.00 28.80 -15.63
C ILE A 116 8.49 30.20 -15.30
N ARG A 117 7.95 31.21 -15.99
CA ARG A 117 8.38 32.59 -15.77
C ARG A 117 8.21 33.00 -14.32
N GLY A 118 7.08 32.61 -13.75
CA GLY A 118 6.71 33.03 -12.40
C GLY A 118 6.62 34.54 -12.25
N PHE A 119 6.59 35.01 -11.00
CA PHE A 119 6.60 36.43 -10.70
C PHE A 119 7.87 36.72 -9.92
N ASP A 120 8.40 37.93 -10.05
CA ASP A 120 9.51 38.38 -9.23
C ASP A 120 8.91 39.28 -8.14
N LEU A 121 8.71 38.71 -6.96
CA LEU A 121 7.87 39.36 -5.95
C LEU A 121 8.54 40.62 -5.42
N THR A 122 9.81 40.77 -5.76
CA THR A 122 10.59 42.01 -5.58
C THR A 122 10.05 43.24 -6.34
N ARG A 123 9.40 43.04 -7.48
CA ARG A 123 9.10 44.14 -8.39
C ARG A 123 7.82 44.00 -9.24
N ASP A 124 7.54 42.82 -9.78
CA ASP A 124 6.38 42.65 -10.67
C ASP A 124 5.07 42.93 -9.94
N ILE A 125 4.05 43.37 -10.67
CA ILE A 125 2.68 43.27 -10.19
C ILE A 125 2.37 41.77 -10.10
N PRO A 126 1.89 41.31 -8.95
CA PRO A 126 1.68 39.88 -8.72
C PRO A 126 0.46 39.30 -9.45
N MET A 127 0.17 39.87 -10.61
CA MET A 127 -0.89 39.38 -11.46
C MET A 127 -0.68 39.94 -12.85
N ARG A 128 -0.94 39.11 -13.85
CA ARG A 128 -0.99 39.60 -15.21
C ARG A 128 -2.07 38.90 -16.03
N ALA A 129 -2.38 39.48 -17.18
CA ALA A 129 -3.43 38.97 -18.04
C ALA A 129 -3.05 39.15 -19.52
N ALA A 130 -3.23 38.09 -20.29
CA ALA A 130 -3.06 38.11 -21.74
C ALA A 130 -4.41 37.79 -22.40
N ILE A 131 -4.73 38.51 -23.48
CA ILE A 131 -5.95 38.24 -24.22
C ILE A 131 -5.58 37.94 -25.68
N PHE A 132 -6.09 36.81 -26.15
CA PHE A 132 -5.77 36.25 -27.45
C PHE A 132 -7.01 36.30 -28.29
N LYS A 133 -6.98 37.05 -29.40
CA LYS A 133 -8.12 37.11 -30.29
C LYS A 133 -8.06 35.95 -31.28
N LYS A 134 -9.07 35.10 -31.26
CA LYS A 134 -9.10 33.94 -32.16
C LYS A 134 -9.95 34.18 -33.42
N ALA A 135 -11.04 34.93 -33.26
CA ALA A 135 -11.94 35.31 -34.36
C ALA A 135 -12.57 36.64 -33.95
N GLU A 136 -13.58 37.11 -34.67
CA GLU A 136 -14.01 38.49 -34.45
C GLU A 136 -14.69 38.68 -33.09
N GLU A 137 -15.51 37.71 -32.69
CA GLU A 137 -16.06 37.72 -31.34
C GLU A 137 -15.62 36.50 -30.56
N SER A 138 -14.37 36.10 -30.73
CA SER A 138 -13.84 34.91 -30.06
C SER A 138 -12.48 35.19 -29.42
N PHE A 139 -12.44 35.08 -28.10
CA PHE A 139 -11.24 35.39 -27.34
C PHE A 139 -10.91 34.29 -26.37
N GLU A 140 -9.62 34.12 -26.13
CA GLU A 140 -9.16 33.33 -25.01
C GLU A 140 -8.33 34.25 -24.13
N TRP A 141 -8.56 34.15 -22.82
CA TRP A 141 -8.07 35.11 -21.84
C TRP A 141 -7.29 34.39 -20.76
N VAL A 142 -6.01 34.71 -20.58
CA VAL A 142 -5.22 34.00 -19.57
C VAL A 142 -4.79 34.90 -18.42
N TRP A 143 -5.39 34.70 -17.25
CA TRP A 143 -4.95 35.39 -16.05
C TRP A 143 -3.97 34.57 -15.27
N SER A 144 -3.02 35.28 -14.67
CA SER A 144 -2.05 34.65 -13.86
C SER A 144 -1.84 35.49 -12.63
N TYR A 145 -1.79 34.85 -11.48
CA TYR A 145 -1.44 35.56 -10.25
C TYR A 145 -0.69 34.68 -9.28
N HIS A 146 0.01 35.34 -8.37
CA HIS A 146 0.74 34.65 -7.34
C HIS A 146 -0.14 34.47 -6.12
N HIS A 147 -0.16 33.25 -5.59
CA HIS A 147 -0.97 32.91 -4.44
C HIS A 147 -0.64 33.75 -3.20
N ILE A 148 0.54 34.34 -3.18
CA ILE A 148 0.99 35.11 -2.02
C ILE A 148 0.08 36.29 -1.70
N ILE A 149 -0.65 36.82 -2.69
CA ILE A 149 -1.62 37.91 -2.44
C ILE A 149 -3.08 37.62 -2.75
N LEU A 150 -3.44 36.39 -3.13
CA LEU A 150 -4.84 36.06 -3.43
C LEU A 150 -5.06 34.59 -3.31
N ASP A 151 -6.30 34.21 -3.03
CA ASP A 151 -6.76 32.83 -3.16
C ASP A 151 -7.97 32.77 -4.11
N GLY A 152 -8.26 31.57 -4.63
CA GLY A 152 -9.36 31.35 -5.56
C GLY A 152 -10.67 32.06 -5.22
N TRP A 153 -11.01 32.05 -3.93
CA TRP A 153 -12.23 32.68 -3.45
C TRP A 153 -12.22 34.17 -3.68
N CYS A 154 -11.22 34.86 -3.15
CA CYS A 154 -10.97 36.25 -3.48
C CYS A 154 -11.02 36.56 -4.96
N PHE A 155 -10.39 35.71 -5.75
CA PHE A 155 -10.25 35.99 -7.18
C PHE A 155 -11.59 36.37 -7.78
N GLY A 156 -12.63 35.67 -7.34
CA GLY A 156 -13.95 35.89 -7.87
C GLY A 156 -14.53 37.23 -7.50
N ILE A 157 -14.23 37.70 -6.29
CA ILE A 157 -14.69 39.00 -5.87
C ILE A 157 -14.11 40.07 -6.78
N VAL A 158 -12.86 39.84 -7.18
CA VAL A 158 -12.14 40.77 -8.01
C VAL A 158 -12.74 40.81 -9.40
N VAL A 159 -12.97 39.64 -9.98
CA VAL A 159 -13.64 39.53 -11.29
C VAL A 159 -15.05 40.13 -11.30
N GLN A 160 -15.82 39.87 -10.25
CA GLN A 160 -17.13 40.48 -10.06
C GLN A 160 -17.03 42.02 -10.11
N ASP A 161 -16.17 42.60 -9.28
CA ASP A 161 -15.90 44.03 -9.32
C ASP A 161 -15.33 44.51 -10.66
N LEU A 162 -14.53 43.68 -11.30
CA LEU A 162 -13.91 44.07 -12.53
C LEU A 162 -15.00 44.30 -13.56
N PHE A 163 -16.02 43.46 -13.54
CA PHE A 163 -17.09 43.54 -14.52
C PHE A 163 -18.13 44.62 -14.21
N LYS A 164 -18.47 44.87 -12.95
CA LYS A 164 -19.31 46.04 -12.64
C LYS A 164 -18.64 47.27 -13.25
N VAL A 165 -17.36 47.47 -12.93
CA VAL A 165 -16.60 48.58 -13.49
C VAL A 165 -16.64 48.50 -15.00
N TYR A 166 -16.23 47.37 -15.53
CA TYR A 166 -16.22 47.17 -16.97
C TYR A 166 -17.52 47.64 -17.67
N ASN A 167 -18.65 47.19 -17.15
CA ASN A 167 -19.96 47.49 -17.71
C ASN A 167 -20.36 48.93 -17.50
N ALA A 168 -19.88 49.54 -16.44
CA ALA A 168 -20.18 50.92 -16.16
C ALA A 168 -19.43 51.77 -17.17
N LEU A 169 -18.13 51.49 -17.29
CA LEU A 169 -17.24 52.32 -18.09
C LEU A 169 -17.52 52.27 -19.57
N ARG A 170 -17.81 51.09 -20.11
CA ARG A 170 -18.06 50.96 -21.55
C ARG A 170 -19.38 51.61 -21.99
N GLU A 171 -20.30 51.81 -21.04
CA GLU A 171 -21.55 52.54 -21.28
C GLU A 171 -21.51 53.96 -20.71
N GLN A 172 -20.34 54.44 -20.29
CA GLN A 172 -20.21 55.80 -19.77
C GLN A 172 -21.27 56.05 -18.69
N LYS A 173 -21.26 55.18 -17.70
CA LYS A 173 -22.30 55.15 -16.68
C LYS A 173 -21.60 55.34 -15.34
N PRO A 174 -22.25 55.99 -14.36
CA PRO A 174 -21.60 56.05 -13.05
C PRO A 174 -21.58 54.69 -12.41
N TYR A 175 -20.80 54.52 -11.34
CA TYR A 175 -20.78 53.27 -10.60
C TYR A 175 -20.35 53.50 -9.18
N SER A 176 -20.53 52.49 -8.35
CA SER A 176 -20.14 52.58 -6.96
C SER A 176 -19.87 51.20 -6.41
N LEU A 177 -18.73 51.04 -5.78
CA LEU A 177 -18.34 49.81 -5.13
C LEU A 177 -18.31 50.09 -3.63
N PRO A 178 -18.62 49.10 -2.79
CA PRO A 178 -18.63 49.38 -1.34
C PRO A 178 -17.22 49.52 -0.80
N PRO A 179 -17.06 50.27 0.31
CA PRO A 179 -15.75 50.42 0.96
C PRO A 179 -15.10 49.09 1.20
N VAL A 180 -13.81 48.99 0.92
CA VAL A 180 -13.10 47.73 1.11
C VAL A 180 -12.09 47.84 2.24
N LYS A 181 -12.26 46.97 3.23
CA LYS A 181 -11.39 46.91 4.39
C LYS A 181 -10.04 46.35 3.94
N PRO A 182 -8.94 47.03 4.29
CA PRO A 182 -7.61 46.65 3.79
C PRO A 182 -7.05 45.36 4.37
N TYR A 183 -6.21 44.69 3.59
CA TYR A 183 -5.63 43.43 4.01
C TYR A 183 -4.80 43.61 5.27
N LYS A 184 -4.19 44.79 5.40
CA LYS A 184 -3.46 45.19 6.59
C LYS A 184 -4.20 44.88 7.92
N ASP A 185 -5.53 44.94 7.88
CA ASP A 185 -6.31 44.66 9.07
C ASP A 185 -6.18 43.20 9.50
N TYR A 186 -6.07 42.30 8.54
CA TYR A 186 -5.83 40.90 8.86
C TYR A 186 -4.43 40.77 9.43
N ILE A 187 -3.44 41.49 8.88
CA ILE A 187 -2.10 41.37 9.45
C ILE A 187 -2.06 41.84 10.93
N LYS A 188 -2.75 42.94 11.23
CA LYS A 188 -2.88 43.44 12.59
C LYS A 188 -3.47 42.39 13.50
N TRP A 189 -4.55 41.76 13.05
CA TRP A 189 -5.14 40.68 13.81
C TRP A 189 -4.11 39.60 14.07
N LEU A 190 -3.43 39.19 13.00
CA LEU A 190 -2.44 38.11 13.05
C LEU A 190 -1.34 38.47 14.05
N GLU A 191 -0.93 39.73 14.06
CA GLU A 191 0.10 40.17 15.00
C GLU A 191 -0.36 40.15 16.47
N LYS A 192 -1.66 40.23 16.73
CA LYS A 192 -2.17 40.08 18.08
C LYS A 192 -2.22 38.63 18.57
N GLN A 193 -1.93 37.66 17.73
CA GLN A 193 -2.10 36.25 18.13
C GLN A 193 -0.79 35.69 18.65
N ASP A 194 -0.90 34.68 19.51
CA ASP A 194 0.27 33.96 20.01
C ASP A 194 0.52 32.73 19.15
N LYS A 195 1.57 32.81 18.35
CA LYS A 195 1.89 31.74 17.44
C LYS A 195 2.10 30.44 18.22
N GLN A 196 2.75 30.50 19.37
CA GLN A 196 3.01 29.29 20.14
C GLN A 196 1.75 28.68 20.74
N ALA A 197 0.80 29.52 21.13
CA ALA A 197 -0.51 29.05 21.59
C ALA A 197 -1.23 28.30 20.49
N SER A 198 -1.19 28.85 19.27
CA SER A 198 -1.82 28.20 18.11
C SER A 198 -1.18 26.86 17.84
N LEU A 199 0.16 26.83 17.81
CA LEU A 199 0.89 25.57 17.69
C LEU A 199 0.43 24.61 18.76
N ARG A 200 0.33 25.06 20.00
CA ARG A 200 -0.12 24.22 21.11
C ARG A 200 -1.48 23.61 20.80
N TYR A 201 -2.43 24.43 20.36
CA TYR A 201 -3.75 23.95 20.02
C TYR A 201 -3.76 22.76 19.05
N TRP A 202 -2.97 22.87 17.97
CA TRP A 202 -2.89 21.78 16.99
C TRP A 202 -2.24 20.59 17.63
N ARG A 203 -1.16 20.84 18.38
CA ARG A 203 -0.44 19.74 18.99
C ARG A 203 -1.39 18.95 19.88
N GLU A 204 -2.19 19.64 20.69
CA GLU A 204 -3.19 19.00 21.54
C GLU A 204 -4.27 18.30 20.71
N TYR A 205 -4.70 18.94 19.62
CA TYR A 205 -5.68 18.35 18.70
C TYR A 205 -5.23 16.99 18.16
N LEU A 206 -3.97 16.92 17.76
CA LEU A 206 -3.40 15.73 17.13
C LEU A 206 -2.65 14.84 18.11
N GLU A 207 -2.66 15.20 19.39
CA GLU A 207 -1.96 14.42 20.40
C GLU A 207 -2.37 12.95 20.37
N GLY A 208 -1.38 12.07 20.32
CA GLY A 208 -1.63 10.63 20.37
C GLY A 208 -2.12 10.01 19.07
N PHE A 209 -2.11 10.77 17.98
CA PHE A 209 -2.58 10.22 16.70
C PHE A 209 -1.54 9.26 16.15
N GLU A 210 -1.98 8.04 15.79
CA GLU A 210 -1.07 6.96 15.42
C GLU A 210 -0.80 6.92 13.91
N GLY A 211 -1.23 7.95 13.20
CA GLY A 211 -0.92 8.03 11.77
C GLY A 211 -1.79 7.15 10.92
N GLN A 212 -1.67 7.33 9.61
CA GLN A 212 -2.64 6.79 8.66
C GLN A 212 -2.10 6.80 7.24
N THR A 213 -2.15 5.65 6.57
CA THR A 213 -2.04 5.62 5.12
C THR A 213 -3.41 5.25 4.60
N THR A 214 -4.09 6.24 4.03
CA THR A 214 -5.45 6.08 3.55
C THR A 214 -5.36 5.16 2.37
N PHE A 215 -6.22 4.15 2.35
CA PHE A 215 -6.32 3.15 1.29
C PHE A 215 -5.00 2.42 1.09
N ALA A 216 -4.29 2.21 2.20
CA ALA A 216 -2.97 1.59 2.18
C ALA A 216 -2.90 0.34 1.32
N GLU A 217 -3.94 -0.49 1.34
CA GLU A 217 -3.88 -1.82 0.75
C GLU A 217 -4.10 -1.74 -0.77
N GLN A 218 -4.77 -0.68 -1.18
CA GLN A 218 -5.03 -0.38 -2.58
C GLN A 218 -3.91 0.40 -3.29
N ARG A 219 -2.98 0.98 -2.52
CA ARG A 219 -1.93 1.80 -3.14
C ARG A 219 -0.95 0.97 -3.94
N LYS A 220 -0.57 1.47 -5.10
CA LYS A 220 0.50 0.87 -5.89
C LYS A 220 1.77 1.63 -5.55
N LYS A 221 2.90 0.91 -5.54
CA LYS A 221 4.18 1.44 -5.08
C LYS A 221 5.18 1.62 -6.23
N GLN A 222 4.86 1.07 -7.39
CA GLN A 222 5.68 1.22 -8.61
C GLN A 222 6.20 2.68 -8.80
N LYS A 223 7.20 2.83 -9.68
CA LYS A 223 7.91 4.12 -9.94
C LYS A 223 7.10 5.41 -9.76
N ASP A 224 7.80 6.46 -9.33
CA ASP A 224 7.17 7.74 -8.96
C ASP A 224 6.72 8.56 -10.17
N GLY A 225 6.19 9.76 -9.90
CA GLY A 225 5.63 10.63 -10.93
C GLY A 225 4.12 10.65 -10.80
N TYR A 226 3.51 11.82 -11.00
CA TYR A 226 2.06 11.98 -10.92
C TYR A 226 1.42 11.80 -12.29
N GLU A 227 0.49 10.84 -12.39
CA GLU A 227 -0.32 10.68 -13.58
C GLU A 227 -1.75 11.18 -13.30
N PRO A 228 -2.02 12.45 -13.58
CA PRO A 228 -3.30 13.05 -13.19
C PRO A 228 -4.47 12.39 -13.87
N LYS A 229 -5.53 12.12 -13.11
CA LYS A 229 -6.68 11.35 -13.56
C LYS A 229 -7.92 11.75 -12.72
N GLU A 230 -9.10 11.65 -13.31
CA GLU A 230 -10.27 12.38 -12.80
C GLU A 230 -11.55 11.60 -13.00
N LEU A 231 -12.46 11.66 -12.03
CA LEU A 231 -13.76 10.99 -12.14
C LEU A 231 -14.84 11.92 -11.59
N LEU A 232 -15.70 12.40 -12.48
CA LEU A 232 -16.76 13.34 -12.15
C LEU A 232 -18.04 12.55 -11.92
N PHE A 233 -18.73 12.85 -10.84
CA PHE A 233 -20.02 12.22 -10.57
C PHE A 233 -20.80 13.12 -9.65
N SER A 234 -22.08 12.82 -9.51
CA SER A 234 -22.95 13.58 -8.62
C SER A 234 -24.11 12.72 -8.17
N PRO A 235 -24.63 12.98 -6.97
CA PRO A 235 -25.81 12.26 -6.55
C PRO A 235 -27.00 12.69 -7.39
N SER A 236 -28.16 12.10 -7.13
CA SER A 236 -29.37 12.51 -7.79
C SER A 236 -29.76 13.89 -7.30
N GLU A 237 -30.69 14.50 -8.01
CA GLU A 237 -31.25 15.76 -7.59
C GLU A 237 -31.89 15.63 -6.21
N ALA A 238 -32.62 14.53 -5.99
CA ALA A 238 -33.27 14.27 -4.71
C ALA A 238 -32.23 14.04 -3.63
N GLU A 239 -31.33 13.09 -3.87
CA GLU A 239 -30.26 12.83 -2.91
C GLU A 239 -29.60 14.15 -2.51
N THR A 240 -29.31 15.01 -3.48
CA THR A 240 -28.67 16.29 -3.18
C THR A 240 -29.53 17.20 -2.29
N LYS A 241 -30.86 17.18 -2.48
CA LYS A 241 -31.77 18.02 -1.67
C LYS A 241 -31.81 17.59 -0.19
N ALA A 242 -32.07 16.31 0.04
CA ALA A 242 -32.11 15.74 1.40
C ALA A 242 -30.76 15.94 2.10
N PHE A 243 -29.68 15.74 1.37
CA PHE A 243 -28.36 16.07 1.87
C PHE A 243 -28.37 17.52 2.34
N THR A 244 -28.68 18.43 1.40
CA THR A 244 -28.60 19.87 1.62
C THR A 244 -29.50 20.32 2.78
N GLU A 245 -30.70 19.75 2.85
CA GLU A 245 -31.67 20.15 3.88
C GLU A 245 -31.25 19.66 5.27
N LEU A 246 -30.57 18.52 5.32
CA LEU A 246 -30.09 17.96 6.58
C LEU A 246 -28.96 18.78 7.20
N ALA A 247 -28.01 19.24 6.37
CA ALA A 247 -26.97 20.15 6.84
C ALA A 247 -27.58 21.39 7.53
N LYS A 248 -28.75 21.84 7.05
CA LYS A 248 -29.34 23.05 7.58
C LYS A 248 -30.07 22.81 8.89
N SER A 249 -30.94 21.81 8.93
CA SER A 249 -31.66 21.49 10.16
C SER A 249 -30.67 21.17 11.29
N GLN A 250 -29.49 20.68 10.92
CA GLN A 250 -28.41 20.46 11.88
C GLN A 250 -27.52 21.69 12.01
N HIS A 251 -27.75 22.69 11.15
CA HIS A 251 -27.04 23.96 11.20
C HIS A 251 -25.56 23.78 11.01
N THR A 252 -25.17 23.19 9.88
CA THR A 252 -23.78 23.05 9.54
C THR A 252 -23.59 23.30 8.06
N THR A 253 -22.34 23.37 7.67
CA THR A 253 -21.99 23.70 6.30
C THR A 253 -22.11 22.45 5.45
N LEU A 254 -22.30 22.67 4.16
CA LEU A 254 -22.31 21.59 3.19
C LEU A 254 -20.95 20.89 3.25
N SER A 255 -19.90 21.70 3.32
CA SER A 255 -18.55 21.19 3.49
C SER A 255 -18.46 20.24 4.67
N THR A 256 -18.95 20.67 5.83
CA THR A 256 -18.83 19.83 7.01
C THR A 256 -19.59 18.52 6.83
N ALA A 257 -20.75 18.58 6.16
CA ALA A 257 -21.52 17.38 5.85
C ALA A 257 -20.72 16.40 5.03
N LEU A 258 -20.07 16.91 3.98
CA LEU A 258 -19.34 16.07 3.05
C LEU A 258 -18.25 15.33 3.78
N GLN A 259 -17.60 16.03 4.70
CA GLN A 259 -16.50 15.49 5.48
C GLN A 259 -16.97 14.48 6.50
N ALA A 260 -18.17 14.70 7.01
CA ALA A 260 -18.82 13.69 7.86
C ALA A 260 -19.03 12.37 7.12
N VAL A 261 -19.53 12.41 5.89
CA VAL A 261 -19.81 11.15 5.18
C VAL A 261 -18.52 10.50 4.75
N TRP A 262 -17.56 11.29 4.25
CA TRP A 262 -16.22 10.77 3.98
C TRP A 262 -15.59 10.03 5.17
N SER A 263 -15.68 10.62 6.35
CA SER A 263 -15.14 9.99 7.56
C SER A 263 -15.66 8.58 7.78
N VAL A 264 -16.97 8.41 7.59
CA VAL A 264 -17.58 7.10 7.76
C VAL A 264 -17.09 6.12 6.68
N LEU A 265 -16.93 6.60 5.45
CA LEU A 265 -16.38 5.78 4.36
C LEU A 265 -14.97 5.28 4.67
N ILE A 266 -14.04 6.20 4.96
CA ILE A 266 -12.66 5.79 5.25
C ILE A 266 -12.61 5.02 6.54
N SER A 267 -13.53 5.30 7.44
CA SER A 267 -13.69 4.48 8.64
C SER A 267 -13.65 2.99 8.29
N ARG A 268 -14.32 2.63 7.21
CA ARG A 268 -14.40 1.23 6.81
C ARG A 268 -13.20 0.74 6.00
N TYR A 269 -12.27 1.62 5.64
CA TYR A 269 -11.03 1.18 5.00
C TYR A 269 -9.86 1.16 5.98
N GLN A 270 -9.96 1.85 7.11
CA GLN A 270 -8.80 1.99 8.00
C GLN A 270 -8.83 1.13 9.25
N GLN A 271 -9.90 0.38 9.50
CA GLN A 271 -9.94 -0.49 10.70
C GLN A 271 -9.83 0.43 11.92
N SER A 272 -10.45 1.62 11.87
CA SER A 272 -10.25 2.62 12.93
C SER A 272 -11.25 3.76 12.95
N GLY A 273 -11.55 4.20 14.17
CA GLY A 273 -12.43 5.32 14.42
C GLY A 273 -11.68 6.61 14.74
N ASP A 274 -10.35 6.54 14.80
CA ASP A 274 -9.50 7.75 14.88
C ASP A 274 -8.94 8.04 13.50
N LEU A 275 -9.43 9.11 12.85
CA LEU A 275 -9.26 9.33 11.40
C LEU A 275 -8.84 10.74 11.03
N ALA A 276 -8.12 10.89 9.92
CA ALA A 276 -7.63 12.19 9.51
C ALA A 276 -7.54 12.37 8.00
N PHE A 277 -7.65 13.64 7.60
CA PHE A 277 -7.51 14.07 6.22
C PHE A 277 -7.42 15.58 6.22
N GLY A 278 -6.89 16.13 5.13
CA GLY A 278 -6.81 17.56 4.97
C GLY A 278 -8.15 18.16 4.55
N THR A 279 -8.39 19.39 4.94
CA THR A 279 -9.58 20.11 4.54
C THR A 279 -9.12 21.52 4.25
N VAL A 280 -9.76 22.21 3.30
CA VAL A 280 -9.45 23.61 3.08
C VAL A 280 -10.46 24.40 3.86
N VAL A 281 -9.97 25.41 4.57
CA VAL A 281 -10.78 26.27 5.39
C VAL A 281 -10.57 27.70 4.96
N SER A 282 -11.51 28.55 5.34
CA SER A 282 -11.62 29.86 4.77
C SER A 282 -10.51 30.79 5.27
N GLY A 283 -10.04 30.54 6.50
CA GLY A 283 -9.03 31.37 7.13
C GLY A 283 -9.49 32.77 7.46
N ARG A 284 -10.81 32.97 7.49
CA ARG A 284 -11.40 34.29 7.68
C ARG A 284 -11.99 34.33 9.07
N PRO A 285 -11.29 34.92 10.03
CA PRO A 285 -11.73 34.75 11.41
C PRO A 285 -12.92 35.64 11.81
N ALA A 286 -13.91 35.04 12.46
CA ALA A 286 -15.08 35.76 13.00
C ALA A 286 -14.80 37.14 13.62
N GLU A 287 -13.67 37.29 14.31
CA GLU A 287 -13.43 38.50 15.10
C GLU A 287 -12.93 39.73 14.33
N ILE A 288 -12.78 39.62 13.01
CA ILE A 288 -12.57 40.79 12.15
C ILE A 288 -13.93 41.04 11.50
N LYS A 289 -14.64 42.10 11.90
CA LYS A 289 -16.11 42.17 11.69
C LYS A 289 -16.58 42.04 10.22
N GLY A 290 -15.86 42.70 9.30
CA GLY A 290 -16.16 42.59 7.88
C GLY A 290 -15.18 41.68 7.16
N VAL A 291 -14.61 40.72 7.88
CA VAL A 291 -13.58 39.85 7.32
C VAL A 291 -14.01 39.26 6.00
N GLU A 292 -15.30 39.03 5.82
CA GLU A 292 -15.78 38.27 4.67
C GLU A 292 -15.69 39.00 3.34
N HIS A 293 -15.29 40.28 3.32
CA HIS A 293 -15.13 41.03 2.06
C HIS A 293 -13.70 41.40 1.74
N MET A 294 -12.76 41.13 2.64
CA MET A 294 -11.35 41.44 2.39
C MET A 294 -10.85 40.59 1.24
N VAL A 295 -9.76 41.06 0.62
CA VAL A 295 -9.18 40.43 -0.55
C VAL A 295 -7.69 40.24 -0.37
N GLY A 296 -7.24 38.99 -0.39
CA GLY A 296 -5.83 38.65 -0.22
C GLY A 296 -5.77 37.19 0.14
N LEU A 297 -4.68 36.73 0.79
CA LEU A 297 -4.54 35.33 1.15
C LEU A 297 -5.24 35.01 2.47
N PHE A 298 -6.17 34.06 2.45
CA PHE A 298 -6.84 33.59 3.66
C PHE A 298 -6.92 32.07 3.70
N ILE A 299 -7.29 31.44 2.59
CA ILE A 299 -7.64 30.00 2.63
C ILE A 299 -6.40 29.20 3.00
N ASN A 300 -6.62 28.08 3.65
CA ASN A 300 -5.53 27.27 4.13
C ASN A 300 -5.97 25.83 4.16
N VAL A 301 -5.01 24.92 4.02
CA VAL A 301 -5.29 23.50 4.17
C VAL A 301 -4.90 23.18 5.57
N VAL A 302 -5.79 22.56 6.34
CA VAL A 302 -5.45 22.15 7.68
C VAL A 302 -6.02 20.76 7.95
N PRO A 303 -5.47 20.04 8.93
CA PRO A 303 -5.89 18.67 9.22
C PRO A 303 -7.23 18.59 9.88
N ARG A 304 -7.97 17.53 9.60
CA ARG A 304 -9.16 17.25 10.36
C ARG A 304 -8.93 15.91 11.00
N ARG A 305 -9.06 15.84 12.33
CA ARG A 305 -8.98 14.57 13.02
C ARG A 305 -10.36 14.25 13.56
N VAL A 306 -10.89 13.10 13.21
CA VAL A 306 -12.23 12.75 13.68
C VAL A 306 -12.21 11.45 14.44
N LYS A 307 -12.89 11.45 15.58
CA LYS A 307 -12.96 10.30 16.43
C LYS A 307 -14.39 9.79 16.44
N LEU A 308 -14.64 8.66 15.79
CA LEU A 308 -15.98 8.07 15.72
C LEU A 308 -16.20 7.24 16.96
N SER A 309 -16.65 7.91 18.02
CA SER A 309 -16.94 7.28 19.32
C SER A 309 -17.93 6.16 19.16
N GLU A 310 -17.91 5.23 20.09
CA GLU A 310 -18.84 4.11 20.04
C GLU A 310 -20.23 4.72 19.93
N GLY A 311 -21.00 4.28 18.93
CA GLY A 311 -22.40 4.66 18.80
C GLY A 311 -22.73 6.03 18.22
N ILE A 312 -21.71 6.88 18.05
CA ILE A 312 -21.91 8.16 17.37
C ILE A 312 -22.76 7.96 16.11
N THR A 313 -23.74 8.84 15.95
CA THR A 313 -24.60 8.87 14.77
C THR A 313 -24.12 9.96 13.83
N PHE A 314 -24.81 10.12 12.71
CA PHE A 314 -24.45 11.15 11.76
C PHE A 314 -24.64 12.55 12.34
N ASN A 315 -25.79 12.81 12.94
CA ASN A 315 -26.08 14.12 13.53
C ASN A 315 -25.12 14.41 14.68
N GLY A 316 -24.83 13.38 15.48
CA GLY A 316 -23.78 13.49 16.49
C GLY A 316 -22.44 13.88 15.88
N LEU A 317 -22.10 13.26 14.76
CA LEU A 317 -20.84 13.50 14.06
C LEU A 317 -20.80 14.90 13.48
N LEU A 318 -21.90 15.32 12.86
CA LEU A 318 -22.02 16.70 12.38
C LEU A 318 -21.71 17.71 13.49
N LYS A 319 -22.35 17.51 14.63
CA LYS A 319 -22.20 18.40 15.77
C LYS A 319 -20.73 18.47 16.17
N ARG A 320 -20.17 17.29 16.40
CA ARG A 320 -18.75 17.12 16.68
C ARG A 320 -17.90 18.01 15.77
N LEU A 321 -18.10 17.85 14.47
CA LEU A 321 -17.27 18.48 13.48
C LEU A 321 -17.48 19.98 13.43
N GLN A 322 -18.72 20.43 13.50
CA GLN A 322 -19.00 21.86 13.42
C GLN A 322 -18.40 22.53 14.63
N GLU A 323 -18.51 21.87 15.77
CA GLU A 323 -17.97 22.39 16.99
C GLU A 323 -16.46 22.60 16.86
N GLN A 324 -15.68 21.59 16.44
CA GLN A 324 -14.22 21.79 16.36
C GLN A 324 -13.85 22.74 15.24
N SER A 325 -14.68 22.82 14.20
CA SER A 325 -14.44 23.84 13.17
C SER A 325 -14.28 25.20 13.82
N LEU A 326 -15.22 25.57 14.68
CA LEU A 326 -15.16 26.85 15.38
C LEU A 326 -13.86 26.96 16.16
N GLN A 327 -13.67 26.07 17.12
CA GLN A 327 -12.47 26.06 17.94
C GLN A 327 -11.22 26.31 17.12
N SER A 328 -11.14 25.73 15.93
CA SER A 328 -9.95 25.87 15.08
C SER A 328 -9.81 27.25 14.44
N GLU A 329 -10.91 27.97 14.31
CA GLU A 329 -10.91 29.19 13.50
C GLU A 329 -9.76 30.15 13.77
N PRO A 330 -9.46 30.41 15.05
CA PRO A 330 -8.40 31.37 15.35
C PRO A 330 -7.00 30.86 15.03
N HIS A 331 -6.89 29.60 14.63
CA HIS A 331 -5.60 28.97 14.45
C HIS A 331 -5.35 28.54 13.02
N GLN A 332 -6.17 29.00 12.08
CA GLN A 332 -6.07 28.56 10.70
C GLN A 332 -4.97 29.25 9.91
N TYR A 333 -4.34 30.25 10.50
CA TYR A 333 -3.26 30.95 9.86
C TYR A 333 -1.96 30.17 9.91
N VAL A 334 -1.93 29.08 10.69
CA VAL A 334 -0.71 28.32 10.88
C VAL A 334 -0.48 27.47 9.64
N PRO A 335 0.71 27.56 9.01
CA PRO A 335 0.97 26.77 7.83
C PRO A 335 0.96 25.31 8.14
N LEU A 336 0.40 24.51 7.24
CA LEU A 336 0.24 23.07 7.48
C LEU A 336 1.53 22.41 7.85
N TYR A 337 2.65 22.87 7.29
CA TYR A 337 3.93 22.18 7.51
C TYR A 337 4.48 22.50 8.89
N ASP A 338 4.06 23.63 9.46
CA ASP A 338 4.31 23.91 10.87
C ASP A 338 3.38 23.05 11.71
N ILE A 339 2.12 22.91 11.31
CA ILE A 339 1.24 21.98 12.04
C ILE A 339 1.89 20.60 12.09
N GLN A 340 2.56 20.19 11.01
CA GLN A 340 3.16 18.87 10.97
C GLN A 340 4.52 18.80 11.67
N SER A 341 5.33 19.84 11.53
CA SER A 341 6.68 19.85 12.09
C SER A 341 6.64 19.40 13.54
N GLN A 342 5.62 19.84 14.26
CA GLN A 342 5.32 19.27 15.57
C GLN A 342 4.02 18.50 15.49
N ALA A 343 4.16 17.18 15.43
CA ALA A 343 3.02 16.33 15.20
C ALA A 343 3.29 14.87 15.51
N ASP A 344 4.52 14.42 15.31
CA ASP A 344 4.89 12.98 15.41
C ASP A 344 4.76 12.28 14.06
N GLN A 345 3.84 12.74 13.23
CA GLN A 345 3.54 12.08 11.97
C GLN A 345 4.22 12.74 10.79
N PRO A 346 5.11 12.00 10.10
CA PRO A 346 5.34 12.32 8.68
C PRO A 346 4.02 12.28 7.89
N LYS A 347 3.60 11.12 7.39
CA LYS A 347 2.32 11.07 6.66
C LYS A 347 1.20 11.41 7.64
N LEU A 348 0.95 12.71 7.85
CA LEU A 348 -0.08 13.13 8.78
C LEU A 348 -1.36 13.10 8.02
N ILE A 349 -1.50 14.03 7.07
CA ILE A 349 -2.53 13.93 6.08
C ILE A 349 -1.97 13.46 4.73
N ASP A 350 -2.87 12.82 4.00
CA ASP A 350 -2.62 11.93 2.87
C ASP A 350 -3.36 12.44 1.62
N HIS A 351 -4.57 12.93 1.87
CA HIS A 351 -5.49 13.36 0.87
C HIS A 351 -6.27 14.55 1.43
N ILE A 352 -7.02 15.24 0.58
CA ILE A 352 -7.78 16.40 1.05
C ILE A 352 -9.16 16.53 0.49
N ILE A 353 -10.03 17.14 1.30
CA ILE A 353 -11.40 17.37 0.95
C ILE A 353 -11.64 18.85 0.72
N VAL A 354 -12.22 19.18 -0.44
CA VAL A 354 -12.57 20.57 -0.76
C VAL A 354 -14.04 20.69 -1.14
N PHE A 355 -14.76 21.56 -0.47
CA PHE A 355 -16.05 22.01 -0.97
C PHE A 355 -15.83 23.44 -1.41
N GLU A 356 -15.65 23.66 -2.71
CA GLU A 356 -15.38 25.01 -3.13
C GLU A 356 -16.64 25.81 -2.86
N ASN A 357 -16.52 26.71 -1.87
CA ASN A 357 -17.57 27.63 -1.44
C ASN A 357 -18.55 27.96 -2.59
N TYR A 358 -18.05 28.65 -3.63
CA TYR A 358 -18.80 28.88 -4.87
C TYR A 358 -17.79 28.90 -6.02
N PRO A 359 -17.67 27.79 -6.77
CA PRO A 359 -16.58 27.69 -7.74
C PRO A 359 -16.53 28.83 -8.76
N LEU A 360 -15.30 29.23 -9.08
CA LEU A 360 -15.01 30.10 -10.22
C LEU A 360 -15.62 29.53 -11.51
N GLN A 361 -15.60 28.21 -11.64
CA GLN A 361 -16.23 27.53 -12.78
C GLN A 361 -17.73 27.84 -12.86
N ASP A 362 -18.50 27.33 -11.91
CA ASP A 362 -19.96 27.32 -12.00
C ASP A 362 -20.61 28.72 -11.85
N ALA A 363 -20.01 29.56 -11.00
CA ALA A 363 -20.60 30.86 -10.64
C ALA A 363 -20.47 31.91 -11.74
N LYS A 364 -19.31 31.96 -12.39
CA LYS A 364 -18.95 33.07 -13.29
C LYS A 364 -19.62 33.10 -14.68
N ASN A 365 -20.29 32.02 -15.08
CA ASN A 365 -20.75 31.85 -16.46
C ASN A 365 -22.22 32.24 -16.64
N GLU A 366 -22.60 33.42 -16.13
CA GLU A 366 -24.02 33.78 -15.98
C GLU A 366 -24.40 35.21 -16.45
N GLU A 367 -25.28 35.24 -17.46
CA GLU A 367 -25.82 36.48 -18.07
C GLU A 367 -24.80 37.31 -18.85
N SER A 368 -24.65 36.95 -20.12
CA SER A 368 -24.00 37.80 -21.12
C SER A 368 -24.83 39.05 -21.41
N SER A 369 -26.09 39.03 -20.98
CA SER A 369 -26.97 40.21 -21.04
C SER A 369 -26.27 41.46 -20.49
N GLU A 370 -25.69 41.34 -19.28
CA GLU A 370 -25.01 42.47 -18.64
C GLU A 370 -23.57 42.69 -19.11
N ASN A 371 -22.84 41.60 -19.35
CA ASN A 371 -21.42 41.69 -19.69
C ASN A 371 -21.16 41.96 -21.17
N GLY A 372 -22.09 41.56 -22.02
CA GLY A 372 -21.94 41.70 -23.48
C GLY A 372 -21.14 40.57 -24.09
N PHE A 373 -20.83 39.56 -23.29
CA PHE A 373 -20.09 38.41 -23.77
C PHE A 373 -20.39 37.23 -22.86
N ASP A 374 -20.19 36.04 -23.41
CA ASP A 374 -20.40 34.80 -22.72
C ASP A 374 -19.06 34.24 -22.33
N MET A 375 -18.92 33.81 -21.08
CA MET A 375 -17.78 33.03 -20.68
C MET A 375 -18.16 31.58 -20.82
N VAL A 376 -17.89 31.02 -21.99
CA VAL A 376 -18.33 29.68 -22.31
C VAL A 376 -17.58 28.65 -21.47
N ASP A 377 -16.31 28.87 -21.23
CA ASP A 377 -15.54 27.92 -20.45
C ASP A 377 -14.70 28.67 -19.45
N VAL A 378 -14.37 27.99 -18.37
CA VAL A 378 -13.39 28.48 -17.44
C VAL A 378 -12.54 27.28 -17.11
N HIS A 379 -11.27 27.53 -16.79
CA HIS A 379 -10.37 26.44 -16.49
C HIS A 379 -9.19 26.92 -15.67
N VAL A 380 -9.08 26.42 -14.44
CA VAL A 380 -7.98 26.76 -13.57
C VAL A 380 -6.93 25.67 -13.69
N PHE A 381 -5.70 26.05 -13.47
CA PHE A 381 -4.57 25.14 -13.48
C PHE A 381 -4.43 24.59 -12.06
N GLU A 382 -4.49 23.27 -11.93
CA GLU A 382 -4.46 22.60 -10.61
C GLU A 382 -3.17 21.81 -10.47
N LYS A 383 -2.50 22.00 -9.34
CA LYS A 383 -1.24 21.34 -9.07
C LYS A 383 -1.53 20.13 -8.21
N SER A 384 -1.21 18.97 -8.77
CA SER A 384 -1.47 17.71 -8.13
C SER A 384 -0.54 17.54 -6.90
N ASN A 385 -1.06 17.84 -5.71
CA ASN A 385 -0.23 17.81 -4.50
C ASN A 385 -0.43 16.58 -3.59
N TYR A 386 -1.65 16.05 -3.57
CA TYR A 386 -1.96 14.79 -2.94
C TYR A 386 -2.38 13.75 -3.99
N ASP A 387 -2.18 12.47 -3.65
CA ASP A 387 -2.55 11.39 -4.54
C ASP A 387 -4.07 11.16 -4.67
N LEU A 388 -4.87 11.70 -3.76
CA LEU A 388 -6.33 11.64 -3.87
C LEU A 388 -6.95 12.88 -3.27
N ASN A 389 -7.87 13.50 -4.02
CA ASN A 389 -8.56 14.72 -3.61
C ASN A 389 -10.06 14.60 -3.85
N LEU A 390 -10.86 14.77 -2.80
CA LEU A 390 -12.31 14.76 -2.97
C LEU A 390 -12.68 16.23 -3.06
N MET A 391 -13.35 16.62 -4.12
CA MET A 391 -13.79 18.01 -4.25
C MET A 391 -15.22 18.08 -4.73
N ALA A 392 -15.96 19.00 -4.16
CA ALA A 392 -17.37 19.13 -4.46
C ALA A 392 -17.75 20.60 -4.53
N SER A 393 -18.71 20.91 -5.38
CA SER A 393 -19.28 22.24 -5.37
C SER A 393 -20.79 22.10 -5.51
N PRO A 394 -21.54 23.04 -4.91
CA PRO A 394 -22.99 22.93 -4.84
C PRO A 394 -23.59 23.05 -6.22
N GLY A 395 -24.80 22.52 -6.36
CA GLY A 395 -25.57 22.58 -7.62
C GLY A 395 -26.86 21.80 -7.44
N ASP A 396 -27.79 21.92 -8.37
CA ASP A 396 -29.10 21.27 -8.26
C ASP A 396 -28.92 19.81 -7.86
N GLU A 397 -28.06 19.13 -8.59
CA GLU A 397 -27.46 17.87 -8.16
C GLU A 397 -25.97 18.16 -8.00
N MET A 398 -25.43 17.81 -6.84
CA MET A 398 -24.11 18.28 -6.44
C MET A 398 -22.96 17.69 -7.26
N LEU A 399 -22.11 18.55 -7.78
CA LEU A 399 -20.95 18.14 -8.58
C LEU A 399 -19.82 17.64 -7.67
N ILE A 400 -19.52 16.34 -7.73
CA ILE A 400 -18.40 15.75 -6.99
C ILE A 400 -17.28 15.34 -7.94
N LYS A 401 -16.04 15.52 -7.50
CA LYS A 401 -14.85 15.10 -8.26
C LYS A 401 -13.87 14.37 -7.32
N LEU A 402 -13.46 13.16 -7.72
CA LEU A 402 -12.32 12.47 -7.10
C LEU A 402 -11.15 12.63 -8.04
N ALA A 403 -10.14 13.40 -7.63
CA ALA A 403 -9.00 13.70 -8.49
C ALA A 403 -7.82 12.98 -7.88
N TYR A 404 -7.16 12.15 -8.67
CA TYR A 404 -6.16 11.23 -8.14
C TYR A 404 -4.97 10.92 -9.05
N ASN A 405 -3.95 10.35 -8.42
CA ASN A 405 -2.71 9.93 -9.06
C ASN A 405 -2.83 8.48 -9.46
N GLU A 406 -2.93 8.19 -10.74
CA GLU A 406 -3.23 6.83 -11.15
C GLU A 406 -1.98 5.96 -11.18
N ASN A 407 -0.82 6.55 -10.94
CA ASN A 407 0.37 5.75 -10.58
C ASN A 407 0.22 5.08 -9.21
N VAL A 408 -0.60 5.68 -8.34
CA VAL A 408 -0.92 5.09 -7.04
C VAL A 408 -2.22 4.32 -7.05
N PHE A 409 -3.28 4.94 -7.56
CA PHE A 409 -4.61 4.29 -7.52
C PHE A 409 -5.11 3.89 -8.91
N ASP A 410 -5.66 2.68 -8.98
CA ASP A 410 -6.37 2.16 -10.15
C ASP A 410 -7.72 2.85 -10.33
N GLU A 411 -8.04 3.16 -11.57
CA GLU A 411 -9.35 3.70 -11.88
C GLU A 411 -10.45 2.79 -11.36
N ALA A 412 -10.25 1.48 -11.47
CA ALA A 412 -11.24 0.53 -10.95
C ALA A 412 -11.54 0.83 -9.47
N PHE A 413 -10.52 1.15 -8.69
CA PHE A 413 -10.73 1.45 -7.29
C PHE A 413 -11.47 2.78 -7.09
N ILE A 414 -11.06 3.81 -7.82
CA ILE A 414 -11.73 5.11 -7.74
C ILE A 414 -13.18 4.95 -8.16
N LEU A 415 -13.46 4.05 -9.10
CA LEU A 415 -14.87 3.72 -9.46
C LEU A 415 -15.64 3.11 -8.29
N ARG A 416 -15.08 2.10 -7.62
CA ARG A 416 -15.74 1.54 -6.44
C ARG A 416 -15.97 2.61 -5.36
N LEU A 417 -14.96 3.47 -5.16
CA LEU A 417 -15.03 4.55 -4.19
C LEU A 417 -16.21 5.47 -4.49
N LYS A 418 -16.40 5.78 -5.77
CA LYS A 418 -17.54 6.60 -6.23
C LYS A 418 -18.87 6.03 -5.74
N SER A 419 -19.16 4.78 -6.11
CA SER A 419 -20.39 4.11 -5.73
C SER A 419 -20.57 3.90 -4.20
N GLN A 420 -19.46 3.82 -3.48
CA GLN A 420 -19.52 3.73 -2.01
C GLN A 420 -19.77 5.11 -1.41
N LEU A 421 -19.22 6.14 -2.03
CA LEU A 421 -19.53 7.49 -1.61
C LEU A 421 -21.00 7.79 -1.86
N LEU A 422 -21.48 7.49 -3.08
CA LEU A 422 -22.90 7.71 -3.39
C LEU A 422 -23.79 6.95 -2.43
N THR A 423 -23.45 5.69 -2.13
CA THR A 423 -24.26 4.94 -1.18
C THR A 423 -24.20 5.57 0.19
N ALA A 424 -23.01 5.97 0.60
CA ALA A 424 -22.81 6.71 1.85
C ALA A 424 -23.76 7.91 1.95
N ILE A 425 -23.79 8.74 0.90
CA ILE A 425 -24.61 9.98 0.87
C ILE A 425 -26.09 9.64 1.07
N GLN A 426 -26.56 8.60 0.38
CA GLN A 426 -27.93 8.13 0.57
C GLN A 426 -28.19 7.70 2.01
N GLN A 427 -27.48 6.66 2.45
CA GLN A 427 -27.83 5.95 3.67
C GLN A 427 -27.61 6.81 4.90
N LEU A 428 -26.53 7.56 4.91
CA LEU A 428 -26.23 8.36 6.08
C LEU A 428 -27.31 9.38 6.39
N ILE A 429 -27.79 10.05 5.34
CA ILE A 429 -28.67 11.19 5.55
C ILE A 429 -30.11 10.70 5.68
N GLN A 430 -30.39 9.55 5.08
CA GLN A 430 -31.67 8.86 5.27
C GLN A 430 -31.78 8.31 6.69
N ASN A 431 -30.66 8.00 7.32
CA ASN A 431 -30.67 7.38 8.63
C ASN A 431 -29.73 8.10 9.59
N PRO A 432 -29.96 9.41 9.77
CA PRO A 432 -29.02 10.28 10.45
C PRO A 432 -28.96 10.12 11.97
N ASP A 433 -29.77 9.22 12.54
CA ASP A 433 -29.77 8.94 13.99
C ASP A 433 -29.35 7.51 14.34
N GLN A 434 -29.02 6.68 13.35
CA GLN A 434 -28.46 5.37 13.63
C GLN A 434 -26.97 5.49 13.92
N PRO A 435 -26.45 4.62 14.79
CA PRO A 435 -25.00 4.55 14.89
C PRO A 435 -24.39 4.40 13.50
N VAL A 436 -23.44 5.27 13.21
CA VAL A 436 -22.76 5.29 11.94
C VAL A 436 -22.18 3.92 11.63
N SER A 437 -21.56 3.28 12.62
CA SER A 437 -20.96 1.95 12.44
C SER A 437 -21.95 0.95 11.85
N THR A 438 -23.23 1.24 12.01
CA THR A 438 -24.32 0.42 11.50
C THR A 438 -24.76 0.67 10.04
N ILE A 439 -24.51 1.85 9.50
CA ILE A 439 -24.93 2.17 8.14
C ILE A 439 -24.26 1.26 7.09
N ASN A 440 -24.98 0.88 6.03
CA ASN A 440 -24.38 0.17 4.91
C ASN A 440 -23.86 1.10 3.82
N LEU A 441 -22.69 0.79 3.28
CA LEU A 441 -22.02 1.64 2.29
C LEU A 441 -21.76 0.96 0.94
N VAL A 442 -22.21 -0.28 0.76
CA VAL A 442 -22.04 -0.98 -0.52
C VAL A 442 -23.34 -0.89 -1.34
N ASP A 443 -23.22 -0.58 -2.62
CA ASP A 443 -24.40 -0.58 -3.50
C ASP A 443 -24.82 -2.03 -3.74
N ASP A 444 -25.98 -2.20 -4.38
CA ASP A 444 -26.55 -3.54 -4.59
C ASP A 444 -25.65 -4.38 -5.48
N ARG A 445 -25.08 -3.76 -6.51
CA ARG A 445 -24.17 -4.45 -7.45
C ARG A 445 -23.00 -5.06 -6.69
N GLU A 446 -22.39 -4.26 -5.82
CA GLU A 446 -21.28 -4.70 -4.97
C GLU A 446 -21.73 -5.67 -3.87
N ARG A 447 -22.90 -5.43 -3.29
CA ARG A 447 -23.38 -6.32 -2.24
C ARG A 447 -23.58 -7.70 -2.81
N GLU A 448 -24.26 -7.77 -3.95
CA GLU A 448 -24.45 -9.04 -4.65
C GLU A 448 -23.12 -9.67 -4.94
N PHE A 449 -22.23 -8.90 -5.56
CA PHE A 449 -20.94 -9.41 -5.94
C PHE A 449 -20.21 -10.05 -4.75
N LEU A 450 -20.24 -9.38 -3.60
CA LEU A 450 -19.50 -9.82 -2.42
C LEU A 450 -20.08 -11.09 -1.81
N LEU A 451 -21.40 -11.18 -1.73
CA LEU A 451 -22.08 -12.28 -1.04
C LEU A 451 -22.22 -13.48 -1.95
N THR A 452 -22.67 -13.22 -3.17
CA THR A 452 -22.95 -14.27 -4.14
C THR A 452 -21.74 -14.49 -5.06
N GLY A 453 -21.20 -13.42 -5.64
CA GLY A 453 -20.17 -13.57 -6.65
C GLY A 453 -18.89 -14.18 -6.14
N LEU A 454 -18.53 -13.86 -4.90
CA LEU A 454 -17.24 -14.29 -4.33
C LEU A 454 -17.28 -15.63 -3.57
N ASN A 455 -18.48 -16.17 -3.39
CA ASN A 455 -18.65 -17.43 -2.65
C ASN A 455 -19.00 -18.57 -3.60
N PRO A 456 -18.91 -19.81 -3.11
CA PRO A 456 -19.26 -20.90 -4.02
C PRO A 456 -20.74 -20.85 -4.41
N PRO A 457 -21.12 -21.60 -5.44
CA PRO A 457 -22.54 -21.73 -5.79
C PRO A 457 -23.42 -22.39 -4.73
N ALA A 458 -24.72 -22.10 -4.80
CA ALA A 458 -25.67 -22.82 -3.97
C ALA A 458 -25.65 -24.27 -4.43
N GLN A 459 -25.64 -25.20 -3.49
CA GLN A 459 -25.69 -26.62 -3.80
C GLN A 459 -26.98 -27.20 -3.25
N ALA A 460 -27.59 -28.11 -4.02
CA ALA A 460 -28.67 -28.93 -3.52
C ALA A 460 -28.11 -29.87 -2.46
N HIS A 461 -27.44 -30.94 -2.94
CA HIS A 461 -27.04 -32.12 -2.13
C HIS A 461 -27.06 -31.93 -0.63
N GLU A 462 -27.71 -32.85 0.08
CA GLU A 462 -27.90 -32.68 1.51
C GLU A 462 -28.12 -33.93 2.33
N THR A 463 -27.09 -34.23 3.12
CA THR A 463 -27.28 -34.62 4.51
C THR A 463 -27.51 -36.09 4.74
N LYS A 464 -26.67 -36.67 5.59
CA LYS A 464 -26.74 -38.08 5.92
C LYS A 464 -25.65 -38.35 6.94
N PRO A 465 -25.93 -39.15 7.98
CA PRO A 465 -24.93 -39.37 9.02
C PRO A 465 -23.59 -39.85 8.47
N LEU A 466 -22.57 -39.76 9.30
CA LEU A 466 -21.27 -40.26 8.91
C LEU A 466 -21.35 -41.77 8.67
N THR A 467 -22.02 -42.47 9.58
CA THR A 467 -22.23 -43.92 9.48
C THR A 467 -22.70 -44.31 8.09
N TYR A 468 -23.55 -43.47 7.49
CA TYR A 468 -24.02 -43.70 6.14
C TYR A 468 -22.92 -43.53 5.09
N TRP A 469 -22.18 -42.44 5.18
CA TRP A 469 -21.09 -42.22 4.23
C TRP A 469 -20.06 -43.32 4.34
N PHE A 470 -19.86 -43.79 5.56
CA PHE A 470 -18.91 -44.85 5.82
C PHE A 470 -19.42 -46.17 5.23
N LYS A 471 -20.71 -46.47 5.45
CA LYS A 471 -21.33 -47.62 4.80
C LYS A 471 -21.13 -47.57 3.29
N GLU A 472 -21.22 -46.38 2.70
CA GLU A 472 -20.97 -46.18 1.26
C GLU A 472 -19.56 -46.61 0.88
N ALA A 473 -18.56 -46.16 1.64
CA ALA A 473 -17.16 -46.48 1.33
C ALA A 473 -16.85 -47.97 1.52
N VAL A 474 -17.46 -48.58 2.54
CA VAL A 474 -17.26 -50.01 2.81
C VAL A 474 -17.87 -50.88 1.72
N ASN A 475 -19.12 -50.57 1.38
CA ASN A 475 -19.83 -51.29 0.32
C ASN A 475 -19.18 -51.16 -1.04
N ALA A 476 -18.48 -50.05 -1.27
CA ALA A 476 -17.70 -49.84 -2.49
C ALA A 476 -16.87 -51.06 -2.82
N ASN A 477 -16.02 -51.48 -1.88
CA ASN A 477 -15.10 -52.62 -2.07
C ASN A 477 -14.54 -53.13 -0.74
N PRO A 478 -15.32 -53.95 -0.02
CA PRO A 478 -14.98 -54.49 1.31
C PRO A 478 -13.53 -54.99 1.48
N ASP A 479 -12.90 -55.43 0.40
CA ASP A 479 -11.56 -56.01 0.48
C ASP A 479 -10.42 -55.00 0.41
N ALA A 480 -10.74 -53.76 0.02
CA ALA A 480 -9.73 -52.72 -0.09
C ALA A 480 -9.17 -52.43 1.30
N PRO A 481 -7.84 -52.29 1.42
CA PRO A 481 -7.22 -51.79 2.65
C PRO A 481 -7.82 -50.46 3.08
N ALA A 482 -8.20 -50.37 4.35
CA ALA A 482 -8.83 -49.17 4.88
C ALA A 482 -7.85 -48.43 5.78
N LEU A 483 -7.26 -49.18 6.71
CA LEU A 483 -6.53 -48.62 7.82
C LEU A 483 -5.22 -49.38 7.97
N THR A 484 -4.13 -48.66 8.24
CA THR A 484 -2.85 -49.29 8.50
C THR A 484 -2.13 -48.63 9.67
N TYR A 485 -1.52 -49.46 10.49
CA TYR A 485 -0.68 -49.02 11.57
C TYR A 485 0.44 -50.05 11.80
N SER A 486 1.69 -49.59 11.70
CA SER A 486 2.88 -50.41 11.94
C SER A 486 2.83 -51.79 11.27
N GLY A 487 2.63 -51.78 9.96
CA GLY A 487 2.44 -53.02 9.20
C GLY A 487 0.99 -53.48 9.25
N GLN A 488 0.52 -53.84 10.43
CA GLN A 488 -0.87 -54.29 10.59
C GLN A 488 -1.83 -53.40 9.80
N THR A 489 -2.47 -54.01 8.80
CA THR A 489 -3.46 -53.33 7.97
C THR A 489 -4.83 -53.98 8.18
N LEU A 490 -5.89 -53.21 7.99
CA LEU A 490 -7.26 -53.72 8.06
C LEU A 490 -8.02 -53.34 6.80
N SER A 491 -8.93 -54.21 6.38
CA SER A 491 -9.77 -53.92 5.23
C SER A 491 -10.97 -53.12 5.71
N TYR A 492 -11.67 -52.46 4.78
CA TYR A 492 -12.89 -51.76 5.12
C TYR A 492 -13.88 -52.71 5.81
N ARG A 493 -13.95 -53.96 5.33
CA ARG A 493 -14.69 -55.04 6.00
C ARG A 493 -14.27 -55.21 7.46
N GLU A 494 -13.02 -55.62 7.69
CA GLU A 494 -12.54 -55.91 9.03
C GLU A 494 -12.78 -54.72 9.96
N LEU A 495 -12.39 -53.53 9.49
CA LEU A 495 -12.55 -52.30 10.27
C LEU A 495 -14.00 -52.09 10.63
N ASP A 496 -14.87 -52.25 9.64
CA ASP A 496 -16.31 -52.10 9.84
C ASP A 496 -16.82 -53.00 10.97
N GLU A 497 -16.45 -54.27 10.92
CA GLU A 497 -16.93 -55.26 11.89
C GLU A 497 -16.43 -54.95 13.30
N GLU A 498 -15.10 -54.76 13.43
CA GLU A 498 -14.50 -54.39 14.71
C GLU A 498 -15.18 -53.16 15.31
N ALA A 499 -15.71 -52.30 14.44
CA ALA A 499 -16.44 -51.10 14.87
C ALA A 499 -17.92 -51.38 15.21
N ASN A 500 -18.52 -52.39 14.59
CA ASN A 500 -19.90 -52.73 14.92
C ASN A 500 -19.97 -53.36 16.29
N ARG A 501 -19.06 -54.31 16.50
CA ARG A 501 -18.79 -54.86 17.82
C ARG A 501 -18.72 -53.74 18.86
N ILE A 502 -17.84 -52.77 18.65
CA ILE A 502 -17.64 -51.67 19.62
C ILE A 502 -18.85 -50.76 19.69
N ALA A 503 -19.51 -50.56 18.55
CA ALA A 503 -20.74 -49.77 18.53
C ALA A 503 -21.85 -50.42 19.37
N ARG A 504 -21.85 -51.76 19.46
CA ARG A 504 -22.91 -52.48 20.18
C ARG A 504 -22.66 -52.56 21.68
N ARG A 505 -21.41 -52.83 22.05
CA ARG A 505 -21.02 -52.91 23.45
C ARG A 505 -21.30 -51.57 24.10
N LEU A 506 -20.96 -50.50 23.38
CA LEU A 506 -21.27 -49.14 23.78
C LEU A 506 -22.76 -49.00 23.99
N GLN A 507 -23.50 -49.34 22.96
CA GLN A 507 -24.94 -49.15 22.94
C GLN A 507 -25.58 -49.91 24.10
N LYS A 508 -25.07 -51.13 24.33
CA LYS A 508 -25.43 -51.95 25.50
C LYS A 508 -25.24 -51.21 26.81
N HIS A 509 -24.03 -50.66 26.99
CA HIS A 509 -23.68 -50.02 28.26
C HIS A 509 -24.34 -48.64 28.39
N GLY A 510 -25.22 -48.33 27.42
CA GLY A 510 -26.02 -47.12 27.48
C GLY A 510 -25.32 -45.89 26.97
N ALA A 511 -24.57 -46.02 25.88
CA ALA A 511 -23.99 -44.85 25.21
C ALA A 511 -25.09 -44.14 24.43
N GLY A 512 -25.51 -44.76 23.32
CA GLY A 512 -26.59 -44.23 22.48
C GLY A 512 -26.49 -42.77 22.04
N LYS A 513 -27.65 -42.15 21.83
CA LYS A 513 -27.74 -40.75 21.43
C LYS A 513 -27.62 -39.85 22.66
N GLY A 514 -27.13 -38.63 22.44
CA GLY A 514 -27.13 -37.59 23.47
C GLY A 514 -26.06 -37.71 24.54
N SER A 515 -25.27 -38.78 24.52
CA SER A 515 -24.15 -38.92 25.43
C SER A 515 -22.81 -38.71 24.70
N VAL A 516 -21.78 -38.43 25.49
CA VAL A 516 -20.42 -38.27 25.00
C VAL A 516 -19.57 -39.46 25.44
N VAL A 517 -18.78 -40.01 24.52
CA VAL A 517 -17.87 -41.10 24.85
C VAL A 517 -16.42 -40.63 24.80
N ALA A 518 -15.69 -40.91 25.89
CA ALA A 518 -14.32 -40.43 26.04
C ALA A 518 -13.32 -41.43 25.46
N LEU A 519 -12.62 -41.05 24.39
CA LEU A 519 -11.54 -41.88 23.85
C LEU A 519 -10.24 -41.64 24.62
N TYR A 520 -9.50 -42.69 24.92
CA TYR A 520 -8.25 -42.59 25.67
C TYR A 520 -7.20 -43.49 25.03
N THR A 521 -6.83 -43.17 23.80
CA THR A 521 -6.01 -44.08 23.00
C THR A 521 -4.73 -43.42 22.52
N LYS A 522 -3.65 -44.18 22.61
CA LYS A 522 -2.41 -43.84 21.92
C LYS A 522 -2.63 -44.24 20.47
N ARG A 523 -1.86 -43.65 19.55
CA ARG A 523 -2.11 -43.87 18.13
C ARG A 523 -1.96 -45.34 17.79
N SER A 524 -2.97 -45.92 17.17
CA SER A 524 -3.04 -47.36 16.97
C SER A 524 -4.15 -47.66 16.01
N LEU A 525 -4.36 -48.92 15.67
CA LEU A 525 -5.56 -49.29 14.93
C LEU A 525 -6.77 -48.97 15.82
N GLU A 526 -6.65 -49.27 17.12
CA GLU A 526 -7.75 -49.14 18.07
C GLU A 526 -8.34 -47.73 18.07
N LEU A 527 -7.46 -46.74 18.21
CA LEU A 527 -7.83 -45.31 18.07
C LEU A 527 -8.97 -45.12 17.07
N VAL A 528 -8.74 -45.59 15.83
CA VAL A 528 -9.69 -45.41 14.74
C VAL A 528 -10.95 -46.24 14.96
N ILE A 529 -10.80 -47.44 15.48
CA ILE A 529 -11.93 -48.34 15.71
C ILE A 529 -12.83 -47.74 16.79
N GLY A 530 -12.20 -47.16 17.82
CA GLY A 530 -12.90 -46.38 18.82
C GLY A 530 -13.79 -45.32 18.20
N ILE A 531 -13.21 -44.51 17.31
CA ILE A 531 -13.96 -43.41 16.72
C ILE A 531 -15.22 -43.92 16.01
N LEU A 532 -15.07 -44.89 15.12
CA LEU A 532 -16.21 -45.43 14.38
C LEU A 532 -17.25 -46.04 15.30
N GLY A 533 -16.80 -46.88 16.24
CA GLY A 533 -17.72 -47.51 17.21
C GLY A 533 -18.59 -46.46 17.87
N VAL A 534 -17.99 -45.34 18.26
CA VAL A 534 -18.71 -44.26 18.94
C VAL A 534 -19.74 -43.60 18.04
N LEU A 535 -19.36 -43.34 16.78
CA LEU A 535 -20.29 -42.77 15.81
C LEU A 535 -21.40 -43.75 15.44
N LYS A 536 -21.03 -45.01 15.27
CA LYS A 536 -21.97 -46.06 14.89
C LYS A 536 -23.00 -46.33 15.98
N ALA A 537 -22.62 -46.06 17.24
CA ALA A 537 -23.54 -46.18 18.38
C ALA A 537 -24.35 -44.89 18.62
N GLY A 538 -24.30 -43.94 17.66
CA GLY A 538 -25.07 -42.70 17.77
C GLY A 538 -24.54 -41.67 18.76
N ALA A 539 -23.32 -41.83 19.24
CA ALA A 539 -22.79 -40.93 20.27
C ALA A 539 -21.76 -40.00 19.67
N ALA A 540 -21.21 -39.15 20.54
CA ALA A 540 -20.14 -38.23 20.17
C ALA A 540 -18.84 -38.67 20.86
N TYR A 541 -17.73 -38.61 20.15
CA TYR A 541 -16.47 -39.06 20.76
C TYR A 541 -15.73 -37.86 21.26
N LEU A 542 -14.98 -38.07 22.33
CA LEU A 542 -14.16 -37.04 22.93
C LEU A 542 -12.73 -37.57 22.95
N PRO A 543 -11.87 -37.08 22.05
CA PRO A 543 -10.49 -37.51 22.08
C PRO A 543 -9.76 -36.94 23.29
N VAL A 544 -9.15 -37.80 24.09
CA VAL A 544 -8.33 -37.34 25.21
C VAL A 544 -6.88 -37.68 24.94
N ASP A 545 -6.07 -36.62 24.79
CA ASP A 545 -4.63 -36.70 24.57
C ASP A 545 -3.93 -37.27 25.82
N PRO A 546 -3.45 -38.53 25.74
CA PRO A 546 -2.83 -39.17 26.90
C PRO A 546 -1.73 -38.37 27.60
N LYS A 547 -1.08 -37.42 26.90
CA LYS A 547 0.05 -36.67 27.47
C LYS A 547 -0.39 -35.44 28.26
N LEU A 548 -1.69 -35.15 28.30
CA LEU A 548 -2.21 -34.00 29.06
C LEU A 548 -2.11 -34.26 30.56
N PRO A 549 -2.08 -33.19 31.38
CA PRO A 549 -1.98 -33.39 32.82
C PRO A 549 -3.26 -33.96 33.41
N GLU A 550 -3.17 -34.67 34.52
CA GLU A 550 -4.35 -35.33 35.12
C GLU A 550 -5.55 -34.37 35.23
N ASP A 551 -5.28 -33.14 35.63
CA ASP A 551 -6.34 -32.19 35.97
C ASP A 551 -7.01 -31.51 34.78
N ARG A 552 -6.33 -31.47 33.63
CA ARG A 552 -6.94 -30.97 32.38
C ARG A 552 -7.88 -32.03 31.82
N ILE A 553 -7.61 -33.29 32.11
CA ILE A 553 -8.46 -34.39 31.67
C ILE A 553 -9.70 -34.42 32.54
N SER A 554 -9.50 -34.37 33.85
CA SER A 554 -10.59 -34.30 34.81
C SER A 554 -11.58 -33.17 34.51
N TYR A 555 -11.08 -32.05 34.00
CA TYR A 555 -11.96 -30.97 33.60
C TYR A 555 -12.81 -31.43 32.44
N MET A 556 -12.13 -31.89 31.39
CA MET A 556 -12.79 -32.29 30.15
C MET A 556 -13.78 -33.41 30.40
N LEU A 557 -13.44 -34.31 31.31
CA LEU A 557 -14.36 -35.37 31.69
C LEU A 557 -15.68 -34.81 32.23
N ALA A 558 -15.62 -34.03 33.31
CA ALA A 558 -16.83 -33.47 33.90
C ALA A 558 -17.57 -32.60 32.87
N ASP A 559 -16.88 -31.63 32.29
CA ASP A 559 -17.51 -30.66 31.41
C ASP A 559 -18.31 -31.34 30.30
N SER A 560 -17.71 -32.33 29.66
CA SER A 560 -18.35 -33.06 28.55
C SER A 560 -19.51 -33.94 29.03
N ALA A 561 -19.46 -34.33 30.31
CA ALA A 561 -20.46 -35.24 30.89
C ALA A 561 -20.20 -36.68 30.45
N ALA A 562 -18.94 -36.99 30.16
CA ALA A 562 -18.58 -38.25 29.52
C ALA A 562 -19.05 -39.44 30.32
N ALA A 563 -20.18 -40.03 29.91
CA ALA A 563 -20.76 -41.19 30.59
C ALA A 563 -19.86 -42.43 30.49
N CYS A 564 -19.01 -42.49 29.48
CA CYS A 564 -18.21 -43.67 29.24
C CYS A 564 -16.82 -43.35 28.67
N LEU A 565 -15.90 -44.29 28.88
CA LEU A 565 -14.46 -44.10 28.59
C LEU A 565 -13.84 -45.32 27.92
N LEU A 566 -13.33 -45.11 26.72
CA LEU A 566 -13.04 -46.21 25.79
C LEU A 566 -11.53 -46.27 25.50
N THR A 567 -10.86 -47.37 25.88
CA THR A 567 -9.39 -47.42 25.89
C THR A 567 -8.73 -48.66 25.25
N HIS A 568 -7.56 -49.06 25.76
CA HIS A 568 -6.48 -49.59 24.94
C HIS A 568 -5.78 -50.83 25.47
N GLN A 569 -5.24 -50.73 26.68
CA GLN A 569 -4.42 -51.78 27.34
C GLN A 569 -2.96 -51.37 27.46
N GLU A 570 -2.37 -50.76 26.42
CA GLU A 570 -1.11 -50.04 26.64
C GLU A 570 -1.40 -48.74 27.40
N MET A 571 -2.67 -48.38 27.45
CA MET A 571 -3.14 -47.31 28.32
C MET A 571 -3.88 -47.85 29.54
N LYS A 572 -3.47 -49.01 30.07
CA LYS A 572 -4.15 -49.64 31.22
C LYS A 572 -4.15 -48.79 32.50
N GLU A 573 -3.28 -47.79 32.59
CA GLU A 573 -3.39 -46.74 33.61
C GLU A 573 -4.42 -45.63 33.22
N GLN A 574 -5.52 -46.06 32.61
CA GLN A 574 -6.76 -45.30 32.65
C GLN A 574 -7.23 -45.29 34.10
N ALA A 575 -6.84 -46.32 34.85
CA ALA A 575 -6.86 -46.22 36.30
C ALA A 575 -5.90 -45.09 36.66
N ALA A 576 -4.60 -45.38 36.58
CA ALA A 576 -3.57 -44.43 36.97
C ALA A 576 -3.97 -43.84 38.32
N GLU A 577 -4.20 -42.53 38.35
CA GLU A 577 -4.99 -41.89 39.40
C GLU A 577 -5.68 -40.70 38.75
N LEU A 578 -6.60 -40.96 37.82
CA LEU A 578 -7.25 -39.90 37.02
C LEU A 578 -8.11 -38.92 37.87
N PRO A 579 -9.13 -39.42 38.59
CA PRO A 579 -9.79 -40.73 38.51
C PRO A 579 -10.98 -40.63 37.55
N TYR A 580 -11.85 -41.62 37.57
CA TYR A 580 -13.04 -41.66 36.71
C TYR A 580 -13.85 -42.89 37.09
N THR A 581 -14.95 -42.69 37.84
CA THR A 581 -15.78 -43.81 38.31
C THR A 581 -16.85 -44.20 37.27
N GLY A 582 -16.76 -43.60 36.08
CA GLY A 582 -17.59 -43.99 34.95
C GLY A 582 -17.16 -45.33 34.38
N THR A 583 -17.96 -45.85 33.46
CA THR A 583 -17.69 -47.12 32.83
C THR A 583 -16.54 -46.95 31.85
N THR A 584 -15.59 -47.89 31.87
CA THR A 584 -14.45 -47.83 30.96
C THR A 584 -14.21 -49.18 30.28
N LEU A 585 -14.27 -49.21 28.94
CA LEU A 585 -14.13 -50.47 28.19
C LEU A 585 -13.03 -50.45 27.14
N PHE A 586 -12.29 -51.55 27.07
CA PHE A 586 -11.13 -51.71 26.18
C PHE A 586 -11.52 -52.39 24.88
N ILE A 587 -10.93 -51.99 23.75
CA ILE A 587 -10.96 -52.84 22.54
C ILE A 587 -9.63 -53.60 22.30
N ASP A 588 -8.69 -53.49 23.23
CA ASP A 588 -7.80 -54.62 23.47
C ASP A 588 -8.64 -55.90 23.70
N ASP A 589 -9.77 -55.75 24.39
CA ASP A 589 -10.44 -56.87 25.06
C ASP A 589 -10.87 -57.98 24.10
N GLN A 590 -10.43 -59.20 24.37
CA GLN A 590 -10.82 -60.34 23.53
C GLN A 590 -12.28 -60.77 23.75
N THR A 591 -12.94 -60.23 24.79
CA THR A 591 -14.37 -60.49 25.06
C THR A 591 -15.29 -59.76 24.07
N ARG A 592 -14.73 -58.88 23.25
CA ARG A 592 -15.52 -58.14 22.26
C ARG A 592 -16.16 -59.06 21.23
N PHE A 593 -15.47 -60.14 20.88
CA PHE A 593 -15.92 -61.04 19.81
C PHE A 593 -17.26 -61.73 20.12
N GLU A 594 -17.71 -61.65 21.37
CA GLU A 594 -19.00 -62.21 21.78
C GLU A 594 -20.19 -61.55 21.06
N GLU A 595 -20.10 -60.24 20.83
CA GLU A 595 -21.17 -59.49 20.15
C GLU A 595 -21.09 -59.61 18.63
N GLN A 596 -22.19 -59.13 17.98
CA GLN A 596 -22.34 -59.27 16.53
C GLN A 596 -21.47 -58.29 15.77
N ALA A 597 -21.02 -58.70 14.58
CA ALA A 597 -20.20 -57.85 13.70
C ALA A 597 -21.05 -57.20 12.61
N SER A 598 -22.37 -57.25 12.76
CA SER A 598 -23.27 -56.38 12.00
C SER A 598 -23.40 -55.11 12.81
N ASP A 599 -23.73 -54.01 12.16
CA ASP A 599 -23.91 -52.75 12.87
C ASP A 599 -25.33 -52.71 13.40
N PRO A 600 -25.61 -51.81 14.36
CA PRO A 600 -27.00 -51.56 14.72
C PRO A 600 -27.65 -50.61 13.73
N ALA A 601 -28.96 -50.52 13.77
CA ALA A 601 -29.71 -49.67 12.84
C ALA A 601 -29.84 -48.28 13.44
N THR A 602 -28.75 -47.71 13.94
CA THR A 602 -28.85 -46.52 14.78
C THR A 602 -29.29 -45.32 13.97
N ALA A 603 -30.58 -45.04 13.99
CA ALA A 603 -31.10 -43.82 13.40
C ALA A 603 -30.31 -42.62 13.95
N ILE A 604 -29.72 -41.83 13.06
CA ILE A 604 -28.91 -40.66 13.46
C ILE A 604 -29.31 -39.40 12.72
N ASP A 605 -29.39 -38.29 13.45
CA ASP A 605 -29.69 -36.99 12.85
C ASP A 605 -28.36 -36.30 12.58
N PRO A 606 -28.09 -35.98 11.29
CA PRO A 606 -26.90 -35.23 10.88
C PRO A 606 -26.50 -34.11 11.84
N ASN A 607 -27.47 -33.34 12.31
CA ASN A 607 -27.17 -32.21 13.22
C ASN A 607 -26.81 -32.62 14.66
N ASP A 608 -26.83 -33.92 14.96
CA ASP A 608 -26.40 -34.40 16.26
C ASP A 608 -24.90 -34.27 16.38
N PRO A 609 -24.40 -34.21 17.62
CA PRO A 609 -22.95 -34.17 17.77
C PRO A 609 -22.22 -35.42 17.23
N ALA A 610 -21.08 -35.19 16.57
CA ALA A 610 -20.15 -36.24 16.17
C ALA A 610 -19.00 -36.32 17.18
N TYR A 611 -18.47 -35.16 17.55
CA TYR A 611 -17.43 -35.13 18.57
C TYR A 611 -17.25 -33.80 19.26
N ILE A 612 -16.48 -33.85 20.34
CA ILE A 612 -16.08 -32.68 21.08
C ILE A 612 -14.56 -32.71 21.20
N MET A 613 -13.92 -31.61 20.85
CA MET A 613 -12.53 -31.39 21.22
C MET A 613 -12.39 -29.98 21.79
N TYR A 614 -11.58 -29.89 22.84
CA TYR A 614 -11.40 -28.64 23.54
C TYR A 614 -10.30 -27.85 22.84
N THR A 615 -10.40 -26.53 22.92
CA THR A 615 -9.28 -25.67 22.54
C THR A 615 -9.13 -24.60 23.58
N SER A 616 -7.97 -23.94 23.55
CA SER A 616 -7.70 -22.81 24.42
C SER A 616 -8.04 -21.51 23.68
N GLY A 617 -9.05 -20.81 24.17
CA GLY A 617 -9.39 -19.47 23.69
C GLY A 617 -9.81 -18.58 24.86
N THR A 618 -10.82 -19.03 25.61
CA THR A 618 -11.34 -18.28 26.78
C THR A 618 -10.25 -18.11 27.85
N THR A 619 -9.41 -17.08 27.65
CA THR A 619 -8.25 -16.83 28.50
C THR A 619 -8.59 -17.22 29.95
N GLY A 620 -7.97 -18.30 30.42
CA GLY A 620 -8.36 -18.98 31.65
C GLY A 620 -8.37 -20.48 31.39
N LYS A 621 -9.56 -21.07 31.35
CA LYS A 621 -9.71 -22.52 31.16
C LYS A 621 -10.18 -22.85 29.74
N PRO A 622 -9.95 -24.10 29.29
CA PRO A 622 -10.18 -24.43 27.88
C PRO A 622 -11.64 -24.75 27.56
N LYS A 623 -12.07 -24.46 26.33
CA LYS A 623 -13.49 -24.57 25.94
C LYS A 623 -13.79 -25.65 24.88
N GLY A 624 -14.80 -26.48 25.16
CA GLY A 624 -15.22 -27.56 24.28
C GLY A 624 -16.13 -27.10 23.16
N ASN A 625 -15.79 -27.46 21.92
CA ASN A 625 -16.59 -27.16 20.76
C ASN A 625 -17.33 -28.43 20.34
N ILE A 626 -18.60 -28.31 19.95
CA ILE A 626 -19.43 -29.44 19.53
C ILE A 626 -19.48 -29.55 18.00
N THR A 627 -18.75 -30.53 17.43
CA THR A 627 -18.75 -30.76 16.00
C THR A 627 -19.76 -31.84 15.62
N THR A 628 -20.30 -31.72 14.40
CA THR A 628 -21.56 -32.35 13.98
C THR A 628 -21.32 -33.27 12.77
N HIS A 629 -22.17 -34.25 12.59
CA HIS A 629 -22.04 -35.13 11.43
C HIS A 629 -22.10 -34.26 10.16
N ALA A 630 -23.15 -33.48 10.04
CA ALA A 630 -23.33 -32.60 8.90
C ALA A 630 -22.16 -31.64 8.75
N ASN A 631 -21.62 -31.16 9.88
CA ASN A 631 -20.40 -30.37 9.83
C ASN A 631 -19.37 -31.09 9.01
N ILE A 632 -19.14 -32.36 9.33
CA ILE A 632 -18.02 -33.09 8.77
C ILE A 632 -18.24 -33.43 7.28
N GLN A 633 -19.49 -33.72 6.93
CA GLN A 633 -19.89 -33.88 5.53
C GLN A 633 -19.50 -32.67 4.69
N GLY A 634 -19.61 -31.48 5.27
CA GLY A 634 -19.22 -30.25 4.57
C GLY A 634 -17.78 -30.20 4.09
N LEU A 635 -16.86 -30.79 4.85
CA LEU A 635 -15.42 -30.68 4.58
C LEU A 635 -14.98 -31.59 3.45
N VAL A 636 -15.71 -32.70 3.27
CA VAL A 636 -15.24 -33.86 2.50
C VAL A 636 -16.17 -34.37 1.39
N LYS A 637 -17.45 -34.05 1.46
CA LYS A 637 -18.39 -34.45 0.41
C LYS A 637 -18.94 -33.25 -0.35
N HIS A 638 -18.99 -33.37 -1.68
CA HIS A 638 -19.44 -32.29 -2.55
C HIS A 638 -18.56 -31.06 -2.39
N VAL A 639 -17.25 -31.26 -2.51
CA VAL A 639 -16.28 -30.17 -2.47
C VAL A 639 -15.34 -30.28 -3.67
N ASP A 640 -15.06 -29.16 -4.33
CA ASP A 640 -14.26 -29.18 -5.56
C ASP A 640 -12.83 -28.67 -5.41
N TYR A 641 -12.45 -28.20 -4.22
CA TYR A 641 -11.04 -28.04 -3.93
C TYR A 641 -10.53 -29.48 -4.00
N MET A 642 -9.58 -29.74 -4.90
CA MET A 642 -9.41 -31.10 -5.58
C MET A 642 -10.20 -32.35 -5.04
N ALA A 643 -10.03 -33.49 -5.72
CA ALA A 643 -10.84 -34.67 -5.44
C ALA A 643 -9.98 -35.84 -5.01
N PHE A 644 -10.41 -36.56 -3.98
CA PHE A 644 -9.67 -37.71 -3.48
C PHE A 644 -10.41 -39.01 -3.84
N SER A 645 -9.66 -40.11 -3.95
CA SER A 645 -10.22 -41.34 -4.49
C SER A 645 -9.73 -42.65 -3.84
N ASP A 646 -10.35 -43.73 -4.30
CA ASP A 646 -9.96 -45.09 -3.98
C ASP A 646 -8.44 -45.33 -4.12
N GLN A 647 -7.80 -44.55 -4.98
CA GLN A 647 -6.39 -44.75 -5.30
C GLN A 647 -5.44 -43.98 -4.41
N ASP A 648 -5.94 -43.25 -3.42
CA ASP A 648 -5.07 -42.48 -2.53
C ASP A 648 -4.69 -43.25 -1.27
N THR A 649 -3.49 -42.95 -0.78
CA THR A 649 -2.98 -43.42 0.49
C THR A 649 -2.62 -42.19 1.33
N PHE A 650 -3.41 -41.98 2.40
CA PHE A 650 -3.21 -40.87 3.33
C PHE A 650 -2.26 -41.25 4.47
N LEU A 651 -1.49 -40.27 4.93
CA LEU A 651 -0.77 -40.41 6.18
C LEU A 651 -1.30 -39.41 7.18
N SER A 652 -1.78 -39.92 8.31
CA SER A 652 -2.19 -39.02 9.38
C SER A 652 -1.00 -38.74 10.26
N VAL A 653 -0.60 -37.48 10.35
CA VAL A 653 0.43 -37.08 11.27
C VAL A 653 -0.11 -36.18 12.37
N SER A 654 -1.44 -35.98 12.42
CA SER A 654 -2.02 -34.98 13.32
C SER A 654 -2.64 -35.61 14.56
N ASN A 655 -2.26 -35.12 15.73
CA ASN A 655 -2.82 -35.57 16.99
C ASN A 655 -4.37 -35.56 17.02
N TYR A 656 -4.98 -36.65 17.48
CA TYR A 656 -6.45 -36.81 17.38
C TYR A 656 -7.24 -35.92 18.33
N ALA A 657 -6.54 -35.21 19.20
CA ALA A 657 -7.11 -34.11 19.93
C ALA A 657 -7.30 -32.84 19.07
N PHE A 658 -6.65 -32.74 17.89
CA PHE A 658 -6.77 -31.52 17.05
C PHE A 658 -7.56 -31.81 15.79
N ASP A 659 -8.36 -30.87 15.31
CA ASP A 659 -9.26 -31.21 14.20
C ASP A 659 -8.60 -31.28 12.84
N ALA A 660 -7.27 -31.13 12.77
CA ALA A 660 -6.53 -31.57 11.59
C ALA A 660 -6.81 -33.05 11.36
N PHE A 661 -6.87 -33.80 12.46
CA PHE A 661 -7.11 -35.21 12.36
C PHE A 661 -8.48 -35.54 11.78
N THR A 662 -9.48 -34.68 12.01
CA THR A 662 -10.77 -34.95 11.45
C THR A 662 -10.67 -34.94 9.92
N PHE A 663 -9.81 -34.10 9.33
CA PHE A 663 -9.53 -34.20 7.90
C PHE A 663 -8.89 -35.52 7.58
N ASP A 664 -7.76 -35.82 8.22
CA ASP A 664 -7.05 -37.08 8.00
C ASP A 664 -8.02 -38.25 7.88
N PHE A 665 -8.81 -38.43 8.94
CA PHE A 665 -9.66 -39.59 9.10
C PHE A 665 -10.83 -39.57 8.13
N TYR A 666 -11.55 -38.46 8.05
CA TYR A 666 -12.79 -38.45 7.27
C TYR A 666 -12.57 -38.27 5.75
N ALA A 667 -11.59 -37.47 5.35
CA ALA A 667 -11.30 -37.31 3.91
C ALA A 667 -10.80 -38.61 3.27
N SER A 668 -10.04 -39.41 4.02
CA SER A 668 -9.62 -40.74 3.56
C SER A 668 -10.79 -41.73 3.60
N MET A 669 -11.25 -41.98 4.81
CA MET A 669 -12.16 -43.06 5.08
C MET A 669 -13.54 -42.90 4.39
N LEU A 670 -13.90 -41.67 4.01
CA LEU A 670 -15.13 -41.43 3.24
C LEU A 670 -14.89 -41.23 1.73
N ASN A 671 -13.66 -41.45 1.28
CA ASN A 671 -13.38 -41.54 -0.16
C ASN A 671 -12.76 -42.90 -0.50
N ALA A 672 -12.78 -43.83 0.44
CA ALA A 672 -12.37 -45.21 0.17
C ALA A 672 -10.87 -45.30 -0.05
N ALA A 673 -10.13 -44.41 0.60
CA ALA A 673 -8.68 -44.40 0.52
C ALA A 673 -8.09 -45.17 1.69
N ARG A 674 -6.78 -45.41 1.65
CA ARG A 674 -6.06 -46.02 2.77
C ARG A 674 -5.65 -44.92 3.71
N LEU A 675 -5.82 -45.17 5.00
CA LEU A 675 -5.37 -44.25 6.02
C LEU A 675 -4.21 -44.90 6.74
N ILE A 676 -3.06 -44.24 6.73
CA ILE A 676 -1.92 -44.68 7.51
C ILE A 676 -1.82 -43.79 8.74
N ILE A 677 -1.84 -44.42 9.92
CA ILE A 677 -1.65 -43.73 11.18
C ILE A 677 -0.18 -43.80 11.62
N ALA A 678 0.54 -42.69 11.58
CA ALA A 678 1.91 -42.64 12.04
C ALA A 678 1.99 -42.89 13.55
N ASP A 679 2.98 -43.63 14.02
CA ASP A 679 3.15 -43.82 15.46
C ASP A 679 3.56 -42.52 16.12
N GLU A 680 3.33 -42.44 17.42
CA GLU A 680 3.60 -41.22 18.19
C GLU A 680 5.01 -40.65 17.95
N HIS A 681 6.00 -41.53 17.87
CA HIS A 681 7.41 -41.10 17.80
C HIS A 681 7.80 -40.63 16.42
N THR A 682 6.92 -40.82 15.45
CA THR A 682 7.20 -40.40 14.10
C THR A 682 6.66 -39.00 13.88
N LEU A 683 5.73 -38.53 14.71
CA LEU A 683 5.01 -37.29 14.40
C LEU A 683 5.92 -36.12 14.01
N LEU A 684 6.83 -35.71 14.89
CA LEU A 684 7.70 -34.57 14.59
C LEU A 684 9.14 -35.00 14.25
N ASP A 685 9.32 -36.15 13.61
CA ASP A 685 10.66 -36.70 13.30
C ASP A 685 10.79 -36.88 11.80
N THR A 686 11.60 -36.05 11.14
CA THR A 686 11.48 -35.92 9.70
C THR A 686 12.06 -37.11 8.96
N GLU A 687 13.00 -37.80 9.62
CA GLU A 687 13.64 -38.96 9.04
C GLU A 687 12.67 -40.14 9.05
N ARG A 688 12.02 -40.38 10.18
CA ARG A 688 11.00 -41.41 10.25
C ARG A 688 9.87 -41.12 9.29
N LEU A 689 9.41 -39.87 9.30
CA LEU A 689 8.31 -39.46 8.43
C LEU A 689 8.64 -39.74 6.98
N THR A 690 9.85 -39.38 6.58
CA THR A 690 10.27 -39.57 5.21
C THR A 690 10.28 -41.04 4.84
N ASP A 691 10.70 -41.90 5.78
CA ASP A 691 10.74 -43.34 5.53
C ASP A 691 9.34 -43.94 5.44
N LEU A 692 8.45 -43.53 6.33
CA LEU A 692 7.09 -44.07 6.33
C LEU A 692 6.41 -43.70 5.02
N ILE A 693 6.57 -42.45 4.64
CA ILE A 693 6.09 -41.93 3.38
C ILE A 693 6.63 -42.79 2.23
N LEU A 694 7.94 -42.98 2.20
CA LEU A 694 8.57 -43.78 1.16
C LEU A 694 8.09 -45.25 1.20
N GLN A 695 8.10 -45.89 2.37
CA GLN A 695 7.78 -47.32 2.39
C GLN A 695 6.29 -47.65 2.25
N GLU A 696 5.41 -46.68 2.47
CA GLU A 696 3.96 -46.94 2.38
C GLU A 696 3.30 -46.39 1.14
N ASN A 697 4.09 -45.73 0.31
CA ASN A 697 3.59 -45.08 -0.91
C ASN A 697 2.42 -44.13 -0.61
N VAL A 698 2.66 -43.25 0.35
CA VAL A 698 1.70 -42.23 0.68
C VAL A 698 1.71 -41.23 -0.47
N ASN A 699 0.51 -40.77 -0.86
CA ASN A 699 0.38 -39.75 -1.88
C ASN A 699 -0.38 -38.49 -1.42
N VAL A 700 -1.05 -38.53 -0.28
CA VAL A 700 -1.75 -37.34 0.28
C VAL A 700 -1.41 -37.17 1.75
N MET A 701 -1.28 -35.92 2.21
CA MET A 701 -0.93 -35.66 3.61
C MET A 701 -1.22 -34.24 4.07
N PHE A 702 -1.82 -34.12 5.27
CA PHE A 702 -1.93 -32.85 5.99
C PHE A 702 -0.83 -32.70 7.01
N ALA A 703 -0.03 -31.64 6.90
CA ALA A 703 0.95 -31.33 7.95
C ALA A 703 0.66 -29.95 8.54
N THR A 704 0.89 -29.77 9.83
CA THR A 704 0.91 -28.42 10.40
C THR A 704 1.89 -27.62 9.55
N THR A 705 1.76 -26.30 9.54
CA THR A 705 2.67 -25.44 8.82
C THR A 705 4.10 -25.60 9.36
N ALA A 706 4.25 -25.72 10.67
CA ALA A 706 5.58 -25.89 11.25
C ALA A 706 6.20 -27.22 10.77
N LEU A 707 5.43 -28.30 10.71
CA LEU A 707 5.99 -29.59 10.27
C LEU A 707 6.37 -29.53 8.79
N PHE A 708 5.46 -29.02 7.98
CA PHE A 708 5.72 -28.79 6.57
C PHE A 708 7.02 -28.04 6.35
N ASN A 709 7.20 -26.90 7.01
CA ASN A 709 8.47 -26.16 6.85
C ASN A 709 9.62 -27.04 7.35
N LEU A 710 9.40 -27.73 8.46
CA LEU A 710 10.43 -28.56 9.05
C LEU A 710 10.89 -29.64 8.06
N LEU A 711 9.94 -30.39 7.54
CA LEU A 711 10.18 -31.39 6.50
C LEU A 711 10.90 -30.79 5.28
N THR A 712 10.36 -29.70 4.76
CA THR A 712 10.94 -29.01 3.62
C THR A 712 12.42 -28.63 3.80
N ASP A 713 12.83 -28.28 5.01
CA ASP A 713 14.24 -27.95 5.26
C ASP A 713 15.11 -29.19 5.44
N ALA A 714 14.49 -30.34 5.70
CA ALA A 714 15.23 -31.58 5.97
C ALA A 714 15.62 -32.34 4.69
N GLY A 715 14.76 -32.28 3.66
CA GLY A 715 15.01 -33.02 2.42
C GLY A 715 13.92 -32.83 1.39
N GLU A 716 14.13 -33.41 0.21
CA GLU A 716 13.17 -33.32 -0.89
C GLU A 716 12.45 -34.65 -1.15
N ASP A 717 13.10 -35.77 -0.90
CA ASP A 717 12.55 -37.08 -1.28
C ASP A 717 11.15 -37.34 -0.74
N TRP A 718 10.91 -36.98 0.50
CA TRP A 718 9.58 -37.18 1.08
C TRP A 718 8.43 -36.60 0.24
N MET A 719 8.68 -35.51 -0.49
CA MET A 719 7.58 -34.81 -1.19
C MET A 719 7.40 -35.24 -2.63
N LYS A 720 8.45 -35.82 -3.20
CA LYS A 720 8.53 -36.15 -4.62
C LYS A 720 7.44 -37.12 -5.11
N GLY A 721 6.97 -38.00 -4.23
CA GLY A 721 5.90 -38.94 -4.57
C GLY A 721 4.54 -38.54 -4.04
N LEU A 722 4.41 -37.31 -3.53
CA LEU A 722 3.12 -36.83 -3.03
C LEU A 722 2.39 -36.12 -4.16
N ARG A 723 1.09 -36.38 -4.29
CA ARG A 723 0.30 -35.72 -5.33
C ARG A 723 -0.40 -34.49 -4.77
N CYS A 724 -0.54 -34.46 -3.45
CA CYS A 724 -1.28 -33.41 -2.82
C CYS A 724 -0.78 -33.20 -1.39
N ILE A 725 -0.44 -31.96 -1.04
CA ILE A 725 0.01 -31.66 0.33
C ILE A 725 -0.71 -30.43 0.93
N LEU A 726 -1.56 -30.70 1.92
CA LEU A 726 -2.34 -29.69 2.59
C LEU A 726 -1.47 -29.22 3.75
N PHE A 727 -1.56 -27.94 4.11
CA PHE A 727 -0.94 -27.45 5.34
C PHE A 727 -1.62 -26.17 5.82
N GLY A 728 -1.45 -25.88 7.09
CA GLY A 728 -2.08 -24.71 7.66
C GLY A 728 -1.82 -24.69 9.13
N GLY A 729 -2.47 -23.76 9.83
CA GLY A 729 -2.24 -23.56 11.25
C GLY A 729 -1.47 -22.29 11.55
N GLU A 730 -0.55 -21.91 10.67
CA GLU A 730 0.21 -20.66 10.83
C GLU A 730 0.41 -20.02 9.49
N ARG A 731 1.09 -18.89 9.49
CA ARG A 731 1.28 -18.22 8.24
C ARG A 731 2.30 -18.98 7.41
N ALA A 732 1.90 -19.31 6.20
CA ALA A 732 2.73 -19.98 5.25
C ALA A 732 4.06 -19.25 5.20
N SER A 733 5.15 -20.00 5.18
CA SER A 733 6.45 -19.45 4.96
C SER A 733 6.66 -19.50 3.47
N VAL A 734 6.65 -18.34 2.81
CA VAL A 734 6.80 -18.30 1.37
C VAL A 734 8.10 -18.96 0.87
N PRO A 735 9.25 -18.66 1.50
CA PRO A 735 10.46 -19.33 0.99
C PRO A 735 10.32 -20.85 0.91
N HIS A 736 9.64 -21.45 1.89
CA HIS A 736 9.51 -22.91 1.99
C HIS A 736 8.53 -23.44 0.93
N VAL A 737 7.36 -22.80 0.84
CA VAL A 737 6.38 -23.11 -0.20
C VAL A 737 6.95 -22.98 -1.60
N ARG A 738 7.75 -21.93 -1.83
CA ARG A 738 8.45 -21.74 -3.10
C ARG A 738 9.38 -22.91 -3.42
N LYS A 739 10.03 -23.44 -2.37
CA LYS A 739 10.88 -24.63 -2.49
C LYS A 739 10.04 -25.86 -2.81
N ALA A 740 8.92 -26.02 -2.11
CA ALA A 740 8.05 -27.18 -2.37
C ALA A 740 7.53 -27.11 -3.80
N LEU A 741 6.97 -25.97 -4.15
CA LEU A 741 6.47 -25.74 -5.50
C LEU A 741 7.45 -26.18 -6.57
N ARG A 742 8.72 -25.79 -6.48
CA ARG A 742 9.67 -26.12 -7.55
C ARG A 742 9.94 -27.62 -7.65
N ILE A 743 9.78 -28.35 -6.56
CA ILE A 743 10.00 -29.79 -6.61
C ILE A 743 8.74 -30.48 -7.10
N MET A 744 7.60 -29.96 -6.72
CA MET A 744 6.35 -30.72 -6.86
C MET A 744 5.58 -30.31 -8.07
N GLY A 745 5.67 -29.03 -8.42
CA GLY A 745 4.90 -28.47 -9.52
C GLY A 745 3.55 -27.97 -9.02
N PRO A 746 2.79 -27.32 -9.90
CA PRO A 746 1.54 -26.64 -9.53
C PRO A 746 0.36 -27.58 -9.34
N GLY A 747 -0.62 -27.13 -8.57
CA GLY A 747 -1.85 -27.86 -8.30
C GLY A 747 -1.73 -28.87 -7.20
N LYS A 748 -0.59 -28.84 -6.48
CA LYS A 748 -0.21 -29.87 -5.49
C LYS A 748 -0.24 -29.38 -4.03
N LEU A 749 0.39 -28.25 -3.75
CA LEU A 749 0.38 -27.66 -2.41
C LEU A 749 -0.94 -26.97 -2.16
N ILE A 750 -1.56 -27.25 -1.02
CA ILE A 750 -2.73 -26.49 -0.59
C ILE A 750 -2.55 -25.87 0.78
N ASN A 751 -2.77 -24.56 0.85
CA ASN A 751 -2.78 -23.82 2.09
C ASN A 751 -4.20 -23.73 2.60
N CYS A 752 -4.41 -24.09 3.87
CA CYS A 752 -5.75 -24.27 4.41
C CYS A 752 -5.91 -23.42 5.65
N TYR A 753 -7.05 -22.76 5.78
CA TYR A 753 -7.31 -21.91 6.94
C TYR A 753 -8.67 -22.26 7.54
N GLY A 754 -8.76 -22.22 8.87
CA GLY A 754 -10.00 -22.49 9.55
C GLY A 754 -9.94 -22.51 11.07
N PRO A 755 -10.90 -21.88 11.71
CA PRO A 755 -11.02 -22.12 13.12
C PRO A 755 -11.64 -23.48 13.33
N THR A 756 -11.43 -24.05 14.50
CA THR A 756 -12.12 -25.24 14.92
C THR A 756 -13.61 -25.07 14.73
N GLU A 757 -14.14 -23.93 15.16
CA GLU A 757 -15.57 -23.71 15.18
C GLU A 757 -16.16 -23.74 13.78
N GLY A 758 -15.31 -23.72 12.76
CA GLY A 758 -15.74 -23.85 11.38
C GLY A 758 -15.45 -25.22 10.81
N THR A 759 -14.97 -26.13 11.65
CA THR A 759 -14.65 -27.53 11.29
C THR A 759 -13.43 -27.67 10.32
N VAL A 760 -12.23 -27.68 10.91
CA VAL A 760 -10.92 -27.89 10.25
C VAL A 760 -10.41 -26.76 9.37
N PHE A 761 -10.96 -26.58 8.18
CA PHE A 761 -10.69 -25.36 7.44
C PHE A 761 -11.85 -24.89 6.61
N ALA A 762 -12.07 -23.57 6.57
CA ALA A 762 -13.13 -22.94 5.76
C ALA A 762 -12.66 -22.38 4.40
N THR A 763 -11.35 -22.26 4.20
CA THR A 763 -10.82 -21.83 2.92
C THR A 763 -9.55 -22.60 2.56
N ALA A 764 -9.21 -22.56 1.28
CA ALA A 764 -8.10 -23.34 0.75
C ALA A 764 -7.53 -22.67 -0.47
N HIS A 765 -6.21 -22.56 -0.51
CA HIS A 765 -5.50 -22.00 -1.65
C HIS A 765 -4.62 -23.08 -2.27
N VAL A 766 -5.00 -23.54 -3.46
CA VAL A 766 -4.18 -24.51 -4.19
C VAL A 766 -3.12 -23.72 -4.96
N VAL A 767 -1.85 -23.95 -4.63
CA VAL A 767 -0.76 -23.15 -5.22
C VAL A 767 -0.52 -23.54 -6.67
N HIS A 768 -0.49 -22.53 -7.54
CA HIS A 768 -0.18 -22.74 -8.96
C HIS A 768 0.91 -21.75 -9.36
N ASP A 769 0.61 -20.46 -9.25
CA ASP A 769 1.61 -19.40 -9.42
C ASP A 769 2.31 -19.20 -8.09
N LEU A 770 3.52 -18.64 -8.14
CA LEU A 770 4.14 -18.06 -6.96
C LEU A 770 4.94 -16.81 -7.40
N PRO A 771 4.24 -15.69 -7.65
CA PRO A 771 4.89 -14.47 -8.13
C PRO A 771 6.08 -14.02 -7.26
N ASP A 772 7.25 -13.84 -7.88
CA ASP A 772 8.49 -13.37 -7.21
C ASP A 772 8.23 -12.19 -6.26
N SER A 773 7.30 -11.32 -6.63
CA SER A 773 6.90 -10.21 -5.77
C SER A 773 5.73 -10.63 -4.89
N ILE A 774 5.96 -11.57 -3.98
CA ILE A 774 4.90 -12.12 -3.12
C ILE A 774 5.18 -11.86 -1.66
N SER A 775 4.35 -11.02 -1.05
CA SER A 775 4.43 -10.81 0.38
C SER A 775 3.86 -12.05 1.07
N SER A 776 2.55 -12.09 1.30
CA SER A 776 1.98 -13.17 2.10
C SER A 776 1.20 -14.14 1.21
N LEU A 777 1.25 -15.42 1.54
CA LEU A 777 0.53 -16.41 0.77
C LEU A 777 -0.95 -16.28 1.10
N PRO A 778 -1.81 -16.19 0.07
CA PRO A 778 -3.25 -16.19 0.32
C PRO A 778 -3.74 -17.43 1.07
N ILE A 779 -4.87 -17.30 1.76
CA ILE A 779 -5.53 -18.45 2.33
C ILE A 779 -6.64 -18.93 1.37
N GLY A 780 -6.72 -18.31 0.20
CA GLY A 780 -7.50 -18.82 -0.91
C GLY A 780 -8.97 -18.46 -0.93
N LYS A 781 -9.78 -19.44 -1.32
CA LYS A 781 -11.21 -19.23 -1.47
C LYS A 781 -11.97 -20.24 -0.61
N PRO A 782 -13.20 -19.91 -0.22
CA PRO A 782 -13.98 -20.81 0.59
C PRO A 782 -14.14 -22.20 -0.03
N ILE A 783 -14.22 -23.24 0.80
CA ILE A 783 -14.52 -24.56 0.27
C ILE A 783 -15.99 -24.60 -0.15
N SER A 784 -16.40 -25.64 -0.87
CA SER A 784 -17.66 -25.58 -1.60
C SER A 784 -18.88 -25.45 -0.72
N ASN A 785 -18.86 -25.97 0.50
CA ASN A 785 -20.04 -25.87 1.38
C ASN A 785 -19.97 -24.73 2.39
N ALA A 786 -18.95 -23.89 2.31
CA ALA A 786 -18.75 -22.76 3.23
C ALA A 786 -18.90 -21.41 2.55
N SER A 787 -19.14 -20.38 3.36
CA SER A 787 -19.28 -19.03 2.91
C SER A 787 -18.32 -18.15 3.71
N VAL A 788 -17.89 -17.03 3.13
CA VAL A 788 -17.09 -16.07 3.88
C VAL A 788 -17.57 -14.62 3.66
N TYR A 789 -17.53 -13.85 4.74
CA TYR A 789 -17.94 -12.47 4.73
C TYR A 789 -16.93 -11.63 5.49
N ILE A 790 -16.46 -10.56 4.85
CA ILE A 790 -15.52 -9.65 5.50
C ILE A 790 -16.32 -8.46 5.99
N LEU A 791 -16.50 -8.37 7.31
CA LEU A 791 -17.46 -7.46 7.93
C LEU A 791 -16.85 -6.52 8.96
N ASN A 792 -17.51 -5.40 9.21
CA ASN A 792 -17.11 -4.55 10.32
C ASN A 792 -17.73 -5.10 11.62
N GLU A 793 -17.50 -4.37 12.71
CA GLU A 793 -17.83 -4.84 14.05
C GLU A 793 -19.34 -5.00 14.23
N GLN A 794 -20.09 -4.33 13.38
CA GLN A 794 -21.56 -4.31 13.43
C GLN A 794 -22.18 -5.08 12.27
N SER A 795 -21.38 -5.98 11.69
CA SER A 795 -21.82 -6.87 10.63
C SER A 795 -22.11 -6.16 9.32
N GLN A 796 -21.49 -5.02 9.09
CA GLN A 796 -21.62 -4.36 7.80
C GLN A 796 -20.53 -4.83 6.85
N LEU A 797 -20.94 -5.12 5.62
CA LEU A 797 -20.06 -5.58 4.57
C LEU A 797 -19.04 -4.51 4.29
N GLN A 798 -17.79 -4.90 4.32
CA GLN A 798 -16.69 -4.01 4.01
C GLN A 798 -16.56 -3.85 2.50
N PRO A 799 -16.07 -2.70 2.06
CA PRO A 799 -15.69 -2.57 0.66
C PRO A 799 -14.82 -3.72 0.15
N PHE A 800 -15.03 -4.13 -1.10
CA PHE A 800 -14.13 -5.07 -1.76
C PHE A 800 -12.70 -4.61 -1.59
N GLY A 801 -11.92 -5.37 -0.85
CA GLY A 801 -10.51 -5.04 -0.62
C GLY A 801 -10.19 -4.47 0.74
N ALA A 802 -11.19 -3.93 1.43
CA ALA A 802 -10.95 -3.42 2.79
C ALA A 802 -10.72 -4.61 3.73
N VAL A 803 -9.92 -4.40 4.77
CA VAL A 803 -9.71 -5.39 5.83
C VAL A 803 -10.92 -5.38 6.78
N GLY A 804 -11.29 -6.56 7.27
CA GLY A 804 -12.39 -6.69 8.20
C GLY A 804 -12.39 -8.05 8.85
N GLU A 805 -13.32 -8.29 9.75
CA GLU A 805 -13.36 -9.55 10.47
C GLU A 805 -13.84 -10.64 9.52
N LEU A 806 -13.00 -11.64 9.34
CA LEU A 806 -13.36 -12.81 8.55
C LEU A 806 -14.40 -13.61 9.32
N CYS A 807 -15.59 -13.74 8.72
CA CYS A 807 -16.65 -14.53 9.29
C CYS A 807 -16.96 -15.65 8.35
N ILE A 808 -17.50 -16.72 8.92
CA ILE A 808 -17.73 -17.95 8.17
C ILE A 808 -19.16 -18.37 8.39
N SER A 809 -19.72 -19.02 7.38
CA SER A 809 -21.05 -19.61 7.47
C SER A 809 -21.06 -20.82 6.56
N GLY A 810 -22.18 -21.50 6.47
CA GLY A 810 -22.31 -22.73 5.70
C GLY A 810 -22.38 -23.95 6.60
N MET A 811 -22.07 -25.11 6.03
CA MET A 811 -22.28 -26.39 6.71
C MET A 811 -21.30 -26.63 7.86
N GLY A 812 -20.15 -25.98 7.80
CA GLY A 812 -19.07 -26.27 8.73
C GLY A 812 -19.21 -25.67 10.11
N VAL A 813 -20.10 -24.69 10.28
CA VAL A 813 -20.22 -23.97 11.55
C VAL A 813 -20.78 -24.84 12.71
N SER A 814 -19.96 -25.05 13.74
CA SER A 814 -20.28 -25.92 14.87
C SER A 814 -21.47 -25.49 15.70
N LYS A 815 -21.95 -26.41 16.54
CA LYS A 815 -23.09 -26.16 17.41
C LYS A 815 -22.72 -25.35 18.65
N GLY A 816 -21.47 -24.92 18.75
CA GLY A 816 -21.06 -24.00 19.81
C GLY A 816 -20.32 -24.68 20.94
N TYR A 817 -20.22 -23.97 22.07
CA TYR A 817 -19.32 -24.37 23.15
C TYR A 817 -20.07 -25.10 24.29
N VAL A 818 -19.46 -26.17 24.80
CA VAL A 818 -20.10 -26.99 25.81
C VAL A 818 -20.36 -26.17 27.06
N ASN A 819 -21.56 -26.33 27.63
CA ASN A 819 -21.93 -25.70 28.89
C ASN A 819 -21.67 -24.20 28.96
N ARG A 820 -21.54 -23.51 27.82
CA ARG A 820 -21.26 -22.07 27.85
C ARG A 820 -22.05 -21.27 26.80
N ALA A 821 -23.28 -20.93 27.20
CA ALA A 821 -24.20 -20.17 26.37
C ALA A 821 -23.71 -18.73 26.14
N ASP A 822 -23.05 -18.16 27.13
CA ASP A 822 -22.51 -16.81 27.00
C ASP A 822 -21.54 -16.68 25.83
N LEU A 823 -20.58 -17.61 25.73
CA LEU A 823 -19.54 -17.54 24.68
C LEU A 823 -20.12 -17.81 23.30
N THR A 824 -20.98 -18.81 23.22
CA THR A 824 -21.67 -19.13 21.96
C THR A 824 -22.38 -17.89 21.42
N LYS A 825 -23.19 -17.25 22.26
CA LYS A 825 -23.91 -16.05 21.83
C LYS A 825 -22.94 -14.96 21.34
N GLU A 826 -21.75 -14.87 21.93
CA GLU A 826 -20.80 -13.85 21.53
C GLU A 826 -20.19 -14.18 20.14
N LYS A 827 -19.75 -15.41 19.92
CA LYS A 827 -19.05 -15.75 18.66
C LYS A 827 -19.99 -16.19 17.54
N PHE A 828 -21.15 -16.75 17.89
CA PHE A 828 -22.03 -17.40 16.92
C PHE A 828 -23.29 -16.59 16.81
N ILE A 829 -23.70 -16.30 15.58
CA ILE A 829 -24.76 -15.33 15.29
C ILE A 829 -25.59 -15.75 14.07
N GLU A 830 -26.80 -15.19 13.93
CA GLU A 830 -27.64 -15.58 12.79
C GLU A 830 -27.08 -14.90 11.54
N ASN A 831 -26.89 -15.67 10.48
CA ASN A 831 -26.28 -15.14 9.25
C ASN A 831 -27.16 -14.08 8.61
N PRO A 832 -26.77 -12.79 8.68
CA PRO A 832 -27.67 -11.74 8.19
C PRO A 832 -27.95 -11.82 6.67
N PHE A 833 -27.13 -12.56 5.95
CA PHE A 833 -27.21 -12.58 4.50
C PHE A 833 -27.85 -13.88 4.00
N LYS A 834 -28.27 -14.73 4.94
CA LYS A 834 -28.80 -16.05 4.62
C LYS A 834 -29.61 -16.66 5.78
N PRO A 835 -30.89 -16.30 5.89
CA PRO A 835 -31.83 -16.97 6.78
C PRO A 835 -31.62 -18.47 6.95
N GLY A 836 -31.66 -18.91 8.21
CA GLY A 836 -31.54 -20.32 8.55
C GLY A 836 -30.14 -20.67 9.01
N GLU A 837 -29.16 -19.93 8.49
CA GLU A 837 -27.74 -20.24 8.71
C GLU A 837 -27.16 -19.47 9.88
N THR A 838 -26.05 -19.99 10.41
CA THR A 838 -25.32 -19.38 11.52
C THR A 838 -23.96 -18.85 11.04
N LEU A 839 -23.55 -17.74 11.64
CA LEU A 839 -22.31 -17.05 11.32
C LEU A 839 -21.34 -17.15 12.50
N TYR A 840 -20.11 -17.57 12.23
CA TYR A 840 -19.04 -17.58 13.24
C TYR A 840 -18.13 -16.38 13.03
N ARG A 841 -17.92 -15.60 14.08
CA ARG A 841 -17.01 -14.48 14.05
C ARG A 841 -15.64 -14.99 14.52
N THR A 842 -14.70 -15.03 13.59
CA THR A 842 -13.48 -15.76 13.81
C THR A 842 -12.57 -15.08 14.78
N GLY A 843 -12.63 -13.74 14.86
CA GLY A 843 -11.59 -12.94 15.51
C GLY A 843 -10.42 -12.56 14.59
N ASP A 844 -10.33 -13.15 13.40
CA ASP A 844 -9.19 -12.91 12.50
C ASP A 844 -9.55 -11.77 11.53
N LEU A 845 -8.52 -11.07 11.04
CA LEU A 845 -8.69 -10.01 10.05
C LEU A 845 -8.33 -10.53 8.64
N ALA A 846 -9.07 -10.13 7.60
CA ALA A 846 -8.75 -10.52 6.21
C ALA A 846 -9.24 -9.50 5.16
N ARG A 847 -8.79 -9.63 3.92
CA ARG A 847 -9.38 -8.87 2.80
C ARG A 847 -9.46 -9.74 1.56
N TRP A 848 -10.40 -9.44 0.67
CA TRP A 848 -10.45 -10.12 -0.62
C TRP A 848 -9.41 -9.51 -1.52
N LEU A 849 -8.65 -10.35 -2.19
CA LEU A 849 -7.75 -9.87 -3.23
C LEU A 849 -8.54 -9.65 -4.53
N PRO A 850 -8.02 -8.80 -5.44
CA PRO A 850 -8.66 -8.59 -6.73
C PRO A 850 -9.03 -9.86 -7.46
N ASP A 851 -8.27 -10.94 -7.23
CA ASP A 851 -8.56 -12.25 -7.85
C ASP A 851 -9.63 -13.08 -7.10
N GLY A 852 -10.20 -12.53 -6.03
CA GLY A 852 -11.20 -13.27 -5.26
C GLY A 852 -10.64 -14.27 -4.24
N THR A 853 -9.32 -14.46 -4.22
CA THR A 853 -8.67 -15.21 -3.14
C THR A 853 -8.61 -14.31 -1.93
N ILE A 854 -8.31 -14.88 -0.77
CA ILE A 854 -8.34 -14.14 0.48
C ILE A 854 -6.94 -13.99 1.06
N GLU A 855 -6.61 -12.77 1.53
CA GLU A 855 -5.35 -12.47 2.21
C GLU A 855 -5.56 -12.29 3.72
N TYR A 856 -4.92 -13.14 4.53
CA TYR A 856 -5.11 -13.14 5.99
C TYR A 856 -4.34 -12.00 6.58
N ALA A 857 -4.96 -11.24 7.48
CA ALA A 857 -4.36 -10.03 8.01
C ALA A 857 -4.04 -10.06 9.51
N GLY A 858 -4.07 -11.25 10.12
CA GLY A 858 -3.79 -11.41 11.56
C GLY A 858 -5.02 -11.37 12.46
N ARG A 859 -4.78 -11.39 13.78
CA ARG A 859 -5.86 -11.40 14.79
C ARG A 859 -6.26 -9.99 15.16
N ILE A 860 -7.54 -9.76 15.39
CA ILE A 860 -8.00 -8.47 15.90
C ILE A 860 -7.31 -8.08 17.22
N ASP A 861 -7.18 -9.03 18.14
CA ASP A 861 -6.62 -8.75 19.49
C ASP A 861 -5.08 -8.60 19.55
N ASP A 862 -4.43 -8.55 18.39
CA ASP A 862 -2.98 -8.62 18.29
C ASP A 862 -2.49 -7.60 17.26
N GLN A 863 -3.06 -6.40 17.30
CA GLN A 863 -2.76 -5.36 16.32
C GLN A 863 -2.28 -4.08 16.98
N VAL A 864 -1.48 -3.33 16.24
CA VAL A 864 -0.93 -2.07 16.70
C VAL A 864 -0.63 -1.22 15.47
N LYS A 865 -1.02 0.06 15.51
CA LYS A 865 -0.71 0.97 14.41
C LYS A 865 0.42 1.89 14.87
N ILE A 866 1.50 1.90 14.10
CA ILE A 866 2.65 2.76 14.36
C ILE A 866 3.02 3.50 13.08
N ARG A 867 3.03 4.83 13.12
CA ARG A 867 3.39 5.64 11.96
C ARG A 867 2.54 5.22 10.76
N GLY A 868 1.23 5.09 10.99
CA GLY A 868 0.29 4.69 9.95
C GLY A 868 0.54 3.31 9.37
N HIS A 869 1.08 2.40 10.19
CA HIS A 869 1.36 1.03 9.74
C HIS A 869 0.69 0.02 10.66
N ARG A 870 -0.32 -0.67 10.16
CA ARG A 870 -0.97 -1.74 10.91
C ARG A 870 0.08 -2.84 11.16
N ILE A 871 0.41 -3.06 12.43
CA ILE A 871 1.45 -4.02 12.78
C ILE A 871 0.84 -5.22 13.47
N GLU A 872 1.26 -6.38 13.02
CA GLU A 872 0.88 -7.61 13.65
C GLU A 872 1.98 -8.05 14.61
N LEU A 873 1.61 -8.04 15.88
CA LEU A 873 2.53 -8.14 16.97
C LEU A 873 3.05 -9.58 17.14
N GLU A 874 2.36 -10.54 16.54
CA GLU A 874 2.83 -11.94 16.52
C GLU A 874 3.91 -12.16 15.45
N GLU A 875 4.01 -11.28 14.46
CA GLU A 875 5.03 -11.41 13.43
C GLU A 875 6.41 -11.01 13.95
N ILE A 876 6.47 -10.06 14.87
CA ILE A 876 7.74 -9.69 15.51
C ILE A 876 8.10 -10.72 16.58
N GLU A 877 7.08 -11.25 17.27
CA GLU A 877 7.30 -12.29 18.28
C GLU A 877 7.97 -13.50 17.68
N LYS A 878 7.49 -13.95 16.52
CA LYS A 878 8.04 -15.15 15.85
C LYS A 878 9.48 -14.97 15.37
N GLN A 879 9.83 -13.74 15.00
CA GLN A 879 11.20 -13.42 14.61
C GLN A 879 12.16 -13.57 15.81
N LEU A 880 11.68 -13.17 17.00
CA LEU A 880 12.43 -13.36 18.25
C LEU A 880 12.55 -14.84 18.65
N GLN A 881 11.48 -15.62 18.44
CA GLN A 881 11.51 -17.07 18.77
C GLN A 881 12.55 -17.84 17.92
N GLU A 882 12.80 -17.37 16.70
CA GLU A 882 13.68 -18.06 15.74
C GLU A 882 15.17 -17.69 15.89
N TYR A 883 15.43 -16.50 16.44
CA TYR A 883 16.81 -16.03 16.65
C TYR A 883 17.62 -17.04 17.49
N PRO A 884 18.66 -17.64 16.89
CA PRO A 884 19.44 -18.69 17.57
C PRO A 884 19.63 -18.50 19.08
N GLY A 885 19.13 -19.45 19.86
CA GLY A 885 19.23 -19.43 21.31
C GLY A 885 18.35 -18.35 21.92
N VAL A 886 17.08 -18.67 22.15
CA VAL A 886 16.08 -17.68 22.57
C VAL A 886 15.09 -18.17 23.62
N LYS A 887 14.52 -19.36 23.42
CA LYS A 887 13.51 -19.90 24.33
C LYS A 887 12.18 -19.13 24.20
N ASP A 888 11.79 -18.33 25.20
CA ASP A 888 10.51 -17.58 25.16
C ASP A 888 10.68 -16.11 24.78
N ALA A 889 9.60 -15.49 24.28
CA ALA A 889 9.58 -14.07 23.95
C ALA A 889 8.16 -13.60 23.64
N VAL A 890 7.76 -12.46 24.23
CA VAL A 890 6.48 -11.82 23.95
C VAL A 890 6.67 -10.33 23.72
N VAL A 891 5.66 -9.72 23.11
CA VAL A 891 5.73 -8.32 22.79
C VAL A 891 4.40 -7.66 23.13
N VAL A 892 4.45 -6.73 24.08
CA VAL A 892 3.31 -5.87 24.38
C VAL A 892 3.51 -4.54 23.66
N ALA A 893 2.40 -3.83 23.45
CA ALA A 893 2.44 -2.46 22.97
C ALA A 893 1.72 -1.60 23.98
N ASP A 894 2.26 -0.42 24.26
CA ASP A 894 1.55 0.54 25.09
C ASP A 894 1.85 1.97 24.69
N ARG A 895 0.93 2.86 25.10
CA ARG A 895 1.06 4.30 24.94
C ARG A 895 0.97 4.95 26.32
N HIS A 896 1.38 6.22 26.43
CA HIS A 896 1.30 6.93 27.71
C HIS A 896 0.06 7.86 27.75
N GLU A 897 0.10 8.92 28.56
CA GLU A 897 -0.97 9.94 28.58
C GLU A 897 -1.04 10.70 27.23
N SER A 898 -1.45 9.99 26.18
CA SER A 898 -1.55 10.58 24.85
C SER A 898 -2.34 9.65 23.90
N GLY A 899 -1.85 8.43 23.73
CA GLY A 899 -2.26 7.53 22.65
C GLY A 899 -1.10 7.18 21.73
N ASP A 900 0.11 7.62 22.08
CA ASP A 900 1.31 7.48 21.25
C ASP A 900 2.07 6.21 21.63
N ALA A 901 1.71 5.08 20.99
CA ALA A 901 2.16 3.74 21.41
C ALA A 901 3.56 3.36 20.97
N SER A 902 4.15 2.41 21.69
CA SER A 902 5.48 1.86 21.39
C SER A 902 5.51 0.39 21.82
N ILE A 903 6.49 -0.37 21.33
CA ILE A 903 6.49 -1.84 21.53
C ILE A 903 7.70 -2.35 22.28
N ASN A 904 7.41 -2.98 23.41
CA ASN A 904 8.43 -3.56 24.28
C ASN A 904 8.52 -5.05 24.04
N ALA A 905 9.73 -5.54 23.78
CA ALA A 905 9.99 -6.97 23.67
C ALA A 905 10.37 -7.50 25.04
N TYR A 906 9.98 -8.74 25.32
CA TYR A 906 10.36 -9.42 26.56
C TYR A 906 10.91 -10.80 26.22
N LEU A 907 12.00 -11.19 26.88
CA LEU A 907 12.73 -12.40 26.51
C LEU A 907 13.28 -13.13 27.73
N VAL A 908 13.04 -14.45 27.81
CA VAL A 908 13.74 -15.31 28.76
C VAL A 908 14.76 -16.14 27.99
N ASN A 909 15.94 -16.31 28.59
CA ASN A 909 17.12 -16.80 27.85
C ASN A 909 18.12 -17.55 28.74
N ARG A 910 18.67 -16.83 29.72
CA ARG A 910 19.79 -17.25 30.58
C ARG A 910 20.75 -16.05 30.62
N THR A 911 22.01 -16.23 30.18
CA THR A 911 22.94 -15.11 29.99
C THR A 911 23.67 -15.22 28.63
N GLN A 912 22.97 -15.74 27.62
CA GLN A 912 23.57 -16.00 26.32
C GLN A 912 23.78 -14.73 25.49
N LEU A 913 22.67 -14.05 25.17
CA LEU A 913 22.69 -12.92 24.24
C LEU A 913 22.50 -11.60 24.97
N SER A 914 23.33 -10.60 24.64
CA SER A 914 23.21 -9.28 25.23
C SER A 914 22.00 -8.56 24.63
N ALA A 915 21.70 -7.37 25.15
CA ALA A 915 20.50 -6.63 24.78
C ALA A 915 20.44 -6.30 23.27
N GLU A 916 21.54 -5.75 22.75
CA GLU A 916 21.61 -5.25 21.37
C GLU A 916 21.82 -6.38 20.34
N ASP A 917 22.30 -7.53 20.79
CA ASP A 917 22.38 -8.72 19.93
C ASP A 917 21.08 -8.90 19.16
N VAL A 918 19.97 -8.86 19.91
CA VAL A 918 18.64 -9.06 19.36
C VAL A 918 18.22 -7.91 18.43
N LYS A 919 18.56 -6.68 18.83
CA LYS A 919 18.23 -5.48 18.05
C LYS A 919 18.96 -5.45 16.70
N ALA A 920 20.24 -5.85 16.70
CA ALA A 920 21.00 -5.96 15.45
C ALA A 920 20.32 -6.91 14.47
N HIS A 921 19.77 -8.01 14.99
CA HIS A 921 19.13 -9.04 14.18
C HIS A 921 17.88 -8.51 13.47
N LEU A 922 16.98 -7.94 14.26
CA LEU A 922 15.71 -7.43 13.73
C LEU A 922 15.91 -6.24 12.79
N LYS A 923 16.81 -5.32 13.15
CA LYS A 923 17.20 -4.18 12.29
C LYS A 923 16.97 -4.45 10.80
N LYS A 924 17.60 -5.51 10.28
CA LYS A 924 17.52 -5.83 8.84
C LYS A 924 16.51 -6.94 8.51
N GLN A 925 16.17 -7.78 9.49
CA GLN A 925 15.19 -8.85 9.28
C GLN A 925 13.78 -8.29 9.17
N LEU A 926 13.46 -7.34 10.05
CA LEU A 926 12.17 -6.67 10.08
C LEU A 926 12.32 -5.19 9.68
N PRO A 927 11.25 -4.57 9.12
CA PRO A 927 11.22 -3.13 8.87
C PRO A 927 11.32 -2.30 10.14
N ALA A 928 11.83 -1.06 9.99
CA ALA A 928 12.19 -0.19 11.11
C ALA A 928 11.08 -0.02 12.15
N TYR A 929 9.87 0.28 11.69
CA TYR A 929 8.73 0.49 12.60
C TYR A 929 8.30 -0.74 13.39
N MET A 930 8.70 -1.92 12.95
CA MET A 930 8.37 -3.15 13.68
C MET A 930 9.44 -3.53 14.69
N VAL A 931 10.57 -2.81 14.73
CA VAL A 931 11.62 -3.14 15.69
C VAL A 931 11.19 -2.66 17.10
N PRO A 932 11.20 -3.55 18.10
CA PRO A 932 10.84 -3.14 19.46
C PRO A 932 11.75 -2.06 20.02
N GLN A 933 11.24 -1.31 20.99
CA GLN A 933 11.97 -0.16 21.55
C GLN A 933 12.71 -0.50 22.84
N THR A 934 12.34 -1.60 23.50
CA THR A 934 13.07 -2.09 24.68
C THR A 934 13.05 -3.62 24.68
N PHE A 935 13.97 -4.18 25.45
CA PHE A 935 14.18 -5.62 25.48
C PHE A 935 14.46 -6.11 26.89
N THR A 936 13.50 -5.95 27.78
CA THR A 936 13.64 -6.43 29.16
C THR A 936 13.86 -7.95 29.20
N PHE A 937 14.82 -8.40 30.01
CA PHE A 937 15.16 -9.83 30.14
C PHE A 937 14.62 -10.42 31.45
N LEU A 938 13.97 -11.58 31.34
CA LEU A 938 13.30 -12.23 32.47
C LEU A 938 13.79 -13.67 32.69
N ASP A 939 13.59 -14.19 33.89
CA ASP A 939 13.78 -15.62 34.15
C ASP A 939 12.58 -16.38 33.58
N GLU A 940 11.39 -15.83 33.78
CA GLU A 940 10.16 -16.40 33.25
C GLU A 940 9.06 -15.34 33.14
N LEU A 941 7.99 -15.69 32.43
CA LEU A 941 6.88 -14.79 32.18
C LEU A 941 5.71 -15.19 33.08
N PRO A 942 4.93 -14.21 33.61
CA PRO A 942 3.73 -14.56 34.39
C PRO A 942 2.67 -15.24 33.52
N LEU A 943 1.69 -15.93 34.12
CA LEU A 943 0.81 -16.83 33.36
C LEU A 943 -0.71 -16.64 33.55
N THR A 944 -1.18 -16.84 34.78
CA THR A 944 -2.63 -16.90 35.12
C THR A 944 -3.26 -18.22 34.64
N THR A 945 -3.38 -19.18 35.57
CA THR A 945 -4.00 -20.50 35.32
C THR A 945 -3.50 -21.14 34.01
N ASN A 946 -4.38 -21.79 33.24
CA ASN A 946 -4.01 -22.33 31.92
C ASN A 946 -3.66 -21.19 30.96
N GLY A 947 -2.39 -20.78 31.00
CA GLY A 947 -1.92 -19.58 30.29
C GLY A 947 -0.63 -19.79 29.52
N LYS A 948 -0.77 -20.16 28.24
CA LYS A 948 0.32 -20.14 27.27
C LYS A 948 0.73 -18.68 27.07
N VAL A 949 -0.27 -17.81 26.92
CA VAL A 949 -0.09 -16.37 27.05
C VAL A 949 0.08 -16.01 28.52
N ASN A 950 0.41 -14.76 28.80
CA ASN A 950 0.92 -14.37 30.10
C ASN A 950 0.09 -13.29 30.79
N LYS A 951 0.17 -13.25 32.12
CA LYS A 951 -0.47 -12.18 32.89
C LYS A 951 0.06 -10.84 32.42
N ARG A 952 -0.70 -10.20 31.53
CA ARG A 952 -0.27 -9.00 30.78
C ARG A 952 0.69 -8.09 31.54
N LEU A 953 0.41 -7.85 32.83
CA LEU A 953 1.29 -7.00 33.64
C LEU A 953 2.70 -7.59 33.80
N LEU A 954 3.50 -7.42 32.74
CA LEU A 954 4.94 -7.57 32.75
C LEU A 954 5.46 -6.25 33.31
N PRO A 955 6.78 -6.16 33.60
CA PRO A 955 7.25 -4.92 34.23
C PRO A 955 7.41 -3.77 33.24
N LYS A 956 7.12 -2.55 33.71
CA LYS A 956 7.34 -1.35 32.93
C LYS A 956 8.84 -1.30 32.63
N PRO A 957 9.21 -1.24 31.35
CA PRO A 957 10.60 -1.44 30.94
C PRO A 957 11.55 -0.39 31.50
N ASP A 958 12.84 -0.76 31.61
CA ASP A 958 13.86 0.13 32.16
C ASP A 958 14.26 1.22 31.16
N GLN A 959 14.34 2.46 31.63
CA GLN A 959 14.54 3.63 30.75
C GLN A 959 15.96 3.85 30.27
N ASP A 960 16.93 3.11 30.79
CA ASP A 960 18.28 3.11 30.19
C ASP A 960 18.13 2.70 28.72
N GLN A 961 17.22 1.76 28.45
CA GLN A 961 16.93 1.30 27.09
C GLN A 961 16.42 2.35 26.11
N LEU A 962 15.94 3.50 26.60
CA LEU A 962 15.61 4.62 25.72
C LEU A 962 16.89 5.34 25.25
N ALA A 963 17.94 5.30 26.07
CA ALA A 963 19.21 5.95 25.73
C ALA A 963 19.96 5.07 24.74
N GLU A 964 20.19 5.58 23.53
CA GLU A 964 20.83 4.80 22.49
C GLU A 964 22.09 5.49 21.92
N GLU A 965 22.82 4.76 21.08
CA GLU A 965 24.14 5.18 20.60
C GLU A 965 24.06 6.39 19.67
N TRP A 966 24.79 7.43 20.01
CA TRP A 966 24.91 8.57 19.12
C TRP A 966 25.70 8.12 17.92
N ILE A 967 25.18 8.39 16.73
CA ILE A 967 25.87 8.01 15.52
C ILE A 967 26.04 9.26 14.67
N GLY A 968 27.25 9.78 14.63
CA GLY A 968 27.56 10.96 13.85
C GLY A 968 27.86 10.53 12.43
N PRO A 969 27.89 11.50 11.50
CA PRO A 969 28.06 11.23 10.06
C PRO A 969 28.89 9.99 9.79
N ARG A 970 28.34 9.07 9.00
CA ARG A 970 29.03 7.82 8.65
C ARG A 970 30.03 8.06 7.54
N ASN A 971 29.73 9.04 6.68
CA ASN A 971 30.52 9.35 5.49
C ASN A 971 30.82 10.84 5.34
N GLU A 972 31.67 11.16 4.35
CA GLU A 972 32.03 12.54 4.02
C GLU A 972 30.83 13.35 3.56
N MET A 973 29.86 12.68 2.92
CA MET A 973 28.60 13.30 2.51
C MET A 973 27.87 13.89 3.73
N GLU A 974 27.42 13.00 4.62
CA GLU A 974 26.60 13.41 5.74
C GLU A 974 27.30 14.42 6.64
N GLU A 975 28.63 14.31 6.74
CA GLU A 975 29.42 15.26 7.53
C GLU A 975 29.19 16.68 7.02
N THR A 976 29.47 16.88 5.75
CA THR A 976 29.29 18.18 5.13
C THR A 976 27.82 18.61 5.14
N ILE A 977 26.90 17.66 5.05
CA ILE A 977 25.46 18.00 5.15
C ILE A 977 25.03 18.18 6.62
N ALA A 978 25.80 17.62 7.55
CA ALA A 978 25.59 17.90 8.97
C ALA A 978 26.27 19.21 9.33
N GLN A 979 27.21 19.63 8.50
CA GLN A 979 27.88 20.92 8.64
C GLN A 979 26.87 22.04 8.51
N ILE A 980 26.11 22.03 7.42
CA ILE A 980 25.14 23.10 7.15
C ILE A 980 24.05 23.09 8.21
N TRP A 981 23.56 21.90 8.59
CA TRP A 981 22.58 21.81 9.69
C TRP A 981 23.13 22.57 10.89
N SER A 982 24.37 22.24 11.24
CA SER A 982 25.07 22.84 12.38
C SER A 982 25.10 24.35 12.23
N GLU A 983 25.57 24.80 11.07
CA GLU A 983 25.61 26.21 10.73
C GLU A 983 24.21 26.83 10.84
N VAL A 984 23.24 26.20 10.17
CA VAL A 984 21.89 26.76 10.05
C VAL A 984 21.20 26.84 11.42
N LEU A 985 21.18 25.72 12.14
CA LEU A 985 20.56 25.67 13.46
C LEU A 985 21.49 26.25 14.53
N GLY A 986 22.77 26.44 14.19
CA GLY A 986 23.75 26.98 15.09
C GLY A 986 24.01 26.06 16.27
N ARG A 987 24.22 24.77 15.97
CA ARG A 987 24.36 23.75 17.02
C ARG A 987 25.32 22.62 16.65
N LYS A 988 26.28 22.35 17.52
CA LYS A 988 27.35 21.40 17.23
C LYS A 988 26.99 20.00 17.75
N GLN A 989 27.70 18.99 17.26
CA GLN A 989 27.50 17.60 17.68
C GLN A 989 26.11 17.09 17.32
N ILE A 990 25.84 16.99 16.03
CA ILE A 990 24.57 16.49 15.53
C ILE A 990 24.76 15.08 15.00
N GLY A 991 23.94 14.14 15.47
CA GLY A 991 23.96 12.77 14.98
C GLY A 991 22.98 12.63 13.84
N ILE A 992 23.08 11.55 13.06
CA ILE A 992 22.21 11.40 11.88
C ILE A 992 20.75 11.01 12.21
N HIS A 993 20.42 10.88 13.49
CA HIS A 993 19.03 10.59 13.90
C HIS A 993 18.35 11.75 14.65
N ASP A 994 19.05 12.88 14.82
CA ASP A 994 18.48 14.06 15.50
C ASP A 994 17.40 14.75 14.65
N ASP A 995 16.30 15.16 15.30
CA ASP A 995 15.21 15.89 14.62
C ASP A 995 15.50 17.38 14.42
N PHE A 996 15.31 17.85 13.19
CA PHE A 996 15.69 19.19 12.77
C PHE A 996 14.99 20.27 13.59
N PHE A 997 13.69 20.08 13.77
CA PHE A 997 12.85 21.05 14.48
C PHE A 997 12.97 20.85 15.99
N ALA A 998 13.26 19.63 16.41
CA ALA A 998 13.57 19.33 17.80
C ALA A 998 14.85 20.05 18.20
N LEU A 999 15.72 20.32 17.24
CA LEU A 999 16.96 21.04 17.52
C LEU A 999 16.82 22.55 17.45
N GLY A 1000 15.59 23.04 17.31
CA GLY A 1000 15.33 24.48 17.28
C GLY A 1000 14.88 24.95 15.91
N GLY A 1001 14.91 24.03 14.94
CA GLY A 1001 14.47 24.33 13.59
C GLY A 1001 13.05 24.82 13.49
N HIS A 1002 12.73 25.39 12.33
CA HIS A 1002 11.39 25.89 12.05
C HIS A 1002 11.22 26.02 10.54
N ALA A 1003 10.20 26.75 10.11
CA ALA A 1003 9.88 26.97 8.70
C ALA A 1003 11.08 27.34 7.81
N LEU A 1004 11.61 28.56 7.98
CA LEU A 1004 12.62 29.10 7.05
C LEU A 1004 13.86 28.23 6.99
N LYS A 1005 14.37 27.86 8.15
CA LYS A 1005 15.61 27.11 8.22
C LYS A 1005 15.46 25.77 7.53
N ALA A 1006 14.34 25.09 7.76
CA ALA A 1006 14.06 23.85 7.05
C ALA A 1006 14.29 24.04 5.55
N MET A 1007 13.75 25.14 5.01
CA MET A 1007 13.97 25.54 3.63
C MET A 1007 15.44 25.99 3.45
N THR A 1008 15.84 27.05 4.16
CA THR A 1008 17.22 27.57 4.14
C THR A 1008 18.32 26.52 4.21
N ALA A 1009 18.06 25.44 4.95
CA ALA A 1009 19.00 24.32 5.05
C ALA A 1009 18.98 23.48 3.76
N ALA A 1010 17.78 23.14 3.30
CA ALA A 1010 17.58 22.41 2.05
C ALA A 1010 18.07 23.24 0.86
N SER A 1011 18.25 24.53 1.08
CA SER A 1011 18.78 25.45 0.08
C SER A 1011 20.30 25.37 -0.01
N ARG A 1012 20.95 25.26 1.14
CA ARG A 1012 22.41 25.21 1.17
C ARG A 1012 22.96 23.96 0.52
N ILE A 1013 22.18 22.87 0.53
CA ILE A 1013 22.51 21.72 -0.31
C ILE A 1013 22.15 22.03 -1.77
N LYS A 1014 21.17 22.91 -1.97
CA LYS A 1014 20.73 23.31 -3.31
C LYS A 1014 21.63 24.37 -3.94
N LYS A 1015 22.90 24.03 -4.10
CA LYS A 1015 23.92 24.90 -4.72
C LYS A 1015 24.93 25.29 -3.66
N GLU A 1016 24.87 26.53 -3.18
CA GLU A 1016 25.83 27.07 -2.20
C GLU A 1016 26.38 26.02 -1.23
N LEU A 1017 27.42 25.32 -1.68
CA LEU A 1017 28.04 24.18 -0.99
C LEU A 1017 27.08 22.97 -0.83
N GLY A 1018 26.74 22.36 -1.97
CA GLY A 1018 25.83 21.21 -2.02
C GLY A 1018 25.52 20.69 -3.42
N ILE A 1019 24.35 20.08 -3.60
CA ILE A 1019 23.97 19.46 -4.90
C ILE A 1019 22.46 19.25 -5.17
N ASP A 1020 21.59 20.06 -4.54
CA ASP A 1020 20.16 20.23 -4.92
C ASP A 1020 19.17 19.11 -4.54
N LEU A 1021 18.06 19.49 -3.90
CA LEU A 1021 17.03 18.56 -3.40
C LEU A 1021 15.77 19.34 -2.95
N PRO A 1022 14.55 18.79 -3.17
CA PRO A 1022 13.29 19.38 -2.67
C PRO A 1022 13.38 20.25 -1.39
N VAL A 1023 12.91 21.50 -1.49
CA VAL A 1023 13.05 22.48 -0.40
C VAL A 1023 12.07 22.27 0.76
N LYS A 1024 10.77 22.43 0.49
CA LYS A 1024 9.74 22.20 1.49
C LYS A 1024 9.60 20.69 1.67
N LEU A 1025 10.69 20.06 2.05
CA LEU A 1025 10.71 18.60 2.17
C LEU A 1025 11.88 18.19 3.08
N LEU A 1026 12.15 19.04 4.06
CA LEU A 1026 12.86 18.63 5.27
C LEU A 1026 11.84 18.53 6.41
N PHE A 1027 10.64 19.09 6.21
CA PHE A 1027 9.48 18.80 7.06
C PHE A 1027 9.15 17.34 6.80
N GLU A 1028 9.14 17.00 5.52
CA GLU A 1028 9.20 15.61 5.07
C GLU A 1028 10.30 14.83 5.84
N ALA A 1029 11.56 15.18 5.62
CA ALA A 1029 12.70 14.36 6.12
C ALA A 1029 13.48 15.04 7.27
N PRO A 1030 13.05 14.80 8.52
CA PRO A 1030 13.56 15.60 9.61
C PRO A 1030 14.86 15.04 10.19
N THR A 1031 15.24 13.83 9.77
CA THR A 1031 16.45 13.16 10.21
C THR A 1031 17.40 13.04 9.03
N ILE A 1032 18.71 13.23 9.26
CA ILE A 1032 19.70 13.15 8.18
C ILE A 1032 19.68 11.76 7.52
N ALA A 1033 19.54 10.72 8.35
CA ALA A 1033 19.34 9.35 7.89
C ALA A 1033 18.18 9.25 6.87
N GLY A 1034 17.04 9.84 7.24
CA GLY A 1034 15.85 9.89 6.37
C GLY A 1034 16.07 10.62 5.06
N ILE A 1035 17.01 11.57 5.07
CA ILE A 1035 17.36 12.34 3.86
C ILE A 1035 18.49 11.65 3.05
N SER A 1036 19.35 10.90 3.74
CA SER A 1036 20.27 9.99 3.04
C SER A 1036 19.46 8.85 2.42
N ALA A 1037 18.37 8.46 3.08
CA ALA A 1037 17.44 7.46 2.56
C ALA A 1037 16.78 7.98 1.28
N TYR A 1038 16.25 9.20 1.36
CA TYR A 1038 15.61 9.86 0.21
C TYR A 1038 16.55 9.94 -0.99
N LEU A 1039 17.82 10.25 -0.75
CA LEU A 1039 18.77 10.47 -1.84
C LEU A 1039 19.71 9.29 -2.18
N LYS A 1040 19.55 8.16 -1.50
CA LYS A 1040 20.25 6.92 -1.88
C LYS A 1040 19.27 5.92 -2.48
N ASN A 1041 18.09 5.77 -1.86
CA ASN A 1041 17.00 4.95 -2.43
C ASN A 1041 16.26 5.65 -3.57
N GLY A 1042 16.14 6.99 -3.48
CA GLY A 1042 15.45 7.78 -4.50
C GLY A 1042 16.19 9.02 -4.97
N GLY A 1043 17.51 9.06 -4.76
CA GLY A 1043 18.35 10.19 -5.20
C GLY A 1043 18.71 10.12 -6.67
N SER A 1044 19.96 9.72 -6.97
CA SER A 1044 20.42 9.59 -8.36
C SER A 1044 21.10 8.24 -8.63
N ASP A 1045 21.07 7.84 -9.90
CA ASP A 1045 21.61 6.56 -10.40
C ASP A 1045 21.67 5.38 -9.42
N GLY A 1046 20.72 4.46 -9.57
CA GLY A 1046 20.67 3.25 -8.75
C GLY A 1046 19.57 2.30 -9.20
N LEU A 1047 18.98 1.58 -8.24
CA LEU A 1047 17.91 0.61 -8.53
C LEU A 1047 16.67 1.21 -9.23
N GLN A 1048 16.46 2.52 -9.06
CA GLN A 1048 15.27 3.20 -9.60
C GLN A 1048 15.59 4.23 -10.71
N ASP A 1049 16.75 4.89 -10.61
CA ASP A 1049 17.01 6.13 -11.36
C ASP A 1049 17.34 5.94 -12.85
N VAL A 1050 18.33 5.09 -13.16
CA VAL A 1050 18.68 4.80 -14.56
C VAL A 1050 17.65 3.88 -15.21
N THR A 1051 16.99 4.38 -16.26
CA THR A 1051 15.81 3.71 -16.86
C THR A 1051 16.04 2.27 -17.27
N ILE A 1052 15.00 1.45 -17.14
CA ILE A 1052 15.00 0.08 -17.64
C ILE A 1052 13.76 -0.14 -18.49
N MET A 1053 13.93 -0.87 -19.60
CA MET A 1053 12.80 -1.31 -20.41
C MET A 1053 12.93 -2.80 -20.69
N ASN A 1054 11.84 -3.41 -21.16
CA ASN A 1054 11.82 -4.82 -21.54
C ASN A 1054 12.39 -5.75 -20.45
N GLN A 1055 11.65 -5.88 -19.34
CA GLN A 1055 12.19 -6.52 -18.13
C GLN A 1055 12.19 -8.05 -18.11
N ASP A 1056 11.05 -8.69 -18.40
CA ASP A 1056 10.94 -10.16 -18.27
C ASP A 1056 11.37 -10.94 -19.52
N GLN A 1057 12.40 -10.43 -20.20
CA GLN A 1057 13.12 -11.19 -21.24
C GLN A 1057 14.47 -11.66 -20.66
N GLU A 1058 15.57 -11.01 -21.05
CA GLU A 1058 16.91 -11.49 -20.68
C GLU A 1058 18.00 -10.55 -21.18
N GLN A 1059 18.24 -10.59 -22.49
CA GLN A 1059 19.45 -10.04 -23.13
C GLN A 1059 19.64 -8.54 -22.88
N ILE A 1060 20.59 -8.21 -21.99
CA ILE A 1060 20.82 -6.83 -21.58
C ILE A 1060 21.60 -6.03 -22.62
N ILE A 1061 21.20 -4.77 -22.81
CA ILE A 1061 22.02 -3.78 -23.52
C ILE A 1061 22.21 -2.59 -22.59
N PHE A 1062 23.37 -1.93 -22.68
CA PHE A 1062 23.71 -0.81 -21.81
C PHE A 1062 23.87 0.49 -22.58
N ALA A 1063 22.81 1.30 -22.61
CA ALA A 1063 22.79 2.56 -23.33
C ALA A 1063 23.57 3.66 -22.63
N PHE A 1064 23.83 4.74 -23.36
CA PHE A 1064 24.41 5.97 -22.82
C PHE A 1064 23.62 7.16 -23.37
N PRO A 1065 23.49 8.24 -22.57
CA PRO A 1065 22.54 9.30 -22.90
C PRO A 1065 22.99 10.25 -24.00
N PRO A 1066 22.04 10.90 -24.71
CA PRO A 1066 22.43 11.92 -25.69
C PRO A 1066 22.83 13.24 -25.01
N VAL A 1067 23.13 14.25 -25.83
CA VAL A 1067 23.55 15.58 -25.34
C VAL A 1067 22.67 16.14 -24.24
N LEU A 1068 21.36 15.87 -24.31
CA LEU A 1068 20.40 16.36 -23.32
C LEU A 1068 20.49 15.58 -21.99
N GLY A 1069 20.99 14.34 -22.04
CA GLY A 1069 21.51 13.63 -20.87
C GLY A 1069 20.64 12.62 -20.15
N TYR A 1070 19.48 12.27 -20.71
CA TYR A 1070 18.49 11.48 -19.99
C TYR A 1070 18.04 10.23 -20.74
N GLY A 1071 18.18 9.07 -20.08
CA GLY A 1071 17.79 7.77 -20.63
C GLY A 1071 16.31 7.58 -20.92
N LEU A 1072 15.44 8.41 -20.33
CA LEU A 1072 14.00 8.41 -20.63
C LEU A 1072 13.69 8.51 -22.14
N MET A 1073 14.62 9.05 -22.92
CA MET A 1073 14.40 9.26 -24.36
C MET A 1073 14.35 7.97 -25.19
N TYR A 1074 15.18 6.98 -24.83
CA TYR A 1074 15.20 5.71 -25.56
C TYR A 1074 14.03 4.80 -25.19
N GLN A 1075 13.21 5.23 -24.23
CA GLN A 1075 11.93 4.58 -23.96
C GLN A 1075 11.19 4.31 -25.27
N ASN A 1076 11.13 5.32 -26.13
CA ASN A 1076 10.49 5.20 -27.44
C ASN A 1076 11.23 4.25 -28.40
N LEU A 1077 12.52 4.05 -28.16
CA LEU A 1077 13.32 3.05 -28.89
C LEU A 1077 13.10 1.62 -28.38
N SER A 1078 12.84 1.49 -27.09
CA SER A 1078 12.70 0.16 -26.44
C SER A 1078 11.64 -0.71 -27.11
N SER A 1079 10.53 -0.11 -27.51
CA SER A 1079 9.45 -0.83 -28.18
C SER A 1079 9.97 -1.64 -29.36
N ARG A 1080 10.72 -0.99 -30.24
CA ARG A 1080 11.31 -1.65 -31.41
C ARG A 1080 12.55 -2.49 -31.05
N LEU A 1081 12.83 -2.63 -29.76
CA LEU A 1081 13.76 -3.64 -29.25
C LEU A 1081 12.99 -4.69 -28.43
N PRO A 1082 12.51 -5.77 -29.11
CA PRO A 1082 11.53 -6.69 -28.53
C PRO A 1082 12.10 -7.72 -27.55
N SER A 1083 13.27 -8.25 -27.85
CA SER A 1083 13.89 -9.31 -27.04
C SER A 1083 14.91 -8.77 -26.04
N TYR A 1084 15.47 -7.59 -26.30
CA TYR A 1084 16.56 -7.06 -25.50
C TYR A 1084 16.07 -6.19 -24.34
N LYS A 1085 16.73 -6.37 -23.18
CA LYS A 1085 16.43 -5.61 -21.96
C LYS A 1085 17.37 -4.42 -21.87
N LEU A 1086 16.83 -3.25 -21.53
CA LEU A 1086 17.55 -1.98 -21.69
C LEU A 1086 18.01 -1.36 -20.38
N CYS A 1087 19.17 -0.70 -20.43
CA CYS A 1087 19.70 0.09 -19.32
C CYS A 1087 19.96 1.50 -19.80
N ALA A 1088 18.94 2.36 -19.71
CA ALA A 1088 19.04 3.74 -20.19
C ALA A 1088 19.53 4.68 -19.08
N PHE A 1089 20.84 4.93 -19.06
CA PHE A 1089 21.44 5.78 -18.03
C PHE A 1089 21.11 7.27 -18.18
N ASP A 1090 21.44 8.03 -17.14
CA ASP A 1090 21.42 9.48 -17.19
C ASP A 1090 22.85 9.92 -17.42
N PHE A 1091 23.05 11.23 -17.55
CA PHE A 1091 24.40 11.78 -17.55
C PHE A 1091 24.79 12.12 -16.12
N ILE A 1092 25.93 11.59 -15.68
CA ILE A 1092 26.54 11.97 -14.41
C ILE A 1092 27.47 13.16 -14.65
N GLU A 1093 27.23 14.25 -13.95
CA GLU A 1093 27.93 15.53 -14.21
C GLU A 1093 29.33 15.59 -13.60
N GLU A 1094 29.70 14.59 -12.79
CA GLU A 1094 31.00 14.57 -12.10
C GLU A 1094 32.11 14.13 -13.03
N GLU A 1095 33.33 14.59 -12.76
CA GLU A 1095 34.50 14.19 -13.54
C GLU A 1095 34.81 12.70 -13.40
N ASP A 1096 34.60 12.15 -12.20
CA ASP A 1096 34.73 10.72 -11.96
C ASP A 1096 33.40 9.97 -12.11
N ARG A 1097 32.61 10.41 -13.08
CA ARG A 1097 31.46 9.64 -13.59
C ARG A 1097 31.89 8.31 -14.18
N LEU A 1098 33.17 8.23 -14.58
CA LEU A 1098 33.78 7.01 -15.12
C LEU A 1098 33.50 5.80 -14.22
N ASP A 1099 33.85 5.94 -12.94
CA ASP A 1099 33.78 4.83 -11.98
C ASP A 1099 32.36 4.48 -11.56
N ARG A 1100 31.44 5.45 -11.66
CA ARG A 1100 30.03 5.23 -11.31
C ARG A 1100 29.37 4.23 -12.27
N TYR A 1101 29.64 4.38 -13.56
CA TYR A 1101 29.19 3.40 -14.55
C TYR A 1101 29.93 2.08 -14.36
N ALA A 1102 31.20 2.17 -13.98
CA ALA A 1102 32.02 1.01 -13.62
C ALA A 1102 31.41 0.21 -12.48
N ASP A 1103 30.77 0.92 -11.55
CA ASP A 1103 30.04 0.31 -10.45
C ASP A 1103 28.66 -0.17 -10.92
N LEU A 1104 28.03 0.59 -11.81
CA LEU A 1104 26.65 0.30 -12.24
C LEU A 1104 26.52 -0.98 -13.06
N ILE A 1105 27.32 -1.11 -14.12
CA ILE A 1105 27.22 -2.28 -15.00
C ILE A 1105 27.82 -3.54 -14.34
N GLN A 1106 28.80 -3.34 -13.46
CA GLN A 1106 29.34 -4.44 -12.66
C GLN A 1106 28.26 -5.08 -11.78
N LYS A 1107 27.34 -4.26 -11.28
CA LYS A 1107 26.19 -4.77 -10.53
C LYS A 1107 25.16 -5.42 -11.46
N LEU A 1108 24.78 -4.69 -12.50
CA LEU A 1108 23.71 -5.12 -13.40
C LEU A 1108 24.08 -6.31 -14.30
N GLN A 1109 25.39 -6.58 -14.45
CA GLN A 1109 25.87 -7.76 -15.16
C GLN A 1109 27.33 -8.04 -14.75
N PRO A 1110 27.57 -9.10 -13.95
CA PRO A 1110 28.87 -9.32 -13.32
C PRO A 1110 29.96 -9.88 -14.24
N GLU A 1111 29.60 -10.84 -15.09
CA GLU A 1111 30.57 -11.52 -15.96
C GLU A 1111 30.00 -11.71 -17.35
N GLY A 1112 30.87 -12.14 -18.28
CA GLY A 1112 30.46 -12.44 -19.65
C GLY A 1112 30.78 -11.33 -20.65
N PRO A 1113 30.38 -11.51 -21.92
CA PRO A 1113 30.57 -10.49 -22.95
C PRO A 1113 29.62 -9.31 -22.80
N LEU A 1114 30.16 -8.10 -22.68
CA LEU A 1114 29.37 -6.89 -22.45
C LEU A 1114 28.98 -6.19 -23.75
N THR A 1115 27.77 -5.64 -23.77
CA THR A 1115 27.29 -4.92 -24.94
C THR A 1115 26.87 -3.49 -24.55
N LEU A 1116 27.67 -2.50 -24.96
CA LEU A 1116 27.38 -1.09 -24.70
C LEU A 1116 26.71 -0.42 -25.90
N PHE A 1117 26.06 0.71 -25.63
CA PHE A 1117 25.39 1.49 -26.66
C PHE A 1117 25.59 2.99 -26.40
N GLY A 1118 25.49 3.79 -27.46
CA GLY A 1118 25.57 5.24 -27.34
C GLY A 1118 25.01 5.95 -28.55
N TYR A 1119 24.12 6.91 -28.31
CA TYR A 1119 23.62 7.80 -29.35
C TYR A 1119 23.98 9.24 -29.02
N SER A 1120 24.45 9.97 -30.03
CA SER A 1120 24.89 11.34 -29.88
C SER A 1120 26.12 11.39 -28.95
N ALA A 1121 26.18 12.39 -28.07
CA ALA A 1121 27.25 12.48 -27.07
C ALA A 1121 27.45 11.19 -26.25
N GLY A 1122 26.42 10.34 -26.17
CA GLY A 1122 26.52 9.03 -25.52
C GLY A 1122 27.54 8.06 -26.10
N CYS A 1123 28.03 8.35 -27.30
CA CYS A 1123 29.10 7.56 -27.93
C CYS A 1123 30.45 7.73 -27.23
N SER A 1124 31.03 8.93 -27.31
CA SER A 1124 32.32 9.20 -26.68
C SER A 1124 32.30 8.96 -25.17
N LEU A 1125 31.09 8.97 -24.59
CA LEU A 1125 30.90 8.53 -23.23
C LEU A 1125 31.05 7.01 -23.16
N ALA A 1126 30.34 6.29 -24.02
CA ALA A 1126 30.37 4.83 -24.02
C ALA A 1126 31.73 4.23 -24.42
N PHE A 1127 32.53 4.97 -25.19
CA PHE A 1127 33.91 4.56 -25.48
C PHE A 1127 34.80 4.83 -24.27
N GLU A 1128 34.74 6.05 -23.76
CA GLU A 1128 35.36 6.40 -22.48
C GLU A 1128 34.55 5.69 -21.41
N ALA A 1129 34.67 4.36 -21.38
CA ALA A 1129 33.79 3.51 -20.57
C ALA A 1129 34.22 2.05 -20.72
N ALA A 1130 34.24 1.57 -21.96
CA ALA A 1130 34.76 0.25 -22.29
C ALA A 1130 36.28 0.19 -22.08
N LYS A 1131 36.95 1.34 -22.30
CA LYS A 1131 38.38 1.47 -22.03
C LYS A 1131 38.70 1.14 -20.57
N LYS A 1132 37.83 1.63 -19.68
CA LYS A 1132 37.95 1.35 -18.24
C LYS A 1132 37.58 -0.09 -17.91
N LEU A 1133 36.49 -0.58 -18.53
CA LEU A 1133 36.07 -1.98 -18.38
C LEU A 1133 37.25 -2.90 -18.60
N GLU A 1134 37.84 -2.79 -19.79
CA GLU A 1134 38.97 -3.62 -20.18
C GLU A 1134 40.29 -3.16 -19.54
N GLU A 1135 40.30 -1.92 -19.04
CA GLU A 1135 41.37 -1.45 -18.16
C GLU A 1135 41.26 -2.10 -16.80
N GLN A 1136 40.04 -2.16 -16.28
CA GLN A 1136 39.75 -2.84 -15.01
C GLN A 1136 39.46 -4.34 -15.20
N GLY A 1137 39.44 -4.80 -16.45
CA GLY A 1137 39.27 -6.22 -16.77
C GLY A 1137 37.82 -6.67 -16.85
N ARG A 1138 37.16 -6.33 -17.96
CA ARG A 1138 35.78 -6.77 -18.26
C ARG A 1138 35.54 -6.77 -19.77
N ILE A 1139 35.34 -7.97 -20.34
CA ILE A 1139 35.20 -8.11 -21.80
C ILE A 1139 33.94 -7.43 -22.33
N VAL A 1140 34.11 -6.56 -23.32
CA VAL A 1140 33.01 -5.94 -24.04
C VAL A 1140 32.86 -6.58 -25.42
N GLN A 1141 31.74 -7.27 -25.60
CA GLN A 1141 31.42 -7.98 -26.84
C GLN A 1141 31.45 -7.03 -28.03
N ARG A 1142 30.67 -5.96 -27.93
CA ARG A 1142 30.58 -4.95 -28.98
C ARG A 1142 29.98 -3.66 -28.44
N ILE A 1143 30.15 -2.58 -29.20
CA ILE A 1143 29.49 -1.31 -28.91
C ILE A 1143 28.74 -0.89 -30.17
N ILE A 1144 27.64 -0.15 -29.99
CA ILE A 1144 26.88 0.35 -31.14
C ILE A 1144 26.71 1.86 -31.03
N MET A 1145 27.55 2.59 -31.75
CA MET A 1145 27.47 4.04 -31.86
C MET A 1145 26.37 4.40 -32.84
N VAL A 1146 25.69 5.52 -32.59
CA VAL A 1146 24.61 5.96 -33.47
C VAL A 1146 24.74 7.45 -33.84
N ASP A 1147 25.38 7.68 -34.98
CA ASP A 1147 25.53 8.99 -35.59
C ASP A 1147 26.30 9.98 -34.71
N SER A 1148 27.43 9.51 -34.19
CA SER A 1148 28.31 10.34 -33.37
C SER A 1148 29.73 9.76 -33.38
N TYR A 1149 30.73 10.64 -33.33
CA TYR A 1149 32.10 10.29 -33.73
C TYR A 1149 33.14 10.52 -32.62
N LYS A 1150 34.41 10.30 -32.97
CA LYS A 1150 35.53 10.42 -32.01
C LYS A 1150 35.91 11.87 -31.71
N LYS A 1151 36.30 12.11 -30.46
CA LYS A 1151 36.82 13.41 -30.03
C LYS A 1151 38.31 13.55 -30.39
N GLN A 1152 38.59 14.17 -31.55
CA GLN A 1152 39.97 14.39 -32.01
C GLN A 1152 40.42 15.84 -31.74
N GLY A 1153 40.11 16.34 -30.54
CA GLY A 1153 40.51 17.70 -30.13
C GLY A 1153 39.46 18.39 -29.27
N VAL A 1154 38.99 19.54 -29.74
CA VAL A 1154 37.96 20.32 -29.06
C VAL A 1154 36.96 20.90 -30.07
N SER A 1155 37.45 21.77 -30.94
CA SER A 1155 36.63 22.41 -31.98
C SER A 1155 37.50 23.01 -33.08
N THR A 1161 27.50 29.69 -28.44
CA THR A 1161 28.06 29.72 -27.10
C THR A 1161 27.51 28.56 -26.26
N VAL A 1162 28.02 28.41 -25.04
CA VAL A 1162 27.75 27.24 -24.19
C VAL A 1162 26.25 27.05 -23.90
N GLU A 1163 25.62 28.06 -23.33
CA GLU A 1163 24.19 27.99 -22.99
C GLU A 1163 23.28 28.20 -24.20
N SER A 1164 23.63 29.14 -25.08
CA SER A 1164 22.77 29.49 -26.22
C SER A 1164 22.60 28.33 -27.20
N ASP A 1165 23.62 27.49 -27.33
CA ASP A 1165 23.55 26.30 -28.18
C ASP A 1165 23.00 25.08 -27.44
N VAL A 1166 23.06 25.11 -26.10
CA VAL A 1166 22.28 24.17 -25.27
C VAL A 1166 20.80 24.54 -25.38
N GLU A 1167 20.51 25.84 -25.45
CA GLU A 1167 19.17 26.36 -25.69
C GLU A 1167 18.76 26.22 -27.16
N ALA A 1168 19.69 26.50 -28.08
CA ALA A 1168 19.40 26.43 -29.51
C ALA A 1168 19.18 24.99 -30.00
N LEU A 1169 19.89 24.04 -29.38
CA LEU A 1169 19.68 22.61 -29.67
C LEU A 1169 18.49 22.04 -28.88
N MET A 1170 18.16 22.63 -27.73
CA MET A 1170 16.88 22.36 -27.08
C MET A 1170 15.73 23.04 -27.84
N ASN A 1171 16.05 24.11 -28.58
CA ASN A 1171 15.07 24.77 -29.45
C ASN A 1171 14.76 23.97 -30.73
N VAL A 1172 15.60 22.99 -31.04
CA VAL A 1172 15.27 21.99 -32.06
C VAL A 1172 14.70 20.71 -31.43
N ASN A 1173 14.50 20.74 -30.11
CA ASN A 1173 13.99 19.59 -29.34
C ASN A 1173 12.86 19.96 -28.33
N ARG A 1174 12.33 21.19 -28.43
CA ARG A 1174 11.40 21.72 -27.41
C ARG A 1174 10.46 20.67 -26.81
N GLU A 1182 8.09 19.11 -15.00
CA GLU A 1182 9.06 19.37 -13.94
C GLU A 1182 9.93 18.15 -13.63
N ALA A 1183 9.31 16.98 -13.46
CA ALA A 1183 10.04 15.75 -13.17
C ALA A 1183 11.10 15.45 -14.22
N VAL A 1184 10.77 15.70 -15.48
CA VAL A 1184 11.69 15.50 -16.61
C VAL A 1184 12.31 16.82 -17.11
N LYS A 1185 11.75 17.94 -16.67
CA LYS A 1185 12.06 19.26 -17.24
C LYS A 1185 12.91 20.15 -16.33
N HIS A 1186 12.79 19.96 -15.01
CA HIS A 1186 13.45 20.81 -14.00
C HIS A 1186 14.97 20.92 -14.19
N GLY A 1187 15.68 19.83 -13.91
CA GLY A 1187 17.14 19.82 -14.04
C GLY A 1187 17.60 19.46 -15.44
N LEU A 1188 16.92 20.00 -16.44
CA LEU A 1188 17.20 19.70 -17.85
C LEU A 1188 18.24 20.64 -18.45
N LYS A 1189 18.24 21.89 -18.01
CA LYS A 1189 19.20 22.89 -18.47
C LYS A 1189 20.61 22.61 -17.92
N GLN A 1190 20.71 22.59 -16.59
CA GLN A 1190 22.02 22.52 -15.92
C GLN A 1190 22.77 21.19 -16.13
N LYS A 1191 22.06 20.16 -16.60
CA LYS A 1191 22.69 18.89 -16.96
C LYS A 1191 23.13 18.88 -18.43
N THR A 1192 22.25 19.34 -19.33
CA THR A 1192 22.56 19.46 -20.76
C THR A 1192 23.66 20.50 -21.03
N HIS A 1193 23.69 21.53 -20.20
CA HIS A 1193 24.74 22.55 -20.24
C HIS A 1193 26.13 21.93 -20.00
N ALA A 1194 26.20 20.96 -19.09
CA ALA A 1194 27.46 20.32 -18.71
C ALA A 1194 27.89 19.19 -19.65
N PHE A 1195 26.94 18.43 -20.18
CA PHE A 1195 27.27 17.29 -21.06
C PHE A 1195 27.62 17.74 -22.47
N TYR A 1196 26.84 18.68 -22.98
CA TYR A 1196 27.18 19.39 -24.21
C TYR A 1196 28.56 20.04 -24.07
N SER A 1197 28.85 20.55 -22.87
CA SER A 1197 30.18 21.11 -22.56
C SER A 1197 31.26 20.03 -22.51
N TYR A 1198 31.01 18.99 -21.72
CA TYR A 1198 31.96 17.87 -21.60
C TYR A 1198 32.39 17.34 -22.95
N TYR A 1199 31.42 17.24 -23.87
CA TYR A 1199 31.69 16.81 -25.24
C TYR A 1199 32.72 17.71 -25.92
N VAL A 1200 32.38 18.99 -26.10
CA VAL A 1200 33.21 19.91 -26.88
C VAL A 1200 34.62 20.06 -26.30
N ASN A 1201 34.75 20.05 -24.97
CA ASN A 1201 36.05 20.04 -24.31
C ASN A 1201 36.41 18.62 -23.84
N GLN A 1207 42.71 2.89 -27.30
CA GLN A 1207 42.00 1.85 -28.04
C GLN A 1207 41.24 0.93 -27.09
N VAL A 1208 40.21 0.28 -27.64
CA VAL A 1208 39.48 -0.78 -26.94
C VAL A 1208 39.39 -2.05 -27.81
N LYS A 1209 39.02 -3.16 -27.17
CA LYS A 1209 38.89 -4.46 -27.83
C LYS A 1209 37.49 -4.69 -28.41
N ALA A 1210 36.49 -4.01 -27.86
CA ALA A 1210 35.11 -4.16 -28.30
C ALA A 1210 34.95 -3.85 -29.79
N ASP A 1211 34.21 -4.71 -30.48
CA ASP A 1211 33.75 -4.40 -31.83
C ASP A 1211 32.88 -3.14 -31.79
N ILE A 1212 33.06 -2.26 -32.77
CA ILE A 1212 32.25 -1.04 -32.86
C ILE A 1212 31.41 -1.05 -34.11
N ASP A 1213 30.13 -0.71 -33.94
CA ASP A 1213 29.20 -0.63 -35.03
C ASP A 1213 28.63 0.77 -35.05
N LEU A 1214 28.79 1.48 -36.17
CA LEU A 1214 28.23 2.81 -36.30
C LEU A 1214 27.00 2.75 -37.20
N LEU A 1215 25.93 3.39 -36.76
CA LEU A 1215 24.78 3.61 -37.60
C LEU A 1215 24.76 5.10 -37.87
N THR A 1216 24.93 5.48 -39.14
CA THR A 1216 25.07 6.89 -39.47
C THR A 1216 23.73 7.51 -39.87
N SER A 1217 23.76 8.82 -40.05
CA SER A 1217 22.62 9.58 -40.56
C SER A 1217 22.30 9.20 -41.99
N GLY A 1218 21.06 9.44 -42.40
CA GLY A 1218 20.64 9.32 -43.78
C GLY A 1218 21.05 10.55 -44.57
N ALA A 1219 21.36 11.64 -43.87
CA ALA A 1219 21.81 12.87 -44.51
C ALA A 1219 23.32 12.84 -44.69
N ASP A 1220 23.78 13.46 -45.77
CA ASP A 1220 25.22 13.61 -46.02
C ASP A 1220 25.88 14.41 -44.89
N PHE A 1221 27.20 14.37 -44.82
CA PHE A 1221 27.94 14.94 -43.69
C PHE A 1221 29.41 15.16 -44.06
N ASP A 1222 29.95 16.32 -43.69
CA ASP A 1222 31.36 16.66 -43.92
C ASP A 1222 32.06 16.68 -42.56
N ILE A 1223 33.14 15.91 -42.42
CA ILE A 1223 33.78 15.68 -41.11
C ILE A 1223 34.68 16.86 -40.68
N PRO A 1224 34.50 17.34 -39.43
CA PRO A 1224 35.50 18.24 -38.84
C PRO A 1224 36.84 17.52 -38.62
N GLU A 1225 37.93 18.28 -38.50
CA GLU A 1225 39.23 17.70 -38.13
C GLU A 1225 39.20 17.20 -36.68
N TRP A 1226 38.46 17.91 -35.83
CA TRP A 1226 38.32 17.53 -34.41
C TRP A 1226 37.34 16.38 -34.20
N LEU A 1227 36.66 15.96 -35.27
CA LEU A 1227 35.87 14.73 -35.26
C LEU A 1227 36.49 13.71 -36.22
N ALA A 1228 36.15 12.43 -36.05
CA ALA A 1228 36.70 11.37 -36.90
C ALA A 1228 36.06 10.01 -36.61
N SER A 1229 36.24 9.08 -37.55
CA SER A 1229 35.73 7.71 -37.41
C SER A 1229 36.42 6.95 -36.28
N TRP A 1230 35.75 5.88 -35.84
CA TRP A 1230 36.25 5.07 -34.73
C TRP A 1230 37.22 3.97 -35.21
N GLU A 1231 37.46 3.93 -36.53
CA GLU A 1231 38.33 2.93 -37.14
C GLU A 1231 39.56 2.67 -36.29
N GLU A 1232 40.21 3.76 -35.90
CA GLU A 1232 41.44 3.68 -35.13
C GLU A 1232 41.15 3.29 -33.67
N ALA A 1233 40.05 3.83 -33.12
CA ALA A 1233 39.72 3.64 -31.71
C ALA A 1233 39.40 2.20 -31.28
N THR A 1234 39.52 1.23 -32.18
CA THR A 1234 39.35 -0.17 -31.82
C THR A 1234 40.36 -1.09 -32.51
N THR A 1235 40.61 -2.23 -31.88
CA THR A 1235 41.46 -3.27 -32.43
C THR A 1235 40.64 -4.24 -33.28
N GLY A 1236 39.38 -4.47 -32.88
CA GLY A 1236 38.50 -5.47 -33.51
C GLY A 1236 37.71 -4.97 -34.70
N VAL A 1237 36.58 -5.63 -34.96
CA VAL A 1237 35.75 -5.37 -36.13
C VAL A 1237 34.99 -4.05 -36.04
N TYR A 1238 35.38 -3.09 -36.86
CA TYR A 1238 34.70 -1.81 -36.97
C TYR A 1238 33.78 -1.81 -38.17
N ARG A 1239 32.74 -2.62 -38.10
CA ARG A 1239 31.71 -2.68 -39.14
C ARG A 1239 30.80 -1.47 -39.06
N MET A 1240 30.20 -1.06 -40.19
CA MET A 1240 29.16 0.00 -40.16
C MET A 1240 28.23 0.13 -41.37
N LYS A 1241 27.04 0.68 -41.08
CA LYS A 1241 25.90 0.73 -41.99
C LYS A 1241 25.28 2.14 -41.97
N ARG A 1242 24.45 2.44 -42.98
CA ARG A 1242 23.78 3.74 -43.07
C ARG A 1242 22.30 3.63 -42.73
N GLY A 1243 21.83 4.54 -41.87
CA GLY A 1243 20.44 4.57 -41.44
C GLY A 1243 19.60 5.58 -42.20
N PHE A 1244 18.33 5.66 -41.81
CA PHE A 1244 17.36 6.62 -42.37
C PHE A 1244 17.12 7.78 -41.39
N GLY A 1245 16.98 9.00 -41.93
CA GLY A 1245 16.71 10.18 -41.11
C GLY A 1245 17.94 10.99 -40.75
N THR A 1246 17.78 12.31 -40.63
CA THR A 1246 18.85 13.20 -40.18
C THR A 1246 19.11 13.04 -38.69
N HIS A 1247 20.28 13.52 -38.24
CA HIS A 1247 20.77 13.29 -36.88
C HIS A 1247 19.67 13.37 -35.81
N ALA A 1248 18.76 14.33 -35.97
CA ALA A 1248 17.65 14.51 -35.02
C ALA A 1248 16.63 13.38 -35.12
N GLU A 1249 16.02 13.24 -36.29
CA GLU A 1249 14.87 12.34 -36.49
C GLU A 1249 15.20 10.85 -36.54
N MET A 1250 16.45 10.48 -36.29
CA MET A 1250 16.86 9.07 -36.35
C MET A 1250 16.13 8.22 -35.33
N LEU A 1251 16.02 8.70 -34.09
CA LEU A 1251 15.39 7.93 -33.02
C LEU A 1251 14.02 8.49 -32.63
N GLN A 1252 13.19 8.76 -33.64
CA GLN A 1252 11.80 9.17 -33.44
C GLN A 1252 10.99 8.95 -34.73
N GLY A 1253 9.76 8.43 -34.57
CA GLY A 1253 8.83 8.25 -35.69
C GLY A 1253 9.07 7.01 -36.54
N GLU A 1254 8.67 7.10 -37.81
CA GLU A 1254 8.83 5.98 -38.75
C GLU A 1254 10.28 5.81 -39.20
N THR A 1255 11.09 6.85 -39.03
CA THR A 1255 12.53 6.77 -39.35
C THR A 1255 13.27 5.90 -38.33
N LEU A 1256 12.95 6.08 -37.05
CA LEU A 1256 13.43 5.17 -35.97
C LEU A 1256 13.19 3.70 -36.29
N ASP A 1257 11.99 3.40 -36.81
CA ASP A 1257 11.58 2.02 -37.05
C ASP A 1257 12.30 1.33 -38.21
N ARG A 1258 12.97 2.12 -39.04
CA ARG A 1258 13.84 1.57 -40.09
C ARG A 1258 15.26 1.40 -39.53
N ASN A 1259 15.67 2.34 -38.67
CA ASN A 1259 16.95 2.23 -37.96
C ASN A 1259 16.98 1.09 -36.95
N ALA A 1260 15.81 0.62 -36.52
CA ALA A 1260 15.70 -0.48 -35.58
C ALA A 1260 16.15 -1.82 -36.20
N GLU A 1261 15.51 -2.20 -37.30
CA GLU A 1261 15.84 -3.44 -38.01
C GLU A 1261 17.33 -3.65 -38.18
N ILE A 1262 18.03 -2.55 -38.50
CA ILE A 1262 19.48 -2.57 -38.69
C ILE A 1262 20.22 -2.79 -37.36
N LEU A 1263 19.73 -2.18 -36.28
CA LEU A 1263 20.32 -2.38 -34.96
C LEU A 1263 20.26 -3.85 -34.56
N LEU A 1264 19.29 -4.58 -35.10
CA LEU A 1264 19.31 -6.03 -35.00
C LEU A 1264 20.54 -6.52 -35.75
N GLU A 1265 20.60 -6.32 -37.06
CA GLU A 1265 21.72 -6.80 -37.88
C GLU A 1265 23.06 -6.83 -37.12
N PHE A 1266 23.34 -5.77 -36.36
CA PHE A 1266 24.53 -5.69 -35.50
C PHE A 1266 24.43 -6.65 -34.33
N LEU A 1267 23.40 -6.45 -33.49
CA LEU A 1267 23.15 -7.31 -32.33
C LEU A 1267 22.76 -8.72 -32.76
N ASN A 1268 21.82 -8.76 -33.72
CA ASN A 1268 21.51 -9.98 -34.44
C ASN A 1268 22.79 -10.72 -34.78
N THR A 1269 23.59 -10.17 -35.70
CA THR A 1269 24.72 -10.88 -36.34
C THR A 1269 24.25 -12.28 -36.78
N GLN A 1270 23.95 -13.12 -35.79
CA GLN A 1270 23.14 -14.33 -35.93
C GLN A 1270 23.99 -15.56 -36.27
N THR A 1271 24.80 -15.45 -37.32
CA THR A 1271 25.70 -16.52 -37.71
C THR A 1271 26.52 -16.98 -36.51
N VAL A 1272 27.29 -16.06 -35.92
CA VAL A 1272 28.02 -16.28 -34.67
C VAL A 1272 28.41 -17.76 -34.46
N THR A 1273 29.40 -18.21 -35.23
CA THR A 1273 29.76 -19.63 -35.28
C THR A 1273 30.33 -20.16 -33.96
N VAL A 1274 29.59 -21.06 -33.32
CA VAL A 1274 29.97 -21.66 -32.04
C VAL A 1274 30.65 -23.01 -32.28
N SER A 1275 31.52 -23.40 -31.36
CA SER A 1275 32.13 -24.74 -31.41
C SER A 1275 31.18 -25.78 -30.81
N LYS A 1276 31.47 -27.05 -31.07
CA LYS A 1276 30.70 -28.18 -30.54
C LYS A 1276 30.91 -28.33 -29.04
N GLY A 1277 32.18 -28.25 -28.62
CA GLY A 1277 32.54 -28.21 -27.21
C GLY A 1277 31.94 -27.00 -26.52
N GLU A 1278 32.00 -25.87 -27.21
CA GLU A 1278 31.43 -24.63 -26.71
C GLU A 1278 29.90 -24.70 -26.65
N PHE A 1279 29.28 -25.33 -27.64
CA PHE A 1279 27.81 -25.44 -27.68
C PHE A 1279 27.29 -26.41 -26.62
N GLU A 1280 27.79 -27.64 -26.63
CA GLU A 1280 27.37 -28.64 -25.64
C GLU A 1280 27.51 -28.11 -24.21
N ALA A 1281 28.72 -27.63 -23.88
CA ALA A 1281 29.00 -27.10 -22.55
C ALA A 1281 27.95 -26.06 -22.13
N TYR A 1282 27.66 -25.11 -23.02
CA TYR A 1282 26.64 -24.10 -22.78
C TYR A 1282 25.31 -24.75 -22.37
N VAL A 1283 24.92 -25.79 -23.08
CA VAL A 1283 23.65 -26.48 -22.83
C VAL A 1283 23.64 -27.12 -21.45
N GLU A 1284 24.64 -27.93 -21.15
CA GLU A 1284 24.73 -28.56 -19.84
C GLU A 1284 24.85 -27.53 -18.73
N GLN A 1285 25.48 -26.39 -19.04
CA GLN A 1285 25.59 -25.28 -18.10
C GLN A 1285 24.21 -24.73 -17.78
N LYS A 1286 23.45 -24.39 -18.81
CA LYS A 1286 22.13 -23.82 -18.56
C LYS A 1286 21.23 -24.81 -17.81
N LEU A 1287 21.45 -26.11 -18.03
CA LEU A 1287 20.65 -27.14 -17.37
C LEU A 1287 20.97 -27.22 -15.88
N ILE A 1288 22.25 -27.34 -15.52
CA ILE A 1288 22.63 -27.47 -14.11
C ILE A 1288 22.05 -26.33 -13.28
N SER A 1289 21.88 -25.17 -13.92
CA SER A 1289 21.14 -24.06 -13.36
C SER A 1289 19.69 -24.49 -13.05
N GLU A 1290 19.49 -24.99 -11.83
CA GLU A 1290 18.22 -25.55 -11.38
C GLU A 1290 18.50 -26.45 -10.18
N LEU B . -5.79 -28.15 13.00
CA LEU B . -5.30 -27.45 11.76
C LEU B . -3.76 -27.22 11.84
O LEU B . -3.19 -26.40 11.12
CB LEU B . -6.06 -26.14 11.58
CG LEU B . -6.46 -25.58 10.20
CD1 LEU B . -6.51 -26.65 9.15
CD2 LEU B . -5.57 -24.45 9.73
OXT LEU B . -3.00 -27.86 12.60
S SO4 C . 4.87 -43.05 -6.61
O1 SO4 C . 4.71 -42.46 -7.93
O2 SO4 C . 6.23 -42.79 -6.13
O3 SO4 C . 4.65 -44.49 -6.70
O4 SO4 C . 3.91 -42.45 -5.69
#